data_1PMC
#
_entry.id   1PMC
#
_cell.length_a   1.000
_cell.length_b   1.000
_cell.length_c   1.000
_cell.angle_alpha   90.00
_cell.angle_beta   90.00
_cell.angle_gamma   90.00
#
_symmetry.space_group_name_H-M   'P 1'
#
_entity_poly.entity_id   1
_entity_poly.type   'polypeptide(L)'
_entity_poly.pdbx_seq_one_letter_code
;EISCEPGKTFKDKCNTCRCGADGKSAACTLKACPNQ
;
_entity_poly.pdbx_strand_id   A
#
# COMPACT_ATOMS: atom_id res chain seq x y z
N GLU A 1 6.16 -10.23 -4.81
CA GLU A 1 5.10 -10.51 -3.80
C GLU A 1 4.02 -9.43 -3.85
N ILE A 2 3.20 -9.35 -2.84
CA ILE A 2 2.12 -8.32 -2.83
C ILE A 2 1.30 -8.39 -4.11
N SER A 3 0.22 -7.67 -4.14
CA SER A 3 -0.62 -7.63 -5.35
C SER A 3 -1.79 -6.65 -5.15
N CYS A 4 -2.24 -6.03 -6.18
CA CYS A 4 -3.37 -5.06 -6.05
C CYS A 4 -3.64 -4.39 -7.38
N GLU A 5 -4.57 -3.47 -7.40
CA GLU A 5 -4.88 -2.75 -8.66
C GLU A 5 -3.72 -1.81 -8.99
N PRO A 6 -2.99 -2.15 -10.02
CA PRO A 6 -1.83 -1.32 -10.43
C PRO A 6 -2.27 0.09 -10.82
N GLY A 7 -1.63 1.08 -10.27
CA GLY A 7 -2.01 2.48 -10.60
C GLY A 7 -2.98 2.99 -9.52
N LYS A 8 -3.40 2.14 -8.63
CA LYS A 8 -4.33 2.58 -7.56
C LYS A 8 -3.60 2.70 -6.22
N THR A 9 -4.27 3.22 -5.24
CA THR A 9 -3.63 3.37 -3.90
C THR A 9 -4.52 2.79 -2.82
N PHE A 10 -3.95 2.48 -1.68
CA PHE A 10 -4.77 1.92 -0.58
C PHE A 10 -4.04 2.10 0.75
N LYS A 11 -4.45 1.38 1.75
CA LYS A 11 -3.79 1.52 3.08
C LYS A 11 -2.79 0.37 3.29
N ASP A 12 -3.22 -0.85 3.12
CA ASP A 12 -2.30 -2.00 3.30
C ASP A 12 -1.72 -1.98 4.73
N LYS A 13 -0.47 -1.62 4.88
CA LYS A 13 0.13 -1.60 6.25
C LYS A 13 -0.69 -0.68 7.17
N CYS A 14 -0.11 -0.21 8.23
CA CYS A 14 -0.87 0.68 9.15
C CYS A 14 -0.79 2.13 8.66
N ASN A 15 -0.02 2.39 7.63
CA ASN A 15 0.09 3.78 7.13
C ASN A 15 -0.63 3.90 5.80
N THR A 16 0.05 4.26 4.74
CA THR A 16 -0.68 4.39 3.45
C THR A 16 0.18 3.94 2.27
N CYS A 17 -0.31 3.03 1.48
CA CYS A 17 0.49 2.57 0.32
C CYS A 17 -0.11 3.05 -1.00
N ARG A 18 0.55 2.73 -2.08
CA ARG A 18 0.07 3.13 -3.42
C ARG A 18 0.37 2.01 -4.42
N CYS A 19 -0.55 1.11 -4.64
CA CYS A 19 -0.28 0.00 -5.60
C CYS A 19 0.49 0.52 -6.81
N GLY A 20 1.66 -0.01 -7.06
CA GLY A 20 2.49 0.46 -8.20
C GLY A 20 1.87 0.05 -9.53
N ALA A 21 2.42 0.53 -10.62
CA ALA A 21 1.90 0.17 -11.97
C ALA A 21 1.77 -1.35 -12.09
N ASP A 22 2.48 -2.08 -11.28
CA ASP A 22 2.40 -3.57 -11.34
C ASP A 22 1.43 -4.07 -10.28
N GLY A 23 0.75 -5.15 -10.54
CA GLY A 23 -0.20 -5.68 -9.53
C GLY A 23 0.54 -6.57 -8.54
N LYS A 24 1.63 -6.08 -7.99
CA LYS A 24 2.40 -6.90 -7.01
C LYS A 24 3.21 -6.00 -6.10
N SER A 25 2.89 -4.74 -6.03
CA SER A 25 3.65 -3.85 -5.12
C SER A 25 2.88 -2.55 -4.90
N ALA A 26 3.46 -1.63 -4.18
CA ALA A 26 2.77 -0.34 -3.92
C ALA A 26 3.67 0.58 -3.10
N ALA A 27 4.07 1.71 -3.63
CA ALA A 27 4.93 2.62 -2.81
C ALA A 27 4.12 3.06 -1.60
N CYS A 28 4.69 3.03 -0.45
CA CYS A 28 3.90 3.40 0.74
C CYS A 28 4.49 4.57 1.52
N THR A 29 3.89 4.86 2.63
CA THR A 29 4.36 5.96 3.50
C THR A 29 4.21 5.53 4.94
N LEU A 30 4.90 6.16 5.84
CA LEU A 30 4.81 5.75 7.26
C LEU A 30 4.28 6.86 8.16
N LYS A 31 3.82 6.48 9.31
CA LYS A 31 3.28 7.42 10.33
C LYS A 31 2.56 6.59 11.39
N ALA A 32 2.02 7.22 12.40
CA ALA A 32 1.31 6.44 13.45
C ALA A 32 0.43 5.36 12.82
N CYS A 33 0.23 4.28 13.52
CA CYS A 33 -0.62 3.17 12.99
C CYS A 33 -2.01 3.22 13.64
N PRO A 34 -2.92 3.84 12.96
CA PRO A 34 -4.31 3.97 13.48
C PRO A 34 -4.96 2.59 13.66
N ASN A 35 -5.60 2.38 14.78
CA ASN A 35 -6.27 1.06 15.02
C ASN A 35 -7.63 1.27 15.68
N GLN A 36 -7.64 1.88 16.84
CA GLN A 36 -8.93 2.13 17.55
C GLN A 36 -9.89 0.95 17.37
N GLU A 1 5.17 -11.25 -3.76
CA GLU A 1 4.39 -11.55 -2.53
C GLU A 1 3.34 -10.46 -2.30
N ILE A 2 3.53 -9.31 -2.89
CA ILE A 2 2.54 -8.21 -2.72
C ILE A 2 1.56 -8.18 -3.88
N SER A 3 0.55 -7.37 -3.77
CA SER A 3 -0.43 -7.24 -4.87
C SER A 3 -1.47 -6.18 -4.51
N CYS A 4 -2.12 -5.62 -5.49
CA CYS A 4 -3.15 -4.57 -5.21
C CYS A 4 -3.59 -3.90 -6.50
N GLU A 5 -4.60 -3.08 -6.44
CA GLU A 5 -5.07 -2.38 -7.66
C GLU A 5 -3.89 -1.67 -8.33
N PRO A 6 -3.42 -2.25 -9.41
CA PRO A 6 -2.27 -1.69 -10.15
C PRO A 6 -2.60 -0.31 -10.73
N GLY A 7 -1.85 0.69 -10.33
CA GLY A 7 -2.10 2.06 -10.88
C GLY A 7 -2.84 2.92 -9.85
N LYS A 8 -3.52 2.32 -8.93
CA LYS A 8 -4.27 3.14 -7.92
C LYS A 8 -3.55 3.12 -6.56
N THR A 9 -4.09 3.85 -5.62
CA THR A 9 -3.47 3.89 -4.27
C THR A 9 -4.30 3.03 -3.31
N PHE A 10 -3.74 2.67 -2.19
CA PHE A 10 -4.51 1.85 -1.23
C PHE A 10 -3.90 1.97 0.17
N LYS A 11 -4.33 1.13 1.07
CA LYS A 11 -3.80 1.21 2.46
C LYS A 11 -2.63 0.25 2.65
N ASP A 12 -2.90 -0.98 2.96
CA ASP A 12 -1.80 -1.95 3.17
C ASP A 12 -0.93 -1.52 4.36
N LYS A 13 -0.40 -2.44 5.10
CA LYS A 13 0.44 -2.06 6.28
C LYS A 13 -0.41 -1.25 7.27
N CYS A 14 0.18 -0.31 7.96
CA CYS A 14 -0.62 0.50 8.94
C CYS A 14 -0.62 1.97 8.52
N ASN A 15 -0.14 2.28 7.35
CA ASN A 15 -0.12 3.71 6.92
C ASN A 15 -0.82 3.84 5.57
N THR A 16 -0.15 4.31 4.55
CA THR A 16 -0.87 4.42 3.24
C THR A 16 0.07 4.11 2.08
N CYS A 17 -0.34 3.23 1.21
CA CYS A 17 0.53 2.87 0.05
C CYS A 17 -0.03 3.39 -1.27
N ARG A 18 0.69 3.12 -2.32
CA ARG A 18 0.27 3.53 -3.70
C ARG A 18 0.64 2.38 -4.63
N CYS A 19 -0.30 1.51 -4.91
CA CYS A 19 0.02 0.33 -5.76
C CYS A 19 0.53 0.78 -7.13
N GLY A 20 1.61 0.19 -7.58
CA GLY A 20 2.20 0.62 -8.89
C GLY A 20 1.41 0.04 -10.07
N ALA A 21 1.77 0.44 -11.27
CA ALA A 21 1.07 -0.07 -12.48
C ALA A 21 0.95 -1.60 -12.42
N ASP A 22 1.80 -2.22 -11.66
CA ASP A 22 1.73 -3.71 -11.54
C ASP A 22 1.04 -4.08 -10.23
N GLY A 23 0.25 -5.11 -10.24
CA GLY A 23 -0.46 -5.51 -8.98
C GLY A 23 0.46 -6.39 -8.12
N LYS A 24 1.63 -5.91 -7.80
CA LYS A 24 2.56 -6.74 -6.96
C LYS A 24 3.47 -5.86 -6.11
N SER A 25 3.30 -4.57 -6.13
CA SER A 25 4.18 -3.72 -5.29
C SER A 25 3.59 -2.32 -5.17
N ALA A 26 4.18 -1.48 -4.38
CA ALA A 26 3.63 -0.11 -4.23
C ALA A 26 4.51 0.75 -3.32
N ALA A 27 4.57 2.03 -3.57
CA ALA A 27 5.37 2.90 -2.66
C ALA A 27 4.44 3.30 -1.53
N CYS A 28 4.91 3.35 -0.32
CA CYS A 28 3.98 3.69 0.77
C CYS A 28 4.45 4.87 1.61
N THR A 29 3.73 5.12 2.67
CA THR A 29 4.08 6.22 3.59
C THR A 29 3.91 5.71 5.01
N LEU A 30 4.52 6.36 5.95
CA LEU A 30 4.44 5.89 7.36
C LEU A 30 3.66 6.85 8.25
N LYS A 31 3.30 6.38 9.40
CA LYS A 31 2.53 7.18 10.39
C LYS A 31 2.04 6.23 11.48
N ALA A 32 1.41 6.73 12.51
CA ALA A 32 0.92 5.82 13.58
C ALA A 32 0.18 4.63 12.96
N CYS A 33 0.22 3.49 13.59
CA CYS A 33 -0.50 2.30 13.04
C CYS A 33 -1.74 2.01 13.88
N PRO A 34 -2.82 2.58 13.47
CA PRO A 34 -4.11 2.41 14.20
C PRO A 34 -4.56 0.94 14.17
N ASN A 35 -5.41 0.57 15.09
CA ASN A 35 -5.89 -0.85 15.13
C ASN A 35 -6.20 -1.34 13.72
N GLN A 36 -5.82 -2.54 13.40
CA GLN A 36 -6.10 -3.08 12.04
C GLN A 36 -7.61 -3.27 11.84
N GLU A 1 5.14 -11.17 -0.53
CA GLU A 1 4.91 -10.58 -1.88
C GLU A 1 3.68 -9.68 -1.87
N ILE A 2 3.57 -8.79 -2.82
CA ILE A 2 2.39 -7.87 -2.86
C ILE A 2 1.56 -8.13 -4.12
N SER A 3 0.41 -7.53 -4.17
CA SER A 3 -0.45 -7.67 -5.37
C SER A 3 -1.70 -6.81 -5.20
N CYS A 4 -2.17 -6.19 -6.25
CA CYS A 4 -3.39 -5.34 -6.13
C CYS A 4 -3.66 -4.63 -7.46
N GLU A 5 -4.70 -3.86 -7.50
CA GLU A 5 -5.03 -3.11 -8.73
C GLU A 5 -3.92 -2.11 -9.05
N PRO A 6 -3.16 -2.42 -10.06
CA PRO A 6 -2.03 -1.55 -10.47
C PRO A 6 -2.51 -0.17 -10.91
N GLY A 7 -1.86 0.86 -10.46
CA GLY A 7 -2.26 2.23 -10.86
C GLY A 7 -3.18 2.84 -9.81
N LYS A 8 -3.58 2.06 -8.84
CA LYS A 8 -4.47 2.61 -7.78
C LYS A 8 -3.70 2.84 -6.49
N THR A 9 -4.31 3.50 -5.55
CA THR A 9 -3.63 3.75 -4.26
C THR A 9 -4.48 3.22 -3.11
N PHE A 10 -3.88 3.02 -1.98
CA PHE A 10 -4.65 2.48 -0.82
C PHE A 10 -3.86 2.68 0.48
N LYS A 11 -4.23 1.97 1.49
CA LYS A 11 -3.52 2.10 2.79
C LYS A 11 -2.59 0.90 2.98
N ASP A 12 -3.15 -0.28 3.01
CA ASP A 12 -2.30 -1.50 3.21
C ASP A 12 -1.39 -1.29 4.43
N LYS A 13 -0.61 -2.28 4.79
CA LYS A 13 0.29 -2.12 5.97
C LYS A 13 -0.44 -1.37 7.09
N CYS A 14 0.22 -0.47 7.75
CA CYS A 14 -0.45 0.29 8.85
C CYS A 14 -0.41 1.79 8.55
N ASN A 15 0.06 2.18 7.39
CA ASN A 15 0.11 3.63 7.07
C ASN A 15 -0.60 3.91 5.74
N THR A 16 0.10 4.33 4.72
CA THR A 16 -0.61 4.60 3.43
C THR A 16 0.22 4.17 2.23
N CYS A 17 -0.30 3.29 1.42
CA CYS A 17 0.48 2.84 0.23
C CYS A 17 -0.12 3.34 -1.08
N ARG A 18 0.53 3.03 -2.15
CA ARG A 18 0.05 3.44 -3.50
C ARG A 18 0.33 2.30 -4.47
N CYS A 19 -0.64 1.48 -4.74
CA CYS A 19 -0.42 0.33 -5.66
C CYS A 19 0.30 0.83 -6.92
N GLY A 20 1.38 0.19 -7.30
CA GLY A 20 2.14 0.65 -8.49
C GLY A 20 1.52 0.15 -9.80
N ALA A 21 2.01 0.62 -10.91
CA ALA A 21 1.49 0.19 -12.23
C ALA A 21 1.51 -1.34 -12.32
N ASP A 22 2.30 -1.97 -11.51
CA ASP A 22 2.37 -3.45 -11.53
C ASP A 22 1.44 -4.02 -10.47
N GLY A 23 0.82 -5.13 -10.72
CA GLY A 23 -0.10 -5.73 -9.71
C GLY A 23 0.70 -6.57 -8.72
N LYS A 24 1.67 -5.99 -8.07
CA LYS A 24 2.48 -6.77 -7.10
C LYS A 24 3.31 -5.84 -6.21
N SER A 25 2.95 -4.60 -6.09
CA SER A 25 3.74 -3.72 -5.21
C SER A 25 3.04 -2.38 -5.04
N ALA A 26 3.61 -1.49 -4.28
CA ALA A 26 2.98 -0.16 -4.08
C ALA A 26 3.87 0.72 -3.22
N ALA A 27 4.14 1.94 -3.62
CA ALA A 27 4.99 2.81 -2.76
C ALA A 27 4.17 3.22 -1.55
N CYS A 28 4.73 3.16 -0.39
CA CYS A 28 3.93 3.50 0.80
C CYS A 28 4.59 4.58 1.67
N THR A 29 3.97 4.88 2.76
CA THR A 29 4.51 5.90 3.68
C THR A 29 4.24 5.45 5.10
N LEU A 30 4.87 6.08 6.05
CA LEU A 30 4.71 5.67 7.46
C LEU A 30 3.91 6.70 8.27
N LYS A 31 3.54 6.33 9.46
CA LYS A 31 2.76 7.22 10.36
C LYS A 31 2.13 6.35 11.45
N ALA A 32 1.30 6.90 12.28
CA ALA A 32 0.66 6.08 13.34
C ALA A 32 0.20 4.74 12.78
N CYS A 33 0.16 3.72 13.59
CA CYS A 33 -0.28 2.38 13.10
C CYS A 33 -1.04 1.64 14.20
N PRO A 34 -2.20 1.14 13.85
CA PRO A 34 -3.04 0.40 14.83
C PRO A 34 -2.32 -0.86 15.31
N ASN A 35 -2.97 -1.65 16.12
CA ASN A 35 -2.31 -2.90 16.62
C ASN A 35 -1.01 -2.55 17.36
N GLN A 36 -1.11 -2.06 18.56
CA GLN A 36 0.13 -1.70 19.32
C GLN A 36 -0.03 -2.10 20.79
N GLU A 1 5.13 -11.06 -3.36
CA GLU A 1 4.45 -11.10 -2.04
C GLU A 1 3.31 -10.08 -2.01
N ILE A 2 3.42 -9.02 -2.75
CA ILE A 2 2.34 -8.00 -2.77
C ILE A 2 1.48 -8.14 -4.02
N SER A 3 0.39 -7.43 -4.05
CA SER A 3 -0.49 -7.46 -5.24
C SER A 3 -1.67 -6.51 -5.03
N CYS A 4 -2.15 -5.90 -6.09
CA CYS A 4 -3.30 -4.96 -5.93
C CYS A 4 -3.62 -4.29 -7.27
N GLU A 5 -4.65 -3.48 -7.29
CA GLU A 5 -5.02 -2.80 -8.55
C GLU A 5 -3.87 -1.89 -8.99
N PRO A 6 -3.20 -2.28 -10.03
CA PRO A 6 -2.05 -1.50 -10.55
C PRO A 6 -2.50 -0.11 -11.02
N GLY A 7 -1.89 0.92 -10.50
CA GLY A 7 -2.26 2.29 -10.91
C GLY A 7 -3.16 2.91 -9.84
N LYS A 8 -3.62 2.11 -8.91
CA LYS A 8 -4.50 2.66 -7.84
C LYS A 8 -3.74 2.79 -6.53
N THR A 9 -4.37 3.39 -5.55
CA THR A 9 -3.69 3.57 -4.24
C THR A 9 -4.51 2.89 -3.14
N PHE A 10 -3.90 2.65 -2.02
CA PHE A 10 -4.63 2.01 -0.89
C PHE A 10 -3.89 2.23 0.41
N LYS A 11 -4.22 1.46 1.42
CA LYS A 11 -3.55 1.62 2.73
C LYS A 11 -2.49 0.55 2.93
N ASP A 12 -2.91 -0.68 3.02
CA ASP A 12 -1.92 -1.78 3.25
C ASP A 12 -1.07 -1.45 4.47
N LYS A 13 -0.31 -2.39 4.98
CA LYS A 13 0.51 -2.09 6.19
C LYS A 13 -0.33 -1.33 7.21
N CYS A 14 0.23 -0.34 7.87
CA CYS A 14 -0.56 0.43 8.86
C CYS A 14 -0.55 1.92 8.51
N ASN A 15 -0.09 2.27 7.34
CA ASN A 15 -0.06 3.71 6.97
C ASN A 15 -0.74 3.91 5.62
N THR A 16 -0.03 4.36 4.62
CA THR A 16 -0.73 4.56 3.30
C THR A 16 0.17 4.18 2.13
N CYS A 17 -0.29 3.29 1.31
CA CYS A 17 0.53 2.85 0.14
C CYS A 17 -0.12 3.27 -1.18
N ARG A 18 0.55 2.99 -2.26
CA ARG A 18 0.01 3.32 -3.61
C ARG A 18 0.38 2.19 -4.56
N CYS A 19 -0.53 1.29 -4.85
CA CYS A 19 -0.20 0.16 -5.75
C CYS A 19 0.46 0.69 -7.03
N GLY A 20 1.60 0.15 -7.38
CA GLY A 20 2.33 0.64 -8.59
C GLY A 20 1.66 0.14 -9.87
N ALA A 21 2.18 0.56 -11.00
CA ALA A 21 1.59 0.12 -12.30
C ALA A 21 1.48 -1.41 -12.33
N ASP A 22 2.23 -2.08 -11.51
CA ASP A 22 2.18 -3.56 -11.50
C ASP A 22 1.29 -4.02 -10.33
N GLY A 23 0.58 -5.10 -10.49
CA GLY A 23 -0.30 -5.59 -9.40
C GLY A 23 0.52 -6.47 -8.45
N LYS A 24 1.62 -5.96 -7.95
CA LYS A 24 2.46 -6.77 -7.02
C LYS A 24 3.35 -5.88 -6.15
N SER A 25 3.07 -4.62 -6.09
CA SER A 25 3.92 -3.76 -5.24
C SER A 25 3.26 -2.39 -5.06
N ALA A 26 3.87 -1.51 -4.32
CA ALA A 26 3.26 -0.16 -4.12
C ALA A 26 4.16 0.72 -3.26
N ALA A 27 4.27 1.98 -3.56
CA ALA A 27 5.11 2.86 -2.70
C ALA A 27 4.27 3.26 -1.50
N CYS A 28 4.83 3.31 -0.35
CA CYS A 28 3.99 3.65 0.84
C CYS A 28 4.61 4.74 1.70
N THR A 29 3.93 5.06 2.76
CA THR A 29 4.42 6.09 3.69
C THR A 29 4.11 5.60 5.11
N LEU A 30 4.73 6.19 6.09
CA LEU A 30 4.52 5.73 7.48
C LEU A 30 3.80 6.77 8.32
N LYS A 31 3.41 6.37 9.50
CA LYS A 31 2.68 7.27 10.43
C LYS A 31 2.11 6.42 11.56
N ALA A 32 1.42 7.00 12.49
CA ALA A 32 0.86 6.18 13.61
C ALA A 32 0.19 4.92 13.04
N CYS A 33 0.17 3.86 13.79
CA CYS A 33 -0.46 2.61 13.30
C CYS A 33 -1.31 1.97 14.40
N PRO A 34 -2.46 1.48 14.01
CA PRO A 34 -3.39 0.84 14.97
C PRO A 34 -2.76 -0.41 15.59
N ASN A 35 -2.95 -0.63 16.85
CA ASN A 35 -2.36 -1.83 17.51
C ASN A 35 -2.79 -3.09 16.77
N GLN A 36 -2.28 -4.23 17.16
CA GLN A 36 -2.65 -5.50 16.47
C GLN A 36 -1.85 -6.67 17.05
N GLU A 1 4.85 -11.94 -1.49
CA GLU A 1 4.88 -10.91 -2.57
C GLU A 1 3.72 -9.92 -2.39
N ILE A 2 3.50 -9.08 -3.35
CA ILE A 2 2.38 -8.08 -3.25
C ILE A 2 1.47 -8.17 -4.47
N SER A 3 0.37 -7.50 -4.41
CA SER A 3 -0.57 -7.46 -5.55
C SER A 3 -1.74 -6.53 -5.22
N CYS A 4 -2.30 -5.88 -6.20
CA CYS A 4 -3.44 -4.96 -5.91
C CYS A 4 -3.82 -4.16 -7.14
N GLU A 5 -4.89 -3.40 -7.06
CA GLU A 5 -5.29 -2.58 -8.23
C GLU A 5 -4.07 -1.83 -8.75
N PRO A 6 -3.54 -2.31 -9.83
CA PRO A 6 -2.33 -1.70 -10.44
C PRO A 6 -2.61 -0.26 -10.89
N GLY A 7 -1.91 0.69 -10.32
CA GLY A 7 -2.12 2.11 -10.71
C GLY A 7 -2.95 2.82 -9.64
N LYS A 8 -3.50 2.10 -8.70
CA LYS A 8 -4.31 2.76 -7.65
C LYS A 8 -3.56 2.83 -6.33
N THR A 9 -4.18 3.39 -5.32
CA THR A 9 -3.51 3.50 -4.00
C THR A 9 -4.37 2.87 -2.90
N PHE A 10 -3.78 2.61 -1.78
CA PHE A 10 -4.54 2.00 -0.65
C PHE A 10 -3.78 2.18 0.66
N LYS A 11 -4.14 1.43 1.65
CA LYS A 11 -3.46 1.53 2.97
C LYS A 11 -2.47 0.37 3.13
N ASP A 12 -2.94 -0.83 2.94
CA ASP A 12 -2.05 -2.02 3.06
C ASP A 12 -1.38 -2.06 4.44
N LYS A 13 -0.18 -1.56 4.55
CA LYS A 13 0.52 -1.58 5.87
C LYS A 13 -0.30 -0.84 6.92
N CYS A 14 0.35 -0.30 7.91
CA CYS A 14 -0.40 0.45 8.96
C CYS A 14 -0.43 1.93 8.61
N ASN A 15 0.07 2.30 7.47
CA ASN A 15 0.05 3.73 7.07
C ASN A 15 -0.63 3.89 5.72
N THR A 16 0.07 4.29 4.68
CA THR A 16 -0.63 4.43 3.37
C THR A 16 0.27 4.01 2.22
N CYS A 17 -0.17 3.07 1.44
CA CYS A 17 0.66 2.62 0.28
C CYS A 17 0.04 3.05 -1.04
N ARG A 18 0.70 2.74 -2.12
CA ARG A 18 0.18 3.10 -3.47
C ARG A 18 0.50 1.97 -4.44
N CYS A 19 -0.45 1.10 -4.73
CA CYS A 19 -0.16 -0.03 -5.66
C CYS A 19 0.52 0.52 -6.92
N GLY A 20 1.75 0.13 -7.14
CA GLY A 20 2.51 0.65 -8.33
C GLY A 20 1.87 0.20 -9.64
N ALA A 21 2.44 0.59 -10.75
CA ALA A 21 1.88 0.19 -12.07
C ALA A 21 1.43 -1.27 -12.02
N ASP A 22 2.34 -2.19 -12.19
CA ASP A 22 1.95 -3.62 -12.15
C ASP A 22 1.22 -3.92 -10.84
N GLY A 23 0.31 -4.85 -10.86
CA GLY A 23 -0.44 -5.18 -9.60
C GLY A 23 0.38 -6.16 -8.76
N LYS A 24 1.49 -5.71 -8.23
CA LYS A 24 2.32 -6.62 -7.40
C LYS A 24 3.25 -5.82 -6.50
N SER A 25 2.96 -4.57 -6.28
CA SER A 25 3.84 -3.78 -5.37
C SER A 25 3.16 -2.45 -5.05
N ALA A 26 3.80 -1.61 -4.29
CA ALA A 26 3.18 -0.30 -3.97
C ALA A 26 4.11 0.55 -3.11
N ALA A 27 4.32 1.79 -3.46
CA ALA A 27 5.18 2.65 -2.60
C ALA A 27 4.35 3.08 -1.41
N CYS A 28 4.90 3.11 -0.24
CA CYS A 28 4.06 3.49 0.92
C CYS A 28 4.65 4.64 1.72
N THR A 29 3.96 4.98 2.78
CA THR A 29 4.42 6.07 3.66
C THR A 29 4.13 5.67 5.10
N LEU A 30 4.69 6.38 6.03
CA LEU A 30 4.50 6.01 7.45
C LEU A 30 3.67 7.06 8.20
N LYS A 31 3.30 6.73 9.40
CA LYS A 31 2.47 7.63 10.24
C LYS A 31 1.86 6.79 11.36
N ALA A 32 0.99 7.35 12.15
CA ALA A 32 0.38 6.54 13.24
C ALA A 32 -0.06 5.18 12.69
N CYS A 33 -0.08 4.17 13.52
CA CYS A 33 -0.49 2.82 13.04
C CYS A 33 -1.37 2.14 14.08
N PRO A 34 -2.59 1.88 13.71
CA PRO A 34 -3.56 1.22 14.63
C PRO A 34 -3.09 -0.20 14.98
N ASN A 35 -3.12 -0.54 16.23
CA ASN A 35 -2.66 -1.91 16.64
C ASN A 35 -3.85 -2.71 17.19
N GLN A 36 -3.62 -3.49 18.22
CA GLN A 36 -4.73 -4.28 18.81
C GLN A 36 -4.30 -4.85 20.17
N GLU A 1 4.14 -12.36 -3.08
CA GLU A 1 4.60 -11.00 -2.70
C GLU A 1 3.41 -10.02 -2.69
N ILE A 2 3.68 -8.74 -2.76
CA ILE A 2 2.58 -7.75 -2.75
C ILE A 2 1.66 -7.97 -3.95
N SER A 3 0.55 -7.28 -3.96
CA SER A 3 -0.39 -7.38 -5.10
C SER A 3 -1.58 -6.44 -4.88
N CYS A 4 -2.11 -5.88 -5.92
CA CYS A 4 -3.28 -4.96 -5.76
C CYS A 4 -3.63 -4.30 -7.09
N GLU A 5 -4.62 -3.45 -7.09
CA GLU A 5 -5.01 -2.76 -8.35
C GLU A 5 -3.90 -1.77 -8.74
N PRO A 6 -3.21 -2.11 -9.79
CA PRO A 6 -2.09 -1.26 -10.28
C PRO A 6 -2.62 0.12 -10.71
N GLY A 7 -2.04 1.16 -10.17
CA GLY A 7 -2.48 2.53 -10.55
C GLY A 7 -3.32 3.13 -9.41
N LYS A 8 -3.72 2.32 -8.47
CA LYS A 8 -4.54 2.86 -7.34
C LYS A 8 -3.71 2.95 -6.07
N THR A 9 -4.26 3.55 -5.05
CA THR A 9 -3.53 3.69 -3.76
C THR A 9 -4.32 3.02 -2.64
N PHE A 10 -3.66 2.70 -1.56
CA PHE A 10 -4.36 2.06 -0.42
C PHE A 10 -3.56 2.20 0.86
N LYS A 11 -3.88 1.42 1.85
CA LYS A 11 -3.15 1.50 3.14
C LYS A 11 -2.23 0.29 3.30
N ASP A 12 -2.70 -0.86 2.89
CA ASP A 12 -1.87 -2.09 3.00
C ASP A 12 -1.40 -2.24 4.46
N LYS A 13 -0.17 -1.91 4.76
CA LYS A 13 0.30 -2.03 6.17
C LYS A 13 -0.57 -1.14 7.06
N CYS A 14 -0.04 -0.65 8.14
CA CYS A 14 -0.86 0.23 9.02
C CYS A 14 -0.59 1.70 8.68
N ASN A 15 0.20 1.95 7.66
CA ASN A 15 0.49 3.35 7.27
C ASN A 15 -0.25 3.63 5.95
N THR A 16 0.41 4.07 4.92
CA THR A 16 -0.35 4.30 3.65
C THR A 16 0.48 3.95 2.42
N CYS A 17 0.02 3.03 1.62
CA CYS A 17 0.80 2.66 0.41
C CYS A 17 0.13 3.15 -0.88
N ARG A 18 0.76 2.87 -1.99
CA ARG A 18 0.20 3.27 -3.30
C ARG A 18 0.49 2.16 -4.31
N CYS A 19 -0.47 1.32 -4.58
CA CYS A 19 -0.22 0.20 -5.55
C CYS A 19 0.41 0.76 -6.82
N GLY A 20 1.53 0.21 -7.22
CA GLY A 20 2.23 0.72 -8.45
C GLY A 20 1.57 0.18 -9.71
N ALA A 21 2.00 0.66 -10.86
CA ALA A 21 1.42 0.20 -12.14
C ALA A 21 1.38 -1.33 -12.18
N ASP A 22 2.19 -1.97 -11.39
CA ASP A 22 2.20 -3.45 -11.38
C ASP A 22 1.29 -3.96 -10.24
N GLY A 23 0.60 -5.04 -10.45
CA GLY A 23 -0.30 -5.56 -9.39
C GLY A 23 0.52 -6.43 -8.42
N LYS A 24 1.65 -5.94 -7.98
CA LYS A 24 2.48 -6.74 -7.03
C LYS A 24 3.41 -5.84 -6.24
N SER A 25 3.11 -4.58 -6.14
CA SER A 25 3.99 -3.69 -5.34
C SER A 25 3.30 -2.36 -5.09
N ALA A 26 3.91 -1.49 -4.35
CA ALA A 26 3.28 -0.17 -4.07
C ALA A 26 4.21 0.70 -3.24
N ALA A 27 4.41 1.94 -3.62
CA ALA A 27 5.28 2.81 -2.78
C ALA A 27 4.47 3.22 -1.56
N CYS A 28 5.06 3.24 -0.41
CA CYS A 28 4.24 3.58 0.77
C CYS A 28 4.77 4.79 1.52
N THR A 29 4.16 5.06 2.64
CA THR A 29 4.56 6.22 3.47
C THR A 29 4.44 5.79 4.92
N LEU A 30 5.11 6.50 5.78
CA LEU A 30 5.11 6.14 7.21
C LEU A 30 4.04 6.89 8.00
N LYS A 31 2.80 6.51 7.85
CA LYS A 31 1.71 7.16 8.62
C LYS A 31 1.49 6.41 9.94
N ALA A 32 0.49 6.79 10.69
CA ALA A 32 0.24 6.09 11.99
C ALA A 32 -0.48 4.76 11.78
N CYS A 33 -0.47 3.91 12.77
CA CYS A 33 -1.16 2.59 12.64
C CYS A 33 -2.36 2.53 13.60
N PRO A 34 -3.44 1.98 13.13
CA PRO A 34 -4.66 1.87 13.96
C PRO A 34 -4.41 0.96 15.17
N ASN A 35 -5.17 1.13 16.21
CA ASN A 35 -4.98 0.28 17.43
C ASN A 35 -4.97 -1.20 17.04
N GLN A 36 -4.91 -2.07 18.01
CA GLN A 36 -4.90 -3.54 17.70
C GLN A 36 -5.68 -4.30 18.77
N GLU A 1 4.88 -11.62 -0.70
CA GLU A 1 4.64 -11.00 -2.04
C GLU A 1 3.47 -10.02 -1.98
N ILE A 2 3.37 -9.13 -2.92
CA ILE A 2 2.23 -8.15 -2.91
C ILE A 2 1.42 -8.27 -4.19
N SER A 3 0.31 -7.61 -4.22
CA SER A 3 -0.54 -7.62 -5.44
C SER A 3 -1.74 -6.69 -5.23
N CYS A 4 -2.06 -5.89 -6.20
CA CYS A 4 -3.22 -4.96 -6.04
C CYS A 4 -3.55 -4.30 -7.38
N GLU A 5 -4.49 -3.40 -7.37
CA GLU A 5 -4.84 -2.70 -8.63
C GLU A 5 -3.71 -1.74 -9.01
N PRO A 6 -3.01 -2.09 -10.05
CA PRO A 6 -1.87 -1.26 -10.51
C PRO A 6 -2.33 0.14 -10.93
N GLY A 7 -1.69 1.15 -10.41
CA GLY A 7 -2.09 2.55 -10.75
C GLY A 7 -3.02 3.08 -9.67
N LYS A 8 -3.45 2.24 -8.77
CA LYS A 8 -4.37 2.72 -7.69
C LYS A 8 -3.63 2.82 -6.36
N THR A 9 -4.30 3.33 -5.36
CA THR A 9 -3.66 3.48 -4.03
C THR A 9 -4.56 2.90 -2.94
N PHE A 10 -4.00 2.61 -1.80
CA PHE A 10 -4.82 2.06 -0.70
C PHE A 10 -4.08 2.21 0.63
N LYS A 11 -4.50 1.48 1.62
CA LYS A 11 -3.84 1.61 2.95
C LYS A 11 -2.75 0.54 3.10
N ASP A 12 -3.13 -0.71 3.20
CA ASP A 12 -2.11 -1.79 3.36
C ASP A 12 -1.20 -1.46 4.54
N LYS A 13 -0.39 -2.40 4.96
CA LYS A 13 0.51 -2.14 6.12
C LYS A 13 -0.24 -1.37 7.21
N CYS A 14 0.40 -0.45 7.88
CA CYS A 14 -0.30 0.31 8.94
C CYS A 14 -0.33 1.80 8.60
N ASN A 15 0.14 2.17 7.43
CA ASN A 15 0.13 3.60 7.05
C ASN A 15 -0.63 3.80 5.74
N THR A 16 0.03 4.23 4.69
CA THR A 16 -0.73 4.42 3.40
C THR A 16 0.12 4.01 2.21
N CYS A 17 -0.37 3.12 1.41
CA CYS A 17 0.44 2.68 0.23
C CYS A 17 -0.16 3.17 -1.08
N ARG A 18 0.50 2.88 -2.16
CA ARG A 18 0.02 3.29 -3.51
C ARG A 18 0.34 2.17 -4.50
N CYS A 19 -0.58 1.28 -4.74
CA CYS A 19 -0.29 0.16 -5.69
C CYS A 19 0.49 0.69 -6.91
N GLY A 20 1.64 0.12 -7.16
CA GLY A 20 2.48 0.61 -8.31
C GLY A 20 1.85 0.19 -9.65
N ALA A 21 2.41 0.66 -10.73
CA ALA A 21 1.86 0.31 -12.07
C ALA A 21 1.72 -1.21 -12.20
N ASP A 22 2.44 -1.93 -11.40
CA ASP A 22 2.35 -3.42 -11.47
C ASP A 22 1.42 -3.93 -10.37
N GLY A 23 0.74 -5.02 -10.61
CA GLY A 23 -0.19 -5.56 -9.58
C GLY A 23 0.58 -6.45 -8.60
N LYS A 24 1.66 -5.94 -8.05
CA LYS A 24 2.46 -6.76 -7.10
C LYS A 24 3.26 -5.85 -6.17
N SER A 25 2.91 -4.61 -6.08
CA SER A 25 3.66 -3.72 -5.15
C SER A 25 2.90 -2.41 -4.97
N ALA A 26 3.46 -1.50 -4.23
CA ALA A 26 2.77 -0.20 -4.00
C ALA A 26 3.66 0.72 -3.17
N ALA A 27 4.06 1.86 -3.69
CA ALA A 27 4.90 2.76 -2.86
C ALA A 27 4.10 3.17 -1.65
N CYS A 28 4.67 3.17 -0.49
CA CYS A 28 3.86 3.51 0.69
C CYS A 28 4.42 4.71 1.46
N THR A 29 3.82 4.98 2.58
CA THR A 29 4.27 6.10 3.43
C THR A 29 4.11 5.70 4.89
N LEU A 30 4.79 6.40 5.75
CA LEU A 30 4.76 6.06 7.19
C LEU A 30 3.86 7.01 7.98
N LYS A 31 3.46 6.58 9.14
CA LYS A 31 2.57 7.39 10.01
C LYS A 31 2.08 6.49 11.15
N ALA A 32 1.29 7.02 12.05
CA ALA A 32 0.80 6.17 13.17
C ALA A 32 0.31 4.83 12.61
N CYS A 33 0.37 3.79 13.40
CA CYS A 33 -0.09 2.46 12.91
C CYS A 33 -1.07 1.84 13.90
N PRO A 34 -2.29 1.68 13.46
CA PRO A 34 -3.36 1.11 14.31
C PRO A 34 -3.03 -0.35 14.69
N ASN A 35 -3.40 -0.75 15.88
CA ASN A 35 -3.11 -2.15 16.31
C ASN A 35 -4.02 -2.54 17.47
N GLN A 36 -5.13 -1.87 17.62
CA GLN A 36 -6.09 -2.20 18.73
C GLN A 36 -5.31 -2.53 20.01
N GLU A 1 4.13 -12.38 -1.28
CA GLU A 1 4.55 -11.15 -2.01
C GLU A 1 3.51 -10.05 -1.84
N ILE A 2 3.43 -9.14 -2.76
CA ILE A 2 2.43 -8.04 -2.65
C ILE A 2 1.48 -8.04 -3.84
N SER A 3 0.47 -7.26 -3.76
CA SER A 3 -0.50 -7.17 -4.89
C SER A 3 -1.58 -6.12 -4.58
N CYS A 4 -2.22 -5.61 -5.59
CA CYS A 4 -3.29 -4.58 -5.36
C CYS A 4 -3.74 -3.98 -6.68
N GLU A 5 -4.40 -2.86 -6.64
CA GLU A 5 -4.86 -2.23 -7.91
C GLU A 5 -3.74 -1.34 -8.46
N PRO A 6 -3.12 -1.82 -9.50
CA PRO A 6 -2.00 -1.07 -10.13
C PRO A 6 -2.48 0.28 -10.66
N GLY A 7 -1.98 1.36 -10.12
CA GLY A 7 -2.40 2.71 -10.59
C GLY A 7 -3.24 3.38 -9.51
N LYS A 8 -3.81 2.62 -8.63
CA LYS A 8 -4.65 3.22 -7.54
C LYS A 8 -3.91 3.21 -6.21
N THR A 9 -4.49 3.82 -5.21
CA THR A 9 -3.84 3.85 -3.87
C THR A 9 -4.54 2.89 -2.92
N PHE A 10 -3.90 2.54 -1.83
CA PHE A 10 -4.54 1.62 -0.87
C PHE A 10 -3.83 1.70 0.48
N LYS A 11 -4.11 0.80 1.36
CA LYS A 11 -3.46 0.86 2.71
C LYS A 11 -2.32 -0.17 2.81
N ASP A 12 -2.62 -1.42 2.59
CA ASP A 12 -1.56 -2.47 2.67
C ASP A 12 -0.97 -2.53 4.09
N LYS A 13 0.22 -2.02 4.28
CA LYS A 13 0.85 -2.06 5.63
C LYS A 13 -0.05 -1.36 6.65
N CYS A 14 0.52 -0.83 7.71
CA CYS A 14 -0.30 -0.14 8.73
C CYS A 14 -0.40 1.36 8.43
N ASN A 15 0.16 1.79 7.33
CA ASN A 15 0.09 3.23 7.00
C ASN A 15 -0.64 3.43 5.68
N THR A 16 -0.01 3.99 4.68
CA THR A 16 -0.78 4.16 3.40
C THR A 16 0.12 3.98 2.18
N CYS A 17 -0.29 3.14 1.27
CA CYS A 17 0.52 2.91 0.05
C CYS A 17 -0.15 3.46 -1.20
N ARG A 18 0.50 3.28 -2.31
CA ARG A 18 -0.03 3.74 -3.62
C ARG A 18 0.31 2.66 -4.65
N CYS A 19 -0.56 1.70 -4.83
CA CYS A 19 -0.26 0.58 -5.77
C CYS A 19 0.07 1.13 -7.15
N GLY A 20 1.07 0.59 -7.80
CA GLY A 20 1.42 1.16 -9.13
C GLY A 20 2.10 0.15 -10.05
N ALA A 21 3.09 -0.56 -9.57
CA ALA A 21 3.80 -1.54 -10.44
C ALA A 21 2.83 -2.26 -11.37
N ASP A 22 2.13 -3.24 -10.87
CA ASP A 22 1.17 -3.98 -11.72
C ASP A 22 0.40 -4.99 -10.87
N GLY A 23 -0.09 -4.57 -9.74
CA GLY A 23 -0.84 -5.50 -8.85
C GLY A 23 0.16 -6.32 -8.05
N LYS A 24 1.26 -5.73 -7.67
CA LYS A 24 2.28 -6.49 -6.88
C LYS A 24 3.18 -5.57 -6.07
N SER A 25 3.04 -4.27 -6.15
CA SER A 25 3.93 -3.42 -5.33
C SER A 25 3.40 -1.99 -5.31
N ALA A 26 4.00 -1.13 -4.54
CA ALA A 26 3.48 0.25 -4.48
C ALA A 26 4.36 1.14 -3.60
N ALA A 27 4.29 2.43 -3.78
CA ALA A 27 5.08 3.33 -2.90
C ALA A 27 4.25 3.61 -1.67
N CYS A 28 4.82 3.65 -0.51
CA CYS A 28 3.96 3.86 0.67
C CYS A 28 4.45 4.97 1.59
N THR A 29 3.78 5.12 2.69
CA THR A 29 4.15 6.16 3.67
C THR A 29 4.03 5.54 5.06
N LEU A 30 4.67 6.12 6.04
CA LEU A 30 4.63 5.53 7.40
C LEU A 30 3.99 6.47 8.42
N LYS A 31 2.71 6.69 8.33
CA LYS A 31 2.02 7.56 9.33
C LYS A 31 1.72 6.72 10.57
N ALA A 32 0.76 7.13 11.34
CA ALA A 32 0.41 6.34 12.55
C ALA A 32 -0.11 4.96 12.15
N CYS A 33 0.09 3.96 12.97
CA CYS A 33 -0.40 2.60 12.62
C CYS A 33 -1.30 2.05 13.73
N PRO A 34 -2.39 1.46 13.32
CA PRO A 34 -3.36 0.88 14.29
C PRO A 34 -2.71 -0.26 15.07
N ASN A 35 -3.40 -0.80 16.03
CA ASN A 35 -2.83 -1.92 16.83
C ASN A 35 -3.92 -2.59 17.68
N GLN A 36 -4.91 -3.15 17.04
CA GLN A 36 -6.00 -3.82 17.81
C GLN A 36 -5.76 -5.32 17.87
N GLU A 1 3.85 -12.59 -3.02
CA GLU A 1 4.63 -11.37 -2.66
C GLU A 1 3.68 -10.20 -2.36
N ILE A 2 3.08 -9.64 -3.38
CA ILE A 2 2.14 -8.50 -3.14
C ILE A 2 1.15 -8.40 -4.30
N SER A 3 0.18 -7.56 -4.14
CA SER A 3 -0.82 -7.36 -5.23
C SER A 3 -1.83 -6.28 -4.82
N CYS A 4 -2.32 -5.52 -5.77
CA CYS A 4 -3.30 -4.46 -5.43
C CYS A 4 -3.70 -3.68 -6.67
N GLU A 5 -4.68 -2.83 -6.56
CA GLU A 5 -5.11 -2.03 -7.74
C GLU A 5 -3.91 -1.30 -8.33
N PRO A 6 -3.44 -1.81 -9.44
CA PRO A 6 -2.25 -1.22 -10.12
C PRO A 6 -2.53 0.21 -10.59
N GLY A 7 -1.76 1.15 -10.12
CA GLY A 7 -1.96 2.56 -10.56
C GLY A 7 -2.70 3.34 -9.47
N LYS A 8 -3.42 2.67 -8.63
CA LYS A 8 -4.18 3.39 -7.56
C LYS A 8 -3.50 3.21 -6.21
N THR A 9 -4.06 3.79 -5.18
CA THR A 9 -3.46 3.65 -3.82
C THR A 9 -4.33 2.74 -2.97
N PHE A 10 -3.77 2.19 -1.92
CA PHE A 10 -4.56 1.28 -1.06
C PHE A 10 -4.01 1.34 0.36
N LYS A 11 -4.41 0.42 1.19
CA LYS A 11 -3.94 0.44 2.60
C LYS A 11 -2.61 -0.31 2.73
N ASP A 12 -2.65 -1.56 3.06
CA ASP A 12 -1.39 -2.34 3.21
C ASP A 12 -0.56 -1.76 4.37
N LYS A 13 0.10 -2.60 5.12
CA LYS A 13 0.91 -2.09 6.26
C LYS A 13 0.01 -1.33 7.24
N CYS A 14 0.56 -0.41 8.00
CA CYS A 14 -0.28 0.36 8.96
C CYS A 14 -0.47 1.79 8.49
N ASN A 15 0.07 2.15 7.35
CA ASN A 15 -0.10 3.53 6.86
C ASN A 15 -0.77 3.53 5.48
N THR A 16 -0.13 4.02 4.46
CA THR A 16 -0.82 3.98 3.13
C THR A 16 0.17 3.73 2.00
N CYS A 17 -0.15 2.80 1.15
CA CYS A 17 0.75 2.49 0.01
C CYS A 17 0.13 2.82 -1.34
N ARG A 18 0.89 3.33 -2.26
CA ARG A 18 0.33 3.63 -3.60
C ARG A 18 0.67 2.47 -4.53
N CYS A 19 -0.26 1.58 -4.77
CA CYS A 19 0.03 0.41 -5.66
C CYS A 19 0.50 0.91 -7.02
N GLY A 20 1.47 0.26 -7.60
CA GLY A 20 2.00 0.74 -8.92
C GLY A 20 1.41 -0.05 -10.08
N ALA A 21 1.73 0.34 -11.29
CA ALA A 21 1.19 -0.39 -12.48
C ALA A 21 1.24 -1.88 -12.20
N ASP A 22 2.35 -2.36 -11.72
CA ASP A 22 2.45 -3.80 -11.36
C ASP A 22 1.71 -4.01 -10.04
N GLY A 23 0.43 -4.24 -10.11
CA GLY A 23 -0.38 -4.42 -8.88
C GLY A 23 0.37 -5.25 -7.83
N LYS A 24 1.33 -6.04 -8.23
CA LYS A 24 2.08 -6.87 -7.25
C LYS A 24 3.07 -6.05 -6.44
N SER A 25 2.96 -4.75 -6.45
CA SER A 25 3.93 -3.98 -5.63
C SER A 25 3.44 -2.55 -5.42
N ALA A 26 4.09 -1.80 -4.58
CA ALA A 26 3.65 -0.40 -4.34
C ALA A 26 4.61 0.33 -3.41
N ALA A 27 4.64 1.63 -3.49
CA ALA A 27 5.51 2.40 -2.56
C ALA A 27 4.61 2.78 -1.38
N CYS A 28 5.11 3.24 -0.27
CA CYS A 28 4.15 3.54 0.81
C CYS A 28 4.52 4.80 1.58
N THR A 29 3.75 5.08 2.59
CA THR A 29 3.99 6.28 3.43
C THR A 29 3.76 5.89 4.88
N LEU A 30 4.25 6.67 5.79
CA LEU A 30 4.11 6.32 7.22
C LEU A 30 3.23 7.32 7.97
N LYS A 31 2.86 6.95 9.16
CA LYS A 31 2.00 7.81 10.02
C LYS A 31 1.50 6.96 11.18
N ALA A 32 0.66 7.49 12.03
CA ALA A 32 0.17 6.67 13.18
C ALA A 32 -0.24 5.28 12.71
N CYS A 33 -0.08 4.30 13.54
CA CYS A 33 -0.47 2.91 13.16
C CYS A 33 -1.18 2.22 14.33
N PRO A 34 -2.48 2.13 14.21
CA PRO A 34 -3.30 1.50 15.29
C PRO A 34 -2.93 0.03 15.46
N ASN A 35 -2.65 -0.36 16.68
CA ASN A 35 -2.30 -1.79 16.94
C ASN A 35 -3.45 -2.50 17.63
N GLN A 36 -4.46 -1.77 18.02
CA GLN A 36 -5.63 -2.39 18.70
C GLN A 36 -6.72 -2.74 17.68
N GLU A 1 5.00 -11.26 -3.18
CA GLU A 1 5.21 -10.54 -1.89
C GLU A 1 4.17 -9.43 -1.73
N ILE A 2 3.66 -8.91 -2.82
CA ILE A 2 2.65 -7.83 -2.72
C ILE A 2 1.62 -7.96 -3.85
N SER A 3 0.59 -7.19 -3.77
CA SER A 3 -0.45 -7.20 -4.83
C SER A 3 -1.53 -6.17 -4.52
N CYS A 4 -2.18 -5.64 -5.52
CA CYS A 4 -3.25 -4.63 -5.28
C CYS A 4 -3.67 -3.98 -6.59
N GLU A 5 -4.63 -3.11 -6.53
CA GLU A 5 -5.08 -2.43 -7.79
C GLU A 5 -3.90 -1.67 -8.40
N PRO A 6 -3.40 -2.21 -9.48
CA PRO A 6 -2.24 -1.59 -10.17
C PRO A 6 -2.58 -0.19 -10.69
N GLY A 7 -1.81 0.80 -10.31
CA GLY A 7 -2.06 2.18 -10.79
C GLY A 7 -2.87 2.96 -9.75
N LYS A 8 -3.48 2.29 -8.82
CA LYS A 8 -4.29 3.00 -7.79
C LYS A 8 -3.57 3.04 -6.44
N THR A 9 -4.11 3.77 -5.51
CA THR A 9 -3.49 3.86 -4.17
C THR A 9 -4.28 3.00 -3.18
N PHE A 10 -3.76 2.81 -2.00
CA PHE A 10 -4.50 1.98 -1.01
C PHE A 10 -3.84 2.10 0.35
N LYS A 11 -4.19 1.24 1.26
CA LYS A 11 -3.58 1.32 2.63
C LYS A 11 -2.59 0.16 2.83
N ASP A 12 -3.04 -1.04 2.68
CA ASP A 12 -2.15 -2.21 2.85
C ASP A 12 -1.55 -2.21 4.27
N LYS A 13 -0.33 -1.76 4.44
CA LYS A 13 0.29 -1.75 5.79
C LYS A 13 -0.58 -0.94 6.76
N CYS A 14 -0.01 -0.45 7.83
CA CYS A 14 -0.81 0.34 8.80
C CYS A 14 -0.76 1.82 8.44
N ASN A 15 -0.17 2.15 7.32
CA ASN A 15 -0.09 3.58 6.92
C ASN A 15 -0.75 3.76 5.56
N THR A 16 -0.04 4.20 4.56
CA THR A 16 -0.72 4.36 3.22
C THR A 16 0.21 4.01 2.07
N CYS A 17 -0.24 3.16 1.20
CA CYS A 17 0.60 2.77 0.03
C CYS A 17 0.06 3.33 -1.29
N ARG A 18 0.76 3.04 -2.34
CA ARG A 18 0.35 3.49 -3.70
C ARG A 18 0.65 2.34 -4.68
N CYS A 19 -0.30 1.47 -4.90
CA CYS A 19 -0.05 0.31 -5.80
C CYS A 19 0.45 0.81 -7.16
N GLY A 20 1.51 0.21 -7.64
CA GLY A 20 2.11 0.66 -8.94
C GLY A 20 1.37 0.04 -10.13
N ALA A 21 1.74 0.43 -11.33
CA ALA A 21 1.09 -0.11 -12.54
C ALA A 21 1.00 -1.65 -12.46
N ASP A 22 1.84 -2.24 -11.67
CA ASP A 22 1.80 -3.72 -11.53
C ASP A 22 0.99 -4.10 -10.29
N GLY A 23 0.22 -5.14 -10.36
CA GLY A 23 -0.59 -5.55 -9.17
C GLY A 23 0.26 -6.41 -8.24
N LYS A 24 1.44 -5.97 -7.91
CA LYS A 24 2.32 -6.77 -7.01
C LYS A 24 3.32 -5.88 -6.29
N SER A 25 3.11 -4.59 -6.29
CA SER A 25 4.08 -3.72 -5.57
C SER A 25 3.46 -2.35 -5.36
N ALA A 26 4.08 -1.53 -4.56
CA ALA A 26 3.50 -0.17 -4.34
C ALA A 26 4.40 0.65 -3.42
N ALA A 27 4.51 1.93 -3.67
CA ALA A 27 5.32 2.78 -2.76
C ALA A 27 4.44 3.16 -1.60
N CYS A 28 4.92 3.11 -0.40
CA CYS A 28 4.04 3.43 0.74
C CYS A 28 4.62 4.53 1.62
N THR A 29 3.94 4.79 2.71
CA THR A 29 4.39 5.84 3.65
C THR A 29 4.10 5.35 5.06
N LEU A 30 4.72 5.96 6.03
CA LEU A 30 4.51 5.52 7.43
C LEU A 30 3.82 6.60 8.27
N LYS A 31 3.43 6.23 9.45
CA LYS A 31 2.72 7.17 10.36
C LYS A 31 2.06 6.35 11.47
N ALA A 32 1.38 6.98 12.39
CA ALA A 32 0.73 6.20 13.48
C ALA A 32 0.03 4.97 12.91
N CYS A 33 -0.03 3.92 13.67
CA CYS A 33 -0.71 2.68 13.18
C CYS A 33 -1.61 2.12 14.28
N PRO A 34 -2.82 1.80 13.90
CA PRO A 34 -3.81 1.25 14.86
C PRO A 34 -3.33 -0.10 15.43
N ASN A 35 -3.49 -0.30 16.71
CA ASN A 35 -3.04 -1.58 17.33
C ASN A 35 -4.25 -2.49 17.56
N GLN A 36 -4.04 -3.78 17.59
CA GLN A 36 -5.18 -4.72 17.81
C GLN A 36 -4.78 -5.80 18.81
N GLU A 1 5.59 -10.27 -0.05
CA GLU A 1 5.06 -10.11 -1.43
C GLU A 1 3.90 -9.11 -1.43
N ILE A 2 3.63 -8.52 -2.57
CA ILE A 2 2.50 -7.53 -2.64
C ILE A 2 1.61 -7.82 -3.84
N SER A 3 0.50 -7.16 -3.90
CA SER A 3 -0.42 -7.34 -5.06
C SER A 3 -1.64 -6.42 -4.92
N CYS A 4 -2.14 -5.92 -6.02
CA CYS A 4 -3.33 -5.02 -5.95
C CYS A 4 -3.63 -4.43 -7.32
N GLU A 5 -4.68 -3.66 -7.42
CA GLU A 5 -5.02 -3.04 -8.72
C GLU A 5 -3.94 -2.02 -9.10
N PRO A 6 -3.15 -2.37 -10.08
CA PRO A 6 -2.05 -1.48 -10.52
C PRO A 6 -2.58 -0.15 -11.07
N GLY A 7 -2.06 0.95 -10.57
CA GLY A 7 -2.53 2.27 -11.07
C GLY A 7 -3.34 2.98 -9.98
N LYS A 8 -3.82 2.24 -9.02
CA LYS A 8 -4.63 2.88 -7.95
C LYS A 8 -3.83 2.98 -6.64
N THR A 9 -4.39 3.64 -5.68
CA THR A 9 -3.68 3.78 -4.37
C THR A 9 -4.51 3.17 -3.26
N PHE A 10 -3.91 2.89 -2.15
CA PHE A 10 -4.66 2.29 -1.02
C PHE A 10 -3.93 2.48 0.30
N LYS A 11 -4.32 1.76 1.30
CA LYS A 11 -3.67 1.88 2.62
C LYS A 11 -2.68 0.72 2.83
N ASP A 12 -3.19 -0.48 2.89
CA ASP A 12 -2.28 -1.66 3.10
C ASP A 12 -1.44 -1.42 4.36
N LYS A 13 -0.80 -2.44 4.86
CA LYS A 13 0.03 -2.24 6.09
C LYS A 13 -0.75 -1.42 7.11
N CYS A 14 -0.10 -0.52 7.80
CA CYS A 14 -0.83 0.31 8.80
C CYS A 14 -0.67 1.81 8.48
N ASN A 15 -0.19 2.13 7.31
CA ASN A 15 -0.03 3.56 6.97
C ASN A 15 -0.71 3.86 5.62
N THR A 16 0.03 4.27 4.62
CA THR A 16 -0.66 4.56 3.31
C THR A 16 0.19 4.14 2.12
N CYS A 17 -0.32 3.28 1.30
CA CYS A 17 0.45 2.83 0.11
C CYS A 17 -0.18 3.29 -1.20
N ARG A 18 0.48 2.99 -2.28
CA ARG A 18 -0.04 3.36 -3.63
C ARG A 18 0.27 2.21 -4.60
N CYS A 19 -0.69 1.39 -4.91
CA CYS A 19 -0.41 0.25 -5.82
C CYS A 19 0.26 0.75 -7.11
N GLY A 20 1.35 0.16 -7.49
CA GLY A 20 2.07 0.62 -8.71
C GLY A 20 1.50 -0.02 -9.96
N ALA A 21 1.92 0.45 -11.12
CA ALA A 21 1.40 -0.13 -12.40
C ALA A 21 1.48 -1.66 -12.35
N ASP A 22 2.33 -2.18 -11.52
CA ASP A 22 2.44 -3.67 -11.42
C ASP A 22 1.46 -4.17 -10.35
N GLY A 23 0.85 -5.29 -10.57
CA GLY A 23 -0.11 -5.82 -9.56
C GLY A 23 0.65 -6.60 -8.49
N LYS A 24 1.73 -6.06 -8.00
CA LYS A 24 2.51 -6.78 -6.96
C LYS A 24 3.40 -5.82 -6.19
N SER A 25 3.07 -4.57 -6.15
CA SER A 25 3.91 -3.63 -5.38
C SER A 25 3.17 -2.31 -5.19
N ALA A 26 3.73 -1.41 -4.43
CA ALA A 26 3.06 -0.10 -4.21
C ALA A 26 3.92 0.80 -3.35
N ALA A 27 4.13 2.03 -3.73
CA ALA A 27 4.94 2.93 -2.87
C ALA A 27 4.12 3.28 -1.64
N CYS A 28 4.70 3.23 -0.50
CA CYS A 28 3.89 3.53 0.72
C CYS A 28 4.57 4.55 1.63
N THR A 29 3.94 4.85 2.71
CA THR A 29 4.48 5.81 3.68
C THR A 29 4.23 5.27 5.08
N LEU A 30 4.92 5.80 6.04
CA LEU A 30 4.75 5.29 7.43
C LEU A 30 4.22 6.37 8.37
N LYS A 31 3.72 5.94 9.49
CA LYS A 31 3.15 6.86 10.50
C LYS A 31 2.54 6.02 11.63
N ALA A 32 2.00 6.64 12.64
CA ALA A 32 1.39 5.84 13.74
C ALA A 32 0.53 4.72 13.15
N CYS A 33 0.44 3.61 13.81
CA CYS A 33 -0.38 2.47 13.29
C CYS A 33 -1.32 1.95 14.39
N PRO A 34 -2.56 1.75 14.02
CA PRO A 34 -3.57 1.25 14.99
C PRO A 34 -3.21 -0.14 15.51
N ASN A 35 -3.06 -0.27 16.80
CA ASN A 35 -2.70 -1.61 17.38
C ASN A 35 -2.33 -1.46 18.86
N GLN A 36 -3.24 -0.97 19.67
CA GLN A 36 -2.93 -0.80 21.12
C GLN A 36 -3.29 -2.08 21.89
N GLU A 1 4.49 -11.76 -2.45
CA GLU A 1 5.09 -10.59 -1.73
C GLU A 1 4.06 -9.47 -1.58
N ILE A 2 3.65 -8.88 -2.67
CA ILE A 2 2.64 -7.78 -2.59
C ILE A 2 1.63 -7.91 -3.72
N SER A 3 0.60 -7.12 -3.65
CA SER A 3 -0.43 -7.13 -4.71
C SER A 3 -1.50 -6.07 -4.41
N CYS A 4 -2.16 -5.56 -5.41
CA CYS A 4 -3.20 -4.52 -5.17
C CYS A 4 -3.64 -3.91 -6.49
N GLU A 5 -4.61 -3.03 -6.45
CA GLU A 5 -5.08 -2.38 -7.70
C GLU A 5 -3.91 -1.66 -8.37
N PRO A 6 -3.44 -2.23 -9.44
CA PRO A 6 -2.29 -1.65 -10.18
C PRO A 6 -2.61 -0.27 -10.75
N GLY A 7 -1.85 0.73 -10.38
CA GLY A 7 -2.10 2.09 -10.92
C GLY A 7 -2.87 2.93 -9.89
N LYS A 8 -3.52 2.29 -8.95
CA LYS A 8 -4.29 3.07 -7.94
C LYS A 8 -3.56 3.10 -6.60
N THR A 9 -4.07 3.86 -5.67
CA THR A 9 -3.44 3.93 -4.33
C THR A 9 -4.26 3.11 -3.33
N PHE A 10 -3.75 2.88 -2.16
CA PHE A 10 -4.51 2.08 -1.18
C PHE A 10 -3.86 2.20 0.20
N LYS A 11 -4.24 1.36 1.12
CA LYS A 11 -3.67 1.45 2.49
C LYS A 11 -2.60 0.38 2.71
N ASP A 12 -3.00 -0.86 2.79
CA ASP A 12 -1.99 -1.94 3.02
C ASP A 12 -1.16 -1.63 4.28
N LYS A 13 -0.41 -2.57 4.76
CA LYS A 13 0.41 -2.32 5.98
C LYS A 13 -0.42 -1.55 7.01
N CYS A 14 0.14 -0.57 7.67
CA CYS A 14 -0.63 0.19 8.68
C CYS A 14 -0.65 1.69 8.35
N ASN A 15 -0.09 2.07 7.23
CA ASN A 15 -0.09 3.51 6.88
C ASN A 15 -0.77 3.73 5.53
N THR A 16 -0.08 4.21 4.53
CA THR A 16 -0.78 4.42 3.22
C THR A 16 0.14 4.10 2.05
N CYS A 17 -0.31 3.25 1.17
CA CYS A 17 0.54 2.87 0.00
C CYS A 17 0.00 3.44 -1.32
N ARG A 18 0.72 3.13 -2.37
CA ARG A 18 0.33 3.58 -3.74
C ARG A 18 0.65 2.42 -4.69
N CYS A 19 -0.30 1.56 -4.94
CA CYS A 19 -0.03 0.39 -5.82
C CYS A 19 0.49 0.84 -7.18
N GLY A 20 1.54 0.21 -7.65
CA GLY A 20 2.14 0.62 -8.95
C GLY A 20 1.38 0.01 -10.13
N ALA A 21 1.75 0.37 -11.33
CA ALA A 21 1.08 -0.17 -12.55
C ALA A 21 0.94 -1.69 -12.45
N ASP A 22 1.76 -2.31 -11.65
CA ASP A 22 1.67 -3.79 -11.51
C ASP A 22 0.92 -4.14 -10.22
N GLY A 23 0.14 -5.18 -10.23
CA GLY A 23 -0.62 -5.55 -9.00
C GLY A 23 0.27 -6.41 -8.09
N LYS A 24 1.45 -5.93 -7.77
CA LYS A 24 2.35 -6.73 -6.89
C LYS A 24 3.36 -5.84 -6.18
N SER A 25 3.15 -4.55 -6.19
CA SER A 25 4.11 -3.68 -5.47
C SER A 25 3.50 -2.30 -5.30
N ALA A 26 4.11 -1.47 -4.50
CA ALA A 26 3.54 -0.11 -4.30
C ALA A 26 4.42 0.73 -3.38
N ALA A 27 4.55 2.00 -3.65
CA ALA A 27 5.34 2.85 -2.73
C ALA A 27 4.43 3.24 -1.59
N CYS A 28 4.90 3.21 -0.40
CA CYS A 28 4.00 3.54 0.73
C CYS A 28 4.53 4.66 1.61
N THR A 29 3.85 4.91 2.69
CA THR A 29 4.26 5.97 3.63
C THR A 29 4.02 5.46 5.04
N LEU A 30 4.64 6.08 6.00
CA LEU A 30 4.48 5.62 7.39
C LEU A 30 3.73 6.65 8.26
N LYS A 31 3.36 6.24 9.43
CA LYS A 31 2.60 7.12 10.36
C LYS A 31 1.96 6.24 11.43
N ALA A 32 1.16 6.81 12.29
CA ALA A 32 0.51 5.98 13.35
C ALA A 32 -0.01 4.67 12.75
N CYS A 33 -0.09 3.63 13.55
CA CYS A 33 -0.58 2.33 13.02
C CYS A 33 -1.40 1.61 14.10
N PRO A 34 -2.70 1.65 13.95
CA PRO A 34 -3.61 0.99 14.92
C PRO A 34 -3.39 -0.52 14.92
N ASN A 35 -2.55 -1.01 15.80
CA ASN A 35 -2.30 -2.49 15.85
C ASN A 35 -2.46 -3.00 17.28
N GLN A 36 -2.12 -4.23 17.52
CA GLN A 36 -2.25 -4.80 18.89
C GLN A 36 -3.66 -4.55 19.42
N GLU A 1 4.45 -12.42 -2.91
CA GLU A 1 4.81 -10.98 -2.68
C GLU A 1 3.55 -10.11 -2.72
N ILE A 2 3.71 -8.81 -2.71
CA ILE A 2 2.53 -7.91 -2.75
C ILE A 2 1.74 -8.14 -4.04
N SER A 3 0.58 -7.56 -4.10
CA SER A 3 -0.25 -7.67 -5.33
C SER A 3 -1.52 -6.83 -5.16
N CYS A 4 -2.04 -6.31 -6.24
CA CYS A 4 -3.28 -5.48 -6.14
C CYS A 4 -3.54 -4.80 -7.48
N GLU A 5 -4.60 -4.05 -7.55
CA GLU A 5 -4.93 -3.33 -8.81
C GLU A 5 -3.84 -2.28 -9.09
N PRO A 6 -3.04 -2.55 -10.07
CA PRO A 6 -1.95 -1.63 -10.44
C PRO A 6 -2.47 -0.28 -10.89
N GLY A 7 -1.87 0.79 -10.43
CA GLY A 7 -2.33 2.14 -10.82
C GLY A 7 -3.28 2.69 -9.77
N LYS A 8 -3.64 1.90 -8.80
CA LYS A 8 -4.58 2.40 -7.75
C LYS A 8 -3.81 2.72 -6.46
N THR A 9 -4.47 3.36 -5.55
CA THR A 9 -3.82 3.71 -4.26
C THR A 9 -4.60 3.13 -3.09
N PHE A 10 -3.99 2.99 -1.96
CA PHE A 10 -4.72 2.43 -0.80
C PHE A 10 -3.93 2.65 0.49
N LYS A 11 -4.28 1.95 1.52
CA LYS A 11 -3.57 2.10 2.82
C LYS A 11 -2.60 0.95 3.01
N ASP A 12 -3.10 -0.25 3.14
CA ASP A 12 -2.22 -1.43 3.34
C ASP A 12 -1.36 -1.20 4.59
N LYS A 13 -0.91 -2.25 5.23
CA LYS A 13 -0.09 -2.04 6.46
C LYS A 13 -0.83 -1.11 7.44
N CYS A 14 -0.13 -0.22 8.09
CA CYS A 14 -0.82 0.69 9.03
C CYS A 14 -0.57 2.17 8.64
N ASN A 15 -0.15 2.42 7.44
CA ASN A 15 0.08 3.84 7.03
C ASN A 15 -0.61 4.12 5.70
N THR A 16 0.11 4.49 4.68
CA THR A 16 -0.60 4.77 3.39
C THR A 16 0.23 4.33 2.19
N CYS A 17 -0.30 3.45 1.38
CA CYS A 17 0.46 2.99 0.18
C CYS A 17 -0.18 3.45 -1.13
N ARG A 18 0.46 3.14 -2.22
CA ARG A 18 -0.06 3.50 -3.56
C ARG A 18 0.24 2.35 -4.52
N CYS A 19 -0.70 1.47 -4.74
CA CYS A 19 -0.43 0.32 -5.65
C CYS A 19 0.25 0.83 -6.92
N GLY A 20 1.37 0.23 -7.29
CA GLY A 20 2.11 0.71 -8.49
C GLY A 20 1.53 0.13 -9.78
N ALA A 21 2.01 0.61 -10.91
CA ALA A 21 1.51 0.12 -12.21
C ALA A 21 1.60 -1.41 -12.27
N ASP A 22 2.40 -1.98 -11.42
CA ASP A 22 2.53 -3.46 -11.41
C ASP A 22 1.59 -4.04 -10.35
N GLY A 23 1.03 -5.18 -10.61
CA GLY A 23 0.10 -5.78 -9.61
C GLY A 23 0.90 -6.58 -8.58
N LYS A 24 1.89 -5.96 -7.99
CA LYS A 24 2.72 -6.70 -6.98
C LYS A 24 3.48 -5.74 -6.09
N SER A 25 3.09 -4.48 -6.03
CA SER A 25 3.82 -3.57 -5.14
C SER A 25 3.07 -2.25 -5.00
N ALA A 26 3.63 -1.32 -4.27
CA ALA A 26 2.95 -0.01 -4.09
C ALA A 26 3.82 0.93 -3.25
N ALA A 27 4.06 2.13 -3.70
CA ALA A 27 4.88 3.05 -2.88
C ALA A 27 4.09 3.42 -1.65
N CYS A 28 4.69 3.39 -0.51
CA CYS A 28 3.91 3.71 0.72
C CYS A 28 4.61 4.73 1.60
N THR A 29 3.98 5.04 2.70
CA THR A 29 4.54 6.01 3.66
C THR A 29 4.29 5.46 5.05
N LEU A 30 4.94 6.01 6.03
CA LEU A 30 4.77 5.47 7.40
C LEU A 30 4.09 6.47 8.32
N LYS A 31 3.75 6.01 9.50
CA LYS A 31 3.07 6.86 10.50
C LYS A 31 2.53 5.93 11.59
N ALA A 32 1.96 6.47 12.63
CA ALA A 32 1.43 5.60 13.71
C ALA A 32 0.44 4.59 13.13
N CYS A 33 0.34 3.43 13.73
CA CYS A 33 -0.60 2.40 13.22
C CYS A 33 -1.86 2.38 14.10
N PRO A 34 -3.00 2.31 13.46
CA PRO A 34 -4.30 2.30 14.19
C PRO A 34 -4.43 1.07 15.10
N ASN A 35 -4.20 1.26 16.37
CA ASN A 35 -4.32 0.13 17.34
C ASN A 35 -3.78 -1.17 16.73
N GLN A 36 -4.16 -2.29 17.28
CA GLN A 36 -3.66 -3.59 16.73
C GLN A 36 -4.72 -4.21 15.82
N GLU A 1 4.42 -11.90 -4.15
CA GLU A 1 4.31 -11.48 -2.72
C GLU A 1 3.24 -10.41 -2.56
N ILE A 2 3.55 -9.18 -2.90
CA ILE A 2 2.56 -8.09 -2.77
C ILE A 2 1.58 -8.13 -3.94
N SER A 3 0.55 -7.34 -3.85
CA SER A 3 -0.45 -7.26 -4.94
C SER A 3 -1.51 -6.21 -4.60
N CYS A 4 -2.14 -5.64 -5.59
CA CYS A 4 -3.18 -4.61 -5.32
C CYS A 4 -3.59 -3.91 -6.62
N GLU A 5 -4.56 -3.05 -6.55
CA GLU A 5 -4.99 -2.32 -7.77
C GLU A 5 -3.80 -1.59 -8.39
N PRO A 6 -3.31 -2.12 -9.47
CA PRO A 6 -2.13 -1.52 -10.15
C PRO A 6 -2.45 -0.11 -10.67
N GLY A 7 -1.69 0.86 -10.24
CA GLY A 7 -1.91 2.25 -10.71
C GLY A 7 -2.74 3.03 -9.69
N LYS A 8 -3.39 2.35 -8.78
CA LYS A 8 -4.22 3.06 -7.78
C LYS A 8 -3.53 3.06 -6.40
N THR A 9 -4.09 3.76 -5.46
CA THR A 9 -3.50 3.81 -4.11
C THR A 9 -4.32 2.93 -3.15
N PHE A 10 -3.80 2.62 -2.01
CA PHE A 10 -4.55 1.76 -1.07
C PHE A 10 -3.95 1.84 0.33
N LYS A 11 -4.36 0.97 1.20
CA LYS A 11 -3.83 1.03 2.60
C LYS A 11 -2.63 0.09 2.75
N ASP A 12 -2.87 -1.17 3.03
CA ASP A 12 -1.74 -2.12 3.21
C ASP A 12 -0.88 -1.65 4.39
N LYS A 13 -0.28 -2.57 5.10
CA LYS A 13 0.56 -2.18 6.27
C LYS A 13 -0.30 -1.42 7.28
N CYS A 14 0.25 -0.43 7.94
CA CYS A 14 -0.56 0.34 8.93
C CYS A 14 -0.62 1.82 8.54
N ASN A 15 -0.02 2.19 7.45
CA ASN A 15 -0.07 3.61 7.02
C ASN A 15 -0.79 3.72 5.68
N THR A 16 -0.16 4.19 4.65
CA THR A 16 -0.89 4.27 3.35
C THR A 16 0.04 3.96 2.18
N CYS A 17 -0.38 3.08 1.31
CA CYS A 17 0.49 2.73 0.15
C CYS A 17 -0.05 3.28 -1.17
N ARG A 18 0.68 3.02 -2.22
CA ARG A 18 0.29 3.47 -3.58
C ARG A 18 0.65 2.34 -4.54
N CYS A 19 -0.28 1.45 -4.81
CA CYS A 19 0.03 0.30 -5.69
C CYS A 19 0.56 0.80 -7.05
N GLY A 20 1.63 0.22 -7.50
CA GLY A 20 2.25 0.67 -8.79
C GLY A 20 1.50 0.10 -10.00
N ALA A 21 1.89 0.53 -11.17
CA ALA A 21 1.24 0.02 -12.42
C ALA A 21 1.14 -1.51 -12.37
N ASP A 22 1.97 -2.14 -11.60
CA ASP A 22 1.90 -3.62 -11.50
C ASP A 22 1.12 -4.02 -10.25
N GLY A 23 0.32 -5.05 -10.34
CA GLY A 23 -0.48 -5.47 -9.15
C GLY A 23 0.38 -6.37 -8.25
N LYS A 24 1.53 -5.92 -7.86
CA LYS A 24 2.40 -6.76 -6.99
C LYS A 24 3.38 -5.90 -6.20
N SER A 25 3.19 -4.62 -6.15
CA SER A 25 4.11 -3.78 -5.37
C SER A 25 3.53 -2.38 -5.19
N ALA A 26 4.15 -1.56 -4.39
CA ALA A 26 3.59 -0.19 -4.20
C ALA A 26 4.48 0.64 -3.29
N ALA A 27 4.58 1.92 -3.53
CA ALA A 27 5.38 2.77 -2.62
C ALA A 27 4.44 3.17 -1.50
N CYS A 28 4.90 3.20 -0.29
CA CYS A 28 3.95 3.54 0.79
C CYS A 28 4.37 4.77 1.58
N THR A 29 3.69 5.02 2.65
CA THR A 29 4.00 6.18 3.50
C THR A 29 3.86 5.74 4.95
N LEU A 30 4.50 6.45 5.84
CA LEU A 30 4.46 6.05 7.27
C LEU A 30 3.62 7.03 8.09
N LYS A 31 3.28 6.63 9.28
CA LYS A 31 2.46 7.48 10.18
C LYS A 31 1.89 6.59 11.29
N ALA A 32 1.13 7.15 12.20
CA ALA A 32 0.56 6.31 13.28
C ALA A 32 0.03 5.00 12.71
N CYS A 33 0.04 3.95 13.48
CA CYS A 33 -0.47 2.65 12.98
C CYS A 33 -1.50 2.07 13.97
N PRO A 34 -2.64 1.72 13.45
CA PRO A 34 -3.73 1.15 14.29
C PRO A 34 -3.30 -0.17 14.93
N ASN A 35 -3.46 -0.30 16.22
CA ASN A 35 -3.07 -1.55 16.90
C ASN A 35 -4.18 -2.60 16.76
N GLN A 36 -4.26 -3.53 17.68
CA GLN A 36 -5.33 -4.57 17.59
C GLN A 36 -6.66 -4.00 18.07
N GLU A 1 3.99 -12.77 -3.80
CA GLU A 1 4.56 -11.40 -3.63
C GLU A 1 3.44 -10.38 -3.47
N ILE A 2 3.78 -9.16 -3.12
CA ILE A 2 2.74 -8.11 -2.94
C ILE A 2 1.73 -8.18 -4.08
N SER A 3 0.68 -7.43 -3.95
CA SER A 3 -0.35 -7.37 -5.01
C SER A 3 -1.45 -6.37 -4.61
N CYS A 4 -1.99 -5.65 -5.55
CA CYS A 4 -3.07 -4.67 -5.21
C CYS A 4 -3.52 -3.91 -6.46
N GLU A 5 -4.55 -3.13 -6.33
CA GLU A 5 -5.05 -2.35 -7.50
C GLU A 5 -3.87 -1.67 -8.19
N PRO A 6 -3.46 -2.25 -9.28
CA PRO A 6 -2.31 -1.71 -10.05
C PRO A 6 -2.61 -0.30 -10.59
N GLY A 7 -1.87 0.68 -10.17
CA GLY A 7 -2.09 2.06 -10.68
C GLY A 7 -2.84 2.88 -9.63
N LYS A 8 -3.48 2.25 -8.70
CA LYS A 8 -4.24 3.03 -7.67
C LYS A 8 -3.50 3.02 -6.32
N THR A 9 -4.02 3.75 -5.37
CA THR A 9 -3.38 3.80 -4.03
C THR A 9 -4.18 2.94 -3.06
N PHE A 10 -3.67 2.72 -1.87
CA PHE A 10 -4.41 1.89 -0.91
C PHE A 10 -3.76 1.99 0.47
N LYS A 11 -4.12 1.13 1.38
CA LYS A 11 -3.54 1.21 2.75
C LYS A 11 -2.50 0.11 2.94
N ASP A 12 -2.90 -1.13 2.80
CA ASP A 12 -1.95 -2.26 2.99
C ASP A 12 -1.31 -2.21 4.38
N LYS A 13 -0.13 -1.68 4.50
CA LYS A 13 0.54 -1.60 5.83
C LYS A 13 -0.36 -0.86 6.83
N CYS A 14 0.21 -0.34 7.88
CA CYS A 14 -0.60 0.40 8.88
C CYS A 14 -0.67 1.88 8.51
N ASN A 15 0.01 2.28 7.47
CA ASN A 15 -0.03 3.70 7.06
C ASN A 15 -0.69 3.83 5.69
N THR A 16 -0.01 4.27 4.68
CA THR A 16 -0.69 4.38 3.35
C THR A 16 0.24 4.03 2.20
N CYS A 17 -0.18 3.14 1.34
CA CYS A 17 0.68 2.75 0.19
C CYS A 17 0.13 3.28 -1.13
N ARG A 18 0.84 2.99 -2.19
CA ARG A 18 0.43 3.41 -3.55
C ARG A 18 0.75 2.27 -4.50
N CYS A 19 -0.20 1.42 -4.77
CA CYS A 19 0.08 0.25 -5.66
C CYS A 19 0.58 0.74 -7.02
N GLY A 20 1.68 0.19 -7.47
CA GLY A 20 2.27 0.64 -8.77
C GLY A 20 1.44 0.12 -9.95
N ALA A 21 1.75 0.60 -11.14
CA ALA A 21 1.00 0.15 -12.35
C ALA A 21 0.87 -1.36 -12.34
N ASP A 22 1.74 -2.04 -11.65
CA ASP A 22 1.65 -3.53 -11.60
C ASP A 22 0.93 -3.95 -10.31
N GLY A 23 0.14 -4.98 -10.36
CA GLY A 23 -0.57 -5.42 -9.12
C GLY A 23 0.34 -6.34 -8.30
N LYS A 24 1.50 -5.87 -7.92
CA LYS A 24 2.41 -6.72 -7.12
C LYS A 24 3.41 -5.87 -6.34
N SER A 25 3.20 -4.60 -6.23
CA SER A 25 4.15 -3.78 -5.45
C SER A 25 3.57 -2.40 -5.21
N ALA A 26 4.19 -1.59 -4.40
CA ALA A 26 3.64 -0.23 -4.14
C ALA A 26 4.55 0.57 -3.22
N ALA A 27 4.65 1.84 -3.44
CA ALA A 27 5.47 2.67 -2.51
C ALA A 27 4.56 3.10 -1.38
N CYS A 28 5.03 3.11 -0.18
CA CYS A 28 4.12 3.47 0.93
C CYS A 28 4.63 4.64 1.76
N THR A 29 3.95 4.93 2.83
CA THR A 29 4.35 6.04 3.71
C THR A 29 4.06 5.65 5.15
N LEU A 30 4.63 6.35 6.08
CA LEU A 30 4.42 6.01 7.50
C LEU A 30 3.59 7.08 8.22
N LYS A 31 3.18 6.76 9.42
CA LYS A 31 2.34 7.68 10.25
C LYS A 31 1.66 6.84 11.32
N ALA A 32 0.76 7.41 12.07
CA ALA A 32 0.05 6.63 13.12
C ALA A 32 -0.35 5.26 12.56
N CYS A 33 -0.43 4.26 13.40
CA CYS A 33 -0.81 2.91 12.92
C CYS A 33 -1.69 2.21 13.96
N PRO A 34 -2.97 2.27 13.74
CA PRO A 34 -3.95 1.63 14.67
C PRO A 34 -3.74 0.12 14.70
N ASN A 35 -4.28 -0.54 15.69
CA ASN A 35 -4.11 -2.03 15.78
C ASN A 35 -2.63 -2.36 15.98
N GLN A 36 -2.25 -3.58 15.71
CA GLN A 36 -0.82 -3.97 15.89
C GLN A 36 0.05 -3.27 14.85
N GLU A 1 4.77 -11.01 -3.49
CA GLU A 1 4.31 -10.90 -2.07
C GLU A 1 3.23 -9.82 -1.95
N ILE A 2 3.05 -9.03 -2.97
CA ILE A 2 2.01 -7.96 -2.91
C ILE A 2 1.09 -8.03 -4.11
N SER A 3 0.01 -7.30 -4.05
CA SER A 3 -0.93 -7.26 -5.20
C SER A 3 -2.08 -6.31 -4.92
N CYS A 4 -2.62 -5.71 -5.95
CA CYS A 4 -3.76 -4.76 -5.76
C CYS A 4 -4.01 -4.00 -7.05
N GLU A 5 -5.15 -3.36 -7.16
CA GLU A 5 -5.45 -2.59 -8.39
C GLU A 5 -4.26 -1.69 -8.73
N PRO A 6 -3.49 -2.12 -9.70
CA PRO A 6 -2.29 -1.34 -10.11
C PRO A 6 -2.69 0.04 -10.66
N GLY A 7 -2.17 1.07 -10.08
CA GLY A 7 -2.50 2.44 -10.57
C GLY A 7 -3.37 3.16 -9.53
N LYS A 8 -3.92 2.43 -8.60
CA LYS A 8 -4.77 3.09 -7.56
C LYS A 8 -4.04 3.14 -6.22
N THR A 9 -4.63 3.79 -5.25
CA THR A 9 -3.99 3.88 -3.92
C THR A 9 -4.72 2.97 -2.93
N PHE A 10 -4.09 2.63 -1.85
CA PHE A 10 -4.74 1.75 -0.86
C PHE A 10 -4.06 1.87 0.50
N LYS A 11 -4.37 1.00 1.40
CA LYS A 11 -3.76 1.10 2.76
C LYS A 11 -2.58 0.14 2.90
N ASP A 12 -2.84 -1.13 3.09
CA ASP A 12 -1.73 -2.10 3.24
C ASP A 12 -0.84 -1.67 4.42
N LYS A 13 0.00 -2.55 4.90
CA LYS A 13 0.87 -2.17 6.06
C LYS A 13 0.03 -1.45 7.11
N CYS A 14 0.61 -0.52 7.82
CA CYS A 14 -0.17 0.20 8.86
C CYS A 14 -0.26 1.70 8.52
N ASN A 15 0.16 2.08 7.34
CA ASN A 15 0.07 3.52 6.97
C ASN A 15 -0.70 3.67 5.67
N THR A 16 -0.11 4.17 4.62
CA THR A 16 -0.89 4.30 3.35
C THR A 16 -0.03 4.02 2.12
N CYS A 17 -0.49 3.16 1.27
CA CYS A 17 0.31 2.83 0.05
C CYS A 17 -0.32 3.38 -1.23
N ARG A 18 0.35 3.14 -2.32
CA ARG A 18 -0.13 3.58 -3.66
C ARG A 18 0.17 2.44 -4.63
N CYS A 19 -0.77 1.54 -4.80
CA CYS A 19 -0.52 0.36 -5.68
C CYS A 19 -0.26 0.81 -7.11
N GLY A 20 0.64 0.15 -7.79
CA GLY A 20 0.92 0.54 -9.19
C GLY A 20 2.25 -0.03 -9.67
N ALA A 21 3.15 -0.33 -8.78
CA ALA A 21 4.48 -0.88 -9.21
C ALA A 21 4.28 -1.90 -10.34
N ASP A 22 3.46 -2.90 -10.13
CA ASP A 22 3.23 -3.91 -11.19
C ASP A 22 2.15 -4.90 -10.76
N GLY A 23 0.98 -4.43 -10.43
CA GLY A 23 -0.10 -5.34 -9.97
C GLY A 23 0.42 -6.26 -8.87
N LYS A 24 1.50 -5.87 -8.24
CA LYS A 24 2.08 -6.71 -7.15
C LYS A 24 3.03 -5.87 -6.30
N SER A 25 2.80 -4.59 -6.23
CA SER A 25 3.69 -3.76 -5.40
C SER A 25 3.15 -2.33 -5.34
N ALA A 26 3.76 -1.48 -4.57
CA ALA A 26 3.25 -0.09 -4.48
C ALA A 26 4.15 0.78 -3.62
N ALA A 27 4.16 2.06 -3.86
CA ALA A 27 4.98 2.96 -2.98
C ALA A 27 4.12 3.32 -1.80
N CYS A 28 4.65 3.35 -0.62
CA CYS A 28 3.79 3.66 0.53
C CYS A 28 4.28 4.84 1.35
N THR A 29 3.66 5.05 2.48
CA THR A 29 4.05 6.19 3.35
C THR A 29 3.92 5.71 4.80
N LEU A 30 4.57 6.40 5.70
CA LEU A 30 4.53 5.98 7.11
C LEU A 30 3.75 6.97 7.98
N LYS A 31 3.44 6.57 9.17
CA LYS A 31 2.67 7.42 10.12
C LYS A 31 2.17 6.54 11.26
N ALA A 32 1.41 7.08 12.16
CA ALA A 32 0.89 6.25 13.29
C ALA A 32 0.36 4.92 12.74
N CYS A 33 0.40 3.88 13.53
CA CYS A 33 -0.09 2.56 13.06
C CYS A 33 -0.94 1.90 14.13
N PRO A 34 -2.04 1.33 13.71
CA PRO A 34 -2.97 0.65 14.65
C PRO A 34 -2.30 -0.55 15.32
N ASN A 35 -2.69 -0.85 16.53
CA ASN A 35 -2.07 -2.00 17.25
C ASN A 35 -1.95 -3.20 16.31
N GLN A 36 -0.89 -3.97 16.45
CA GLN A 36 -0.72 -5.16 15.56
C GLN A 36 -1.79 -6.21 15.87
N GLU A 1 3.58 -12.70 -3.09
CA GLU A 1 4.26 -11.42 -2.74
C GLU A 1 3.24 -10.29 -2.62
N ILE A 2 3.69 -9.06 -2.64
CA ILE A 2 2.73 -7.92 -2.53
C ILE A 2 1.73 -7.97 -3.67
N SER A 3 0.73 -7.15 -3.58
CA SER A 3 -0.28 -7.08 -4.66
C SER A 3 -1.32 -6.00 -4.32
N CYS A 4 -2.01 -5.51 -5.31
CA CYS A 4 -3.03 -4.45 -5.04
C CYS A 4 -3.50 -3.84 -6.35
N GLU A 5 -4.50 -3.00 -6.30
CA GLU A 5 -5.01 -2.37 -7.55
C GLU A 5 -3.83 -1.68 -8.27
N PRO A 6 -3.40 -2.30 -9.34
CA PRO A 6 -2.26 -1.76 -10.12
C PRO A 6 -2.59 -0.40 -10.73
N GLY A 7 -1.86 0.62 -10.37
CA GLY A 7 -2.12 1.97 -10.94
C GLY A 7 -2.86 2.84 -9.92
N LYS A 8 -3.54 2.24 -8.98
CA LYS A 8 -4.28 3.05 -7.99
C LYS A 8 -3.56 3.04 -6.63
N THR A 9 -4.09 3.78 -5.70
CA THR A 9 -3.47 3.83 -4.35
C THR A 9 -4.27 2.95 -3.38
N PHE A 10 -3.71 2.64 -2.24
CA PHE A 10 -4.45 1.79 -1.28
C PHE A 10 -3.85 1.93 0.11
N LYS A 11 -4.23 1.08 1.02
CA LYS A 11 -3.70 1.20 2.41
C LYS A 11 -2.52 0.24 2.62
N ASP A 12 -2.80 -1.01 2.90
CA ASP A 12 -1.69 -1.97 3.13
C ASP A 12 -0.86 -1.49 4.33
N LYS A 13 -0.09 -2.37 4.92
CA LYS A 13 0.71 -1.94 6.11
C LYS A 13 -0.18 -1.17 7.08
N CYS A 14 0.39 -0.41 7.98
CA CYS A 14 -0.46 0.35 8.94
C CYS A 14 -0.49 1.83 8.54
N ASN A 15 -0.12 2.16 7.34
CA ASN A 15 -0.13 3.59 6.93
C ASN A 15 -0.83 3.74 5.57
N THR A 16 -0.16 4.24 4.57
CA THR A 16 -0.87 4.37 3.25
C THR A 16 0.07 4.09 2.08
N CYS A 17 -0.34 3.23 1.19
CA CYS A 17 0.54 2.90 0.02
C CYS A 17 -0.03 3.45 -1.29
N ARG A 18 0.68 3.21 -2.35
CA ARG A 18 0.26 3.64 -3.71
C ARG A 18 0.64 2.50 -4.66
N CYS A 19 -0.28 1.61 -4.95
CA CYS A 19 0.06 0.45 -5.81
C CYS A 19 0.52 0.91 -7.19
N GLY A 20 1.55 0.29 -7.71
CA GLY A 20 2.09 0.70 -9.03
C GLY A 20 1.34 0.02 -10.18
N ALA A 21 1.65 0.38 -11.40
CA ALA A 21 0.97 -0.22 -12.58
C ALA A 21 0.90 -1.74 -12.44
N ASP A 22 1.76 -2.31 -11.65
CA ASP A 22 1.73 -3.78 -11.47
C ASP A 22 1.01 -4.11 -10.16
N GLY A 23 0.22 -5.16 -10.15
CA GLY A 23 -0.50 -5.52 -8.89
C GLY A 23 0.40 -6.36 -8.00
N LYS A 24 1.58 -5.88 -7.69
CA LYS A 24 2.50 -6.66 -6.82
C LYS A 24 3.49 -5.75 -6.08
N SER A 25 3.31 -4.46 -6.15
CA SER A 25 4.26 -3.59 -5.42
C SER A 25 3.68 -2.19 -5.29
N ALA A 26 4.27 -1.35 -4.49
CA ALA A 26 3.71 0.02 -4.34
C ALA A 26 4.59 0.87 -3.42
N ALA A 27 4.59 2.16 -3.62
CA ALA A 27 5.37 3.03 -2.69
C ALA A 27 4.45 3.39 -1.55
N CYS A 28 4.93 3.43 -0.36
CA CYS A 28 3.99 3.73 0.75
C CYS A 28 4.45 4.89 1.63
N THR A 29 3.75 5.11 2.70
CA THR A 29 4.10 6.20 3.64
C THR A 29 3.89 5.67 5.06
N LEU A 30 4.51 6.30 6.00
CA LEU A 30 4.40 5.81 7.40
C LEU A 30 3.52 6.72 8.26
N LYS A 31 3.21 6.25 9.44
CA LYS A 31 2.36 7.01 10.37
C LYS A 31 1.87 6.04 11.46
N ALA A 32 1.37 6.55 12.55
CA ALA A 32 0.91 5.64 13.64
C ALA A 32 0.10 4.48 13.04
N CYS A 33 0.12 3.34 13.68
CA CYS A 33 -0.66 2.18 13.15
C CYS A 33 -1.93 1.98 14.00
N PRO A 34 -3.00 1.63 13.33
CA PRO A 34 -4.29 1.42 14.03
C PRO A 34 -4.19 0.25 15.02
N ASN A 35 -4.03 0.54 16.28
CA ASN A 35 -3.93 -0.54 17.29
C ASN A 35 -5.31 -1.11 17.59
N GLN A 36 -5.51 -2.39 17.38
CA GLN A 36 -6.84 -2.99 17.66
C GLN A 36 -7.17 -2.91 19.14
N GLU A 1 4.68 -11.19 -2.58
CA GLU A 1 4.63 -10.42 -1.30
C GLU A 1 3.50 -9.39 -1.35
N ILE A 2 3.39 -8.66 -2.42
CA ILE A 2 2.31 -7.64 -2.53
C ILE A 2 1.46 -7.89 -3.76
N SER A 3 0.36 -7.20 -3.86
CA SER A 3 -0.52 -7.33 -5.04
C SER A 3 -1.71 -6.37 -4.91
N CYS A 4 -2.23 -5.92 -6.02
CA CYS A 4 -3.41 -5.00 -5.97
C CYS A 4 -3.68 -4.42 -7.36
N GLU A 5 -4.65 -3.55 -7.47
CA GLU A 5 -4.95 -2.93 -8.79
C GLU A 5 -3.88 -1.89 -9.09
N PRO A 6 -3.04 -2.20 -10.03
CA PRO A 6 -1.94 -1.29 -10.41
C PRO A 6 -2.49 0.04 -10.94
N GLY A 7 -1.97 1.13 -10.44
CA GLY A 7 -2.45 2.46 -10.91
C GLY A 7 -3.23 3.16 -9.80
N LYS A 8 -3.78 2.44 -8.85
CA LYS A 8 -4.54 3.12 -7.76
C LYS A 8 -3.75 3.14 -6.45
N THR A 9 -4.32 3.74 -5.45
CA THR A 9 -3.62 3.83 -4.14
C THR A 9 -4.48 3.16 -3.05
N PHE A 10 -3.88 2.85 -1.94
CA PHE A 10 -4.65 2.20 -0.84
C PHE A 10 -3.89 2.32 0.49
N LYS A 11 -4.29 1.54 1.45
CA LYS A 11 -3.63 1.59 2.77
C LYS A 11 -2.64 0.42 2.90
N ASP A 12 -3.12 -0.79 2.72
CA ASP A 12 -2.23 -1.98 2.81
C ASP A 12 -1.55 -2.05 4.18
N LYS A 13 -0.32 -1.61 4.30
CA LYS A 13 0.38 -1.67 5.61
C LYS A 13 -0.42 -0.92 6.67
N CYS A 14 0.23 -0.46 7.70
CA CYS A 14 -0.49 0.28 8.77
C CYS A 14 -0.51 1.78 8.45
N ASN A 15 0.14 2.18 7.40
CA ASN A 15 0.13 3.63 7.04
C ASN A 15 -0.58 3.84 5.71
N THR A 16 0.10 4.27 4.68
CA THR A 16 -0.64 4.46 3.38
C THR A 16 0.22 4.08 2.20
N CYS A 17 -0.25 3.18 1.38
CA CYS A 17 0.54 2.75 0.20
C CYS A 17 -0.09 3.23 -1.12
N ARG A 18 0.57 2.92 -2.21
CA ARG A 18 0.06 3.31 -3.55
C ARG A 18 0.35 2.17 -4.52
N CYS A 19 -0.62 1.37 -4.84
CA CYS A 19 -0.35 0.22 -5.77
C CYS A 19 0.32 0.73 -7.03
N GLY A 20 1.42 0.14 -7.40
CA GLY A 20 2.15 0.61 -8.62
C GLY A 20 1.58 -0.04 -9.88
N ALA A 21 2.01 0.42 -11.03
CA ALA A 21 1.50 -0.15 -12.31
C ALA A 21 1.58 -1.69 -12.26
N ASP A 22 2.43 -2.21 -11.42
CA ASP A 22 2.54 -3.69 -11.30
C ASP A 22 1.54 -4.19 -10.26
N GLY A 23 0.91 -5.31 -10.50
CA GLY A 23 -0.06 -5.84 -9.52
C GLY A 23 0.67 -6.63 -8.44
N LYS A 24 1.74 -6.10 -7.92
CA LYS A 24 2.49 -6.83 -6.86
C LYS A 24 3.37 -5.88 -6.06
N SER A 25 3.07 -4.61 -6.07
CA SER A 25 3.91 -3.69 -5.26
C SER A 25 3.20 -2.36 -5.09
N ALA A 26 3.76 -1.47 -4.32
CA ALA A 26 3.10 -0.15 -4.11
C ALA A 26 3.98 0.74 -3.24
N ALA A 27 4.20 1.97 -3.62
CA ALA A 27 5.03 2.85 -2.76
C ALA A 27 4.20 3.24 -1.54
N CYS A 28 4.77 3.22 -0.39
CA CYS A 28 3.95 3.56 0.80
C CYS A 28 4.56 4.67 1.64
N THR A 29 3.92 4.96 2.73
CA THR A 29 4.41 6.03 3.64
C THR A 29 4.18 5.60 5.07
N LEU A 30 4.80 6.27 6.00
CA LEU A 30 4.67 5.89 7.42
C LEU A 30 3.80 6.86 8.20
N LYS A 31 3.46 6.48 9.40
CA LYS A 31 2.60 7.32 10.28
C LYS A 31 2.03 6.42 11.37
N ALA A 32 1.14 6.92 12.19
CA ALA A 32 0.55 6.08 13.27
C ALA A 32 0.25 4.67 12.75
N CYS A 33 0.26 3.69 13.60
CA CYS A 33 -0.03 2.30 13.14
C CYS A 33 -0.62 1.46 14.28
N PRO A 34 -1.92 1.40 14.31
CA PRO A 34 -2.63 0.63 15.36
C PRO A 34 -2.28 -0.87 15.25
N ASN A 35 -1.66 -1.42 16.26
CA ASN A 35 -1.29 -2.86 16.20
C ASN A 35 -0.43 -3.14 14.96
N GLN A 36 0.12 -4.32 14.87
CA GLN A 36 0.96 -4.65 13.68
C GLN A 36 0.43 -5.90 12.99
N GLU A 1 2.54 -10.62 0.75
CA GLU A 1 3.24 -9.42 0.19
C GLU A 1 2.24 -8.45 -0.45
N ILE A 2 2.68 -7.63 -1.37
CA ILE A 2 1.75 -6.63 -2.01
C ILE A 2 1.01 -7.22 -3.20
N SER A 3 0.06 -6.50 -3.73
CA SER A 3 -0.70 -6.99 -4.91
C SER A 3 -1.65 -5.90 -5.43
N CYS A 4 -2.86 -6.27 -5.74
CA CYS A 4 -3.89 -5.31 -6.25
C CYS A 4 -3.58 -4.90 -7.71
N GLU A 5 -4.49 -4.17 -8.28
CA GLU A 5 -4.33 -3.69 -9.69
C GLU A 5 -3.44 -2.45 -9.70
N PRO A 6 -2.48 -2.44 -10.58
CA PRO A 6 -1.55 -1.30 -10.64
C PRO A 6 -2.28 -0.02 -11.01
N GLY A 7 -1.93 1.08 -10.40
CA GLY A 7 -2.62 2.36 -10.69
C GLY A 7 -3.49 2.74 -9.49
N LYS A 8 -3.82 1.79 -8.64
CA LYS A 8 -4.69 2.11 -7.48
C LYS A 8 -3.88 2.51 -6.24
N THR A 9 -4.55 3.01 -5.26
CA THR A 9 -3.87 3.41 -4.00
C THR A 9 -4.61 2.79 -2.83
N PHE A 10 -3.97 2.67 -1.70
CA PHE A 10 -4.66 2.06 -0.55
C PHE A 10 -3.85 2.25 0.72
N LYS A 11 -4.16 1.47 1.72
CA LYS A 11 -3.44 1.57 3.01
C LYS A 11 -2.37 0.48 3.07
N ASP A 12 -2.78 -0.76 3.05
CA ASP A 12 -1.81 -1.88 3.11
C ASP A 12 -0.84 -1.66 4.28
N LYS A 13 -0.02 -2.63 4.58
CA LYS A 13 0.93 -2.45 5.72
C LYS A 13 0.19 -1.80 6.90
N CYS A 14 0.71 -0.74 7.45
CA CYS A 14 0.01 -0.08 8.59
C CYS A 14 -0.09 1.44 8.37
N ASN A 15 0.36 1.94 7.25
CA ASN A 15 0.28 3.41 7.00
C ASN A 15 -0.50 3.67 5.71
N THR A 16 0.12 4.17 4.68
CA THR A 16 -0.65 4.42 3.42
C THR A 16 0.20 4.08 2.20
N CYS A 17 -0.24 3.16 1.39
CA CYS A 17 0.55 2.77 0.20
C CYS A 17 -0.09 3.24 -1.10
N ARG A 18 0.54 2.87 -2.18
CA ARG A 18 0.03 3.23 -3.53
C ARG A 18 0.26 2.04 -4.45
N CYS A 19 -0.75 1.25 -4.67
CA CYS A 19 -0.58 0.05 -5.53
C CYS A 19 0.30 0.36 -6.76
N GLY A 20 1.46 -0.22 -6.76
CA GLY A 20 2.45 -0.04 -7.86
C GLY A 20 1.80 0.08 -9.26
N ALA A 21 2.62 0.30 -10.24
CA ALA A 21 2.10 0.46 -11.64
C ALA A 21 2.05 -0.87 -12.38
N ASP A 22 2.54 -1.93 -11.80
CA ASP A 22 2.54 -3.23 -12.54
C ASP A 22 1.61 -4.29 -11.92
N GLY A 23 1.45 -4.34 -10.62
CA GLY A 23 0.54 -5.41 -10.09
C GLY A 23 0.73 -5.73 -8.60
N LYS A 24 1.89 -6.18 -8.19
CA LYS A 24 2.05 -6.56 -6.74
C LYS A 24 3.07 -5.72 -6.05
N SER A 25 2.98 -4.46 -6.24
CA SER A 25 3.90 -3.57 -5.54
C SER A 25 3.11 -2.40 -4.96
N ALA A 26 3.74 -1.48 -4.29
CA ALA A 26 2.96 -0.33 -3.71
C ALA A 26 3.87 0.67 -3.00
N ALA A 27 4.14 1.81 -3.60
CA ALA A 27 4.99 2.80 -2.87
C ALA A 27 4.18 3.24 -1.65
N CYS A 28 4.78 3.30 -0.51
CA CYS A 28 3.98 3.65 0.68
C CYS A 28 4.55 4.81 1.46
N THR A 29 3.92 5.09 2.56
CA THR A 29 4.37 6.18 3.45
C THR A 29 4.18 5.72 4.88
N LEU A 30 4.80 6.40 5.80
CA LEU A 30 4.70 5.97 7.22
C LEU A 30 3.86 6.93 8.06
N LYS A 31 3.52 6.50 9.23
CA LYS A 31 2.68 7.32 10.16
C LYS A 31 2.09 6.37 11.20
N ALA A 32 1.23 6.84 12.06
CA ALA A 32 0.64 5.92 13.07
C ALA A 32 0.20 4.62 12.40
N CYS A 33 0.24 3.53 13.12
CA CYS A 33 -0.17 2.23 12.53
C CYS A 33 -1.13 1.49 13.46
N PRO A 34 -2.37 1.83 13.34
CA PRO A 34 -3.43 1.22 14.18
C PRO A 34 -3.56 -0.28 13.89
N ASN A 35 -4.61 -0.89 14.36
CA ASN A 35 -4.80 -2.35 14.12
C ASN A 35 -3.77 -3.16 14.92
N GLN A 36 -3.93 -3.24 16.21
CA GLN A 36 -2.96 -4.01 17.04
C GLN A 36 -3.31 -5.50 17.02
N GLU A 1 4.67 -11.54 -3.13
CA GLU A 1 4.50 -11.07 -1.72
C GLU A 1 3.42 -9.98 -1.66
N ILE A 2 3.49 -9.01 -2.52
CA ILE A 2 2.46 -7.93 -2.51
C ILE A 2 1.53 -8.04 -3.71
N SER A 3 0.49 -7.28 -3.70
CA SER A 3 -0.46 -7.28 -4.84
C SER A 3 -1.57 -6.25 -4.58
N CYS A 4 -2.16 -5.73 -5.62
CA CYS A 4 -3.24 -4.72 -5.44
C CYS A 4 -3.64 -4.13 -6.79
N GLU A 5 -4.45 -3.11 -6.79
CA GLU A 5 -4.85 -2.47 -8.08
C GLU A 5 -3.75 -1.51 -8.53
N PRO A 6 -3.03 -1.92 -9.53
CA PRO A 6 -1.91 -1.10 -10.06
C PRO A 6 -2.41 0.23 -10.62
N GLY A 7 -1.81 1.31 -10.19
CA GLY A 7 -2.24 2.65 -10.70
C GLY A 7 -3.01 3.41 -9.62
N LYS A 8 -3.63 2.70 -8.72
CA LYS A 8 -4.41 3.40 -7.65
C LYS A 8 -3.69 3.36 -6.31
N THR A 9 -4.26 3.99 -5.33
CA THR A 9 -3.63 4.01 -3.98
C THR A 9 -4.43 3.13 -3.02
N PHE A 10 -3.89 2.84 -1.87
CA PHE A 10 -4.61 1.98 -0.91
C PHE A 10 -3.93 2.03 0.44
N LYS A 11 -4.27 1.12 1.32
CA LYS A 11 -3.65 1.15 2.67
C LYS A 11 -2.58 0.06 2.79
N ASP A 12 -2.96 -1.17 2.62
CA ASP A 12 -1.97 -2.30 2.72
C ASP A 12 -1.30 -2.30 4.11
N LYS A 13 -0.12 -1.75 4.22
CA LYS A 13 0.56 -1.74 5.54
C LYS A 13 -0.30 -1.02 6.58
N CYS A 14 0.31 -0.52 7.62
CA CYS A 14 -0.48 0.19 8.66
C CYS A 14 -0.58 1.69 8.34
N ASN A 15 0.05 2.12 7.28
CA ASN A 15 -0.01 3.55 6.92
C ASN A 15 -0.74 3.72 5.58
N THR A 16 -0.10 4.21 4.57
CA THR A 16 -0.83 4.35 3.26
C THR A 16 0.07 4.05 2.08
N CYS A 17 -0.35 3.17 1.23
CA CYS A 17 0.50 2.82 0.05
C CYS A 17 -0.06 3.37 -1.26
N ARG A 18 0.63 3.08 -2.33
CA ARG A 18 0.22 3.52 -3.69
C ARG A 18 0.53 2.37 -4.65
N CYS A 19 -0.41 1.51 -4.89
CA CYS A 19 -0.14 0.34 -5.78
C CYS A 19 0.41 0.81 -7.12
N GLY A 20 1.46 0.17 -7.58
CA GLY A 20 2.09 0.59 -8.87
C GLY A 20 1.48 -0.15 -10.06
N ALA A 21 1.75 0.31 -11.25
CA ALA A 21 1.20 -0.35 -12.47
C ALA A 21 1.26 -1.88 -12.31
N ASP A 22 2.20 -2.36 -11.54
CA ASP A 22 2.31 -3.83 -11.33
C ASP A 22 1.37 -4.24 -10.19
N GLY A 23 0.67 -5.32 -10.34
CA GLY A 23 -0.25 -5.77 -9.26
C GLY A 23 0.52 -6.57 -8.21
N LYS A 24 1.67 -6.09 -7.80
CA LYS A 24 2.46 -6.84 -6.79
C LYS A 24 3.40 -5.91 -6.03
N SER A 25 3.17 -4.62 -6.08
CA SER A 25 4.06 -3.72 -5.31
C SER A 25 3.42 -2.35 -5.19
N ALA A 26 3.99 -1.48 -4.41
CA ALA A 26 3.40 -0.13 -4.26
C ALA A 26 4.27 0.75 -3.36
N ALA A 27 4.41 2.01 -3.69
CA ALA A 27 5.21 2.90 -2.80
C ALA A 27 4.32 3.28 -1.63
N CYS A 28 4.83 3.30 -0.45
CA CYS A 28 3.93 3.62 0.69
C CYS A 28 4.44 4.78 1.52
N THR A 29 3.76 5.04 2.61
CA THR A 29 4.15 6.14 3.51
C THR A 29 3.95 5.65 4.95
N LEU A 30 4.56 6.31 5.87
CA LEU A 30 4.46 5.87 7.29
C LEU A 30 3.69 6.88 8.14
N LYS A 31 3.36 6.47 9.33
CA LYS A 31 2.61 7.34 10.28
C LYS A 31 2.03 6.44 11.37
N ALA A 32 1.25 6.99 12.27
CA ALA A 32 0.67 6.14 13.34
C ALA A 32 0.12 4.83 12.74
N CYS A 33 0.13 3.77 13.50
CA CYS A 33 -0.38 2.47 12.99
C CYS A 33 -1.18 1.76 14.07
N PRO A 34 -2.46 2.03 14.08
CA PRO A 34 -3.37 1.40 15.07
C PRO A 34 -3.42 -0.11 14.88
N ASN A 35 -4.32 -0.78 15.56
CA ASN A 35 -4.43 -2.26 15.41
C ASN A 35 -5.53 -2.61 14.43
N GLN A 36 -5.92 -3.86 14.38
CA GLN A 36 -7.00 -4.26 13.43
C GLN A 36 -8.36 -4.19 14.13
N GLU A 1 5.08 -11.52 -5.64
CA GLU A 1 5.03 -11.36 -4.15
C GLU A 1 3.74 -10.65 -3.74
N ILE A 2 3.70 -9.35 -3.85
CA ILE A 2 2.46 -8.61 -3.48
C ILE A 2 1.54 -8.47 -4.69
N SER A 3 0.43 -7.86 -4.48
CA SER A 3 -0.52 -7.61 -5.59
C SER A 3 -1.70 -6.80 -5.06
N CYS A 4 -2.57 -6.32 -5.91
CA CYS A 4 -3.72 -5.51 -5.41
C CYS A 4 -4.52 -4.95 -6.59
N GLU A 5 -3.87 -4.16 -7.40
CA GLU A 5 -4.52 -3.52 -8.56
C GLU A 5 -3.65 -2.35 -9.00
N PRO A 6 -2.87 -2.60 -10.01
CA PRO A 6 -1.93 -1.57 -10.52
C PRO A 6 -2.66 -0.33 -11.03
N GLY A 7 -2.26 0.82 -10.57
CA GLY A 7 -2.91 2.07 -11.02
C GLY A 7 -3.70 2.70 -9.88
N LYS A 8 -4.01 1.92 -8.86
CA LYS A 8 -4.79 2.50 -7.73
C LYS A 8 -3.90 2.73 -6.51
N THR A 9 -4.39 3.50 -5.58
CA THR A 9 -3.63 3.78 -4.35
C THR A 9 -4.43 3.28 -3.15
N PHE A 10 -3.80 3.06 -2.04
CA PHE A 10 -4.57 2.57 -0.86
C PHE A 10 -3.79 2.81 0.42
N LYS A 11 -4.18 2.13 1.46
CA LYS A 11 -3.49 2.31 2.77
C LYS A 11 -2.60 1.09 3.06
N ASP A 12 -3.19 -0.08 3.10
CA ASP A 12 -2.39 -1.31 3.39
C ASP A 12 -1.60 -1.11 4.68
N LYS A 13 -1.05 -2.15 5.24
CA LYS A 13 -0.28 -1.98 6.51
C LYS A 13 -1.06 -1.07 7.46
N CYS A 14 -0.41 -0.13 8.11
CA CYS A 14 -1.14 0.78 9.01
C CYS A 14 -0.85 2.24 8.66
N ASN A 15 -0.33 2.49 7.49
CA ASN A 15 -0.04 3.89 7.09
C ASN A 15 -0.67 4.19 5.73
N THR A 16 0.10 4.51 4.73
CA THR A 16 -0.55 4.80 3.40
C THR A 16 0.30 4.31 2.23
N CYS A 17 -0.25 3.44 1.43
CA CYS A 17 0.52 2.93 0.26
C CYS A 17 -0.10 3.38 -1.06
N ARG A 18 0.55 3.03 -2.14
CA ARG A 18 0.06 3.38 -3.49
C ARG A 18 0.35 2.19 -4.42
N CYS A 19 -0.64 1.39 -4.72
CA CYS A 19 -0.39 0.22 -5.61
C CYS A 19 0.32 0.69 -6.88
N GLY A 20 1.46 0.12 -7.18
CA GLY A 20 2.24 0.57 -8.37
C GLY A 20 1.61 0.06 -9.67
N ALA A 21 2.01 0.63 -10.78
CA ALA A 21 1.47 0.19 -12.10
C ALA A 21 1.61 -1.33 -12.24
N ASP A 22 2.48 -1.91 -11.47
CA ASP A 22 2.67 -3.38 -11.53
C ASP A 22 1.86 -4.03 -10.41
N GLY A 23 1.34 -5.20 -10.63
CA GLY A 23 0.54 -5.88 -9.56
C GLY A 23 1.49 -6.62 -8.62
N LYS A 24 2.49 -5.96 -8.11
CA LYS A 24 3.45 -6.65 -7.20
C LYS A 24 3.90 -5.74 -6.07
N SER A 25 3.51 -4.49 -6.04
CA SER A 25 3.96 -3.65 -4.91
C SER A 25 3.17 -2.35 -4.83
N ALA A 26 3.68 -1.41 -4.09
CA ALA A 26 2.99 -0.10 -3.93
C ALA A 26 3.84 0.84 -3.09
N ALA A 27 4.14 2.01 -3.57
CA ALA A 27 4.96 2.94 -2.74
C ALA A 27 4.15 3.31 -1.51
N CYS A 28 4.74 3.26 -0.37
CA CYS A 28 3.96 3.58 0.85
C CYS A 28 4.67 4.58 1.75
N THR A 29 4.05 4.90 2.84
CA THR A 29 4.63 5.85 3.81
C THR A 29 4.31 5.34 5.21
N LEU A 30 4.95 5.88 6.19
CA LEU A 30 4.71 5.40 7.58
C LEU A 30 4.16 6.50 8.47
N LYS A 31 3.76 6.12 9.65
CA LYS A 31 3.18 7.08 10.63
C LYS A 31 2.48 6.27 11.73
N ALA A 32 1.98 6.91 12.74
CA ALA A 32 1.29 6.15 13.81
C ALA A 32 0.35 5.11 13.20
N CYS A 33 0.17 4.00 13.84
CA CYS A 33 -0.73 2.94 13.29
C CYS A 33 -1.90 2.71 14.24
N PRO A 34 -3.08 2.79 13.69
CA PRO A 34 -4.32 2.60 14.50
C PRO A 34 -4.38 1.19 15.08
N ASN A 35 -4.97 1.04 16.24
CA ASN A 35 -5.07 -0.29 16.87
C ASN A 35 -5.84 -0.20 18.18
N GLN A 36 -5.37 0.59 19.11
CA GLN A 36 -6.07 0.72 20.41
C GLN A 36 -6.53 -0.64 20.92
N GLU A 1 5.10 -10.98 -3.38
CA GLU A 1 4.47 -10.93 -2.03
C GLU A 1 3.30 -9.94 -2.04
N ILE A 2 3.51 -8.76 -2.56
CA ILE A 2 2.42 -7.75 -2.60
C ILE A 2 1.56 -7.95 -3.84
N SER A 3 0.46 -7.25 -3.89
CA SER A 3 -0.42 -7.34 -5.08
C SER A 3 -1.62 -6.40 -4.91
N CYS A 4 -2.16 -5.92 -6.00
CA CYS A 4 -3.33 -4.99 -5.90
C CYS A 4 -3.64 -4.38 -7.26
N GLU A 5 -4.66 -3.58 -7.34
CA GLU A 5 -5.00 -2.93 -8.64
C GLU A 5 -3.86 -1.98 -9.03
N PRO A 6 -3.13 -2.37 -10.03
CA PRO A 6 -1.99 -1.55 -10.51
C PRO A 6 -2.46 -0.20 -11.04
N GLY A 7 -1.90 0.87 -10.52
CA GLY A 7 -2.31 2.22 -10.99
C GLY A 7 -3.19 2.88 -9.92
N LYS A 8 -3.66 2.12 -8.97
CA LYS A 8 -4.53 2.71 -7.92
C LYS A 8 -3.76 2.86 -6.61
N THR A 9 -4.34 3.52 -5.66
CA THR A 9 -3.66 3.70 -4.35
C THR A 9 -4.50 3.08 -3.23
N PHE A 10 -3.88 2.81 -2.11
CA PHE A 10 -4.64 2.21 -0.98
C PHE A 10 -3.89 2.43 0.33
N LYS A 11 -4.26 1.70 1.35
CA LYS A 11 -3.59 1.85 2.66
C LYS A 11 -2.59 0.70 2.87
N ASP A 12 -3.08 -0.50 2.96
CA ASP A 12 -2.17 -1.66 3.18
C ASP A 12 -1.30 -1.38 4.41
N LYS A 13 -0.56 -2.35 4.87
CA LYS A 13 0.29 -2.13 6.07
C LYS A 13 -0.49 -1.35 7.13
N CYS A 14 0.14 -0.43 7.80
CA CYS A 14 -0.59 0.37 8.84
C CYS A 14 -0.55 1.86 8.51
N ASN A 15 -0.07 2.22 7.35
CA ASN A 15 -0.02 3.66 6.99
C ASN A 15 -0.73 3.90 5.66
N THR A 16 -0.03 4.34 4.64
CA THR A 16 -0.74 4.57 3.34
C THR A 16 0.11 4.16 2.15
N CYS A 17 -0.35 3.26 1.35
CA CYS A 17 0.45 2.83 0.17
C CYS A 17 -0.18 3.27 -1.15
N ARG A 18 0.48 2.96 -2.23
CA ARG A 18 -0.02 3.32 -3.58
C ARG A 18 0.32 2.18 -4.53
N CYS A 19 -0.61 1.33 -4.86
CA CYS A 19 -0.29 0.19 -5.76
C CYS A 19 0.37 0.71 -7.03
N GLY A 20 1.50 0.16 -7.38
CA GLY A 20 2.23 0.64 -8.59
C GLY A 20 1.62 0.06 -9.87
N ALA A 21 2.12 0.48 -11.00
CA ALA A 21 1.59 -0.04 -12.30
C ALA A 21 1.57 -1.57 -12.28
N ASP A 22 2.37 -2.15 -11.43
CA ASP A 22 2.40 -3.64 -11.36
C ASP A 22 1.47 -4.11 -10.24
N GLY A 23 0.79 -5.20 -10.44
CA GLY A 23 -0.14 -5.71 -9.39
C GLY A 23 0.65 -6.53 -8.36
N LYS A 24 1.75 -6.01 -7.88
CA LYS A 24 2.55 -6.77 -6.88
C LYS A 24 3.42 -5.83 -6.06
N SER A 25 3.13 -4.56 -6.06
CA SER A 25 3.96 -3.65 -5.24
C SER A 25 3.24 -2.33 -5.07
N ALA A 26 3.80 -1.43 -4.31
CA ALA A 26 3.13 -0.11 -4.10
C ALA A 26 4.00 0.80 -3.23
N ALA A 27 4.19 2.03 -3.62
CA ALA A 27 5.00 2.94 -2.76
C ALA A 27 4.15 3.31 -1.55
N CYS A 28 4.71 3.32 -0.39
CA CYS A 28 3.88 3.64 0.79
C CYS A 28 4.48 4.74 1.66
N THR A 29 3.81 5.04 2.72
CA THR A 29 4.28 6.08 3.66
C THR A 29 4.08 5.55 5.08
N LEU A 30 4.71 6.16 6.02
CA LEU A 30 4.59 5.67 7.42
C LEU A 30 3.88 6.70 8.31
N LYS A 31 3.55 6.27 9.50
CA LYS A 31 2.84 7.16 10.46
C LYS A 31 2.27 6.27 11.57
N ALA A 32 1.63 6.85 12.55
CA ALA A 32 1.07 6.02 13.65
C ALA A 32 0.37 4.79 13.08
N CYS A 33 0.37 3.70 13.80
CA CYS A 33 -0.28 2.46 13.31
C CYS A 33 -1.09 1.81 14.44
N PRO A 34 -2.39 1.83 14.29
CA PRO A 34 -3.29 1.26 15.31
C PRO A 34 -3.04 -0.24 15.48
N ASN A 35 -2.45 -0.64 16.57
CA ASN A 35 -2.17 -2.08 16.80
C ASN A 35 -2.63 -2.48 18.20
N GLN A 36 -3.17 -1.56 18.96
CA GLN A 36 -3.63 -1.89 20.34
C GLN A 36 -4.99 -2.58 20.28
N GLU A 1 5.90 -10.72 -1.43
CA GLU A 1 5.35 -10.22 -2.72
C GLU A 1 4.10 -9.39 -2.48
N ILE A 2 3.45 -8.95 -3.52
CA ILE A 2 2.23 -8.12 -3.35
C ILE A 2 1.35 -8.19 -4.60
N SER A 3 0.18 -7.67 -4.48
CA SER A 3 -0.76 -7.62 -5.64
C SER A 3 -2.02 -6.86 -5.20
N CYS A 4 -2.75 -6.29 -6.11
CA CYS A 4 -3.97 -5.53 -5.70
C CYS A 4 -4.65 -4.91 -6.92
N GLU A 5 -3.94 -4.12 -7.63
CA GLU A 5 -4.48 -3.43 -8.84
C GLU A 5 -3.56 -2.27 -9.18
N PRO A 6 -2.72 -2.49 -10.15
CA PRO A 6 -1.75 -1.46 -10.56
C PRO A 6 -2.42 -0.20 -11.08
N GLY A 7 -2.06 0.93 -10.53
CA GLY A 7 -2.66 2.21 -10.99
C GLY A 7 -3.53 2.78 -9.88
N LYS A 8 -3.86 1.99 -8.89
CA LYS A 8 -4.72 2.52 -7.79
C LYS A 8 -3.89 2.75 -6.53
N THR A 9 -4.45 3.45 -5.59
CA THR A 9 -3.74 3.72 -4.32
C THR A 9 -4.58 3.23 -3.15
N PHE A 10 -3.98 3.02 -2.01
CA PHE A 10 -4.77 2.53 -0.85
C PHE A 10 -4.01 2.75 0.45
N LYS A 11 -4.42 2.08 1.48
CA LYS A 11 -3.73 2.24 2.79
C LYS A 11 -2.80 1.04 3.03
N ASP A 12 -3.34 -0.14 3.09
CA ASP A 12 -2.49 -1.35 3.33
C ASP A 12 -1.59 -1.12 4.55
N LYS A 13 -0.87 -2.12 4.97
CA LYS A 13 0.02 -1.95 6.15
C LYS A 13 -0.70 -1.12 7.23
N CYS A 14 0.01 -0.26 7.92
CA CYS A 14 -0.65 0.56 8.97
C CYS A 14 -0.53 2.05 8.64
N ASN A 15 -0.09 2.39 7.46
CA ASN A 15 0.05 3.83 7.11
C ASN A 15 -0.65 4.11 5.78
N THR A 16 0.06 4.48 4.75
CA THR A 16 -0.66 4.75 3.45
C THR A 16 0.15 4.28 2.26
N CYS A 17 -0.40 3.41 1.46
CA CYS A 17 0.37 2.91 0.29
C CYS A 17 -0.25 3.36 -1.04
N ARG A 18 0.41 2.99 -2.10
CA ARG A 18 -0.07 3.32 -3.48
C ARG A 18 0.25 2.12 -4.37
N CYS A 19 -0.74 1.32 -4.69
CA CYS A 19 -0.48 0.13 -5.53
C CYS A 19 0.26 0.54 -6.81
N GLY A 20 1.47 0.05 -6.98
CA GLY A 20 2.28 0.42 -8.18
C GLY A 20 1.69 -0.20 -9.44
N ALA A 21 2.05 0.33 -10.58
CA ALA A 21 1.52 -0.22 -11.86
C ALA A 21 2.00 -1.65 -12.09
N ASP A 22 3.09 -2.03 -11.49
CA ASP A 22 3.60 -3.43 -11.69
C ASP A 22 2.50 -4.45 -11.35
N GLY A 23 1.51 -4.03 -10.60
CA GLY A 23 0.40 -4.96 -10.25
C GLY A 23 0.88 -5.96 -9.19
N LYS A 24 1.88 -5.59 -8.42
CA LYS A 24 2.37 -6.53 -7.36
C LYS A 24 3.19 -5.78 -6.33
N SER A 25 2.81 -4.57 -6.04
CA SER A 25 3.54 -3.81 -5.01
C SER A 25 2.85 -2.48 -4.78
N ALA A 26 3.48 -1.58 -4.06
CA ALA A 26 2.84 -0.27 -3.82
C ALA A 26 3.77 0.64 -3.01
N ALA A 27 4.08 1.80 -3.48
CA ALA A 27 4.94 2.70 -2.66
C ALA A 27 4.12 3.14 -1.48
N CYS A 28 4.68 3.12 -0.31
CA CYS A 28 3.87 3.50 0.87
C CYS A 28 4.55 4.57 1.71
N THR A 29 3.91 4.92 2.79
CA THR A 29 4.48 5.94 3.70
C THR A 29 4.25 5.47 5.12
N LEU A 30 4.96 6.04 6.05
CA LEU A 30 4.84 5.61 7.45
C LEU A 30 4.12 6.64 8.31
N LYS A 31 3.75 6.23 9.49
CA LYS A 31 3.02 7.13 10.43
C LYS A 31 2.46 6.27 11.57
N ALA A 32 1.87 6.87 12.55
CA ALA A 32 1.32 6.05 13.67
C ALA A 32 0.58 4.84 13.13
N CYS A 33 0.52 3.76 13.87
CA CYS A 33 -0.19 2.55 13.39
C CYS A 33 -1.05 1.97 14.51
N PRO A 34 -2.26 1.60 14.16
CA PRO A 34 -3.21 1.03 15.15
C PRO A 34 -2.69 -0.28 15.73
N ASN A 35 -3.32 -0.77 16.77
CA ASN A 35 -2.87 -2.05 17.38
C ASN A 35 -1.44 -1.91 17.90
N GLN A 36 -1.27 -1.48 19.12
CA GLN A 36 0.09 -1.33 19.69
C GLN A 36 0.11 -1.72 21.16
N GLU A 1 5.36 -10.62 -3.08
CA GLU A 1 4.75 -10.47 -1.72
C GLU A 1 3.55 -9.52 -1.78
N ILE A 2 3.71 -8.38 -2.38
CA ILE A 2 2.57 -7.41 -2.48
C ILE A 2 1.69 -7.74 -3.67
N SER A 3 0.56 -7.09 -3.74
CA SER A 3 -0.34 -7.30 -4.90
C SER A 3 -1.57 -6.40 -4.77
N CYS A 4 -2.08 -5.92 -5.87
CA CYS A 4 -3.28 -5.03 -5.82
C CYS A 4 -3.60 -4.48 -7.21
N GLU A 5 -4.58 -3.63 -7.31
CA GLU A 5 -4.93 -3.05 -8.64
C GLU A 5 -3.84 -2.04 -9.02
N PRO A 6 -3.07 -2.41 -10.00
CA PRO A 6 -1.96 -1.51 -10.47
C PRO A 6 -2.52 -0.21 -11.03
N GLY A 7 -2.03 0.90 -10.54
CA GLY A 7 -2.51 2.21 -11.03
C GLY A 7 -3.39 2.87 -9.97
N LYS A 8 -3.81 2.10 -8.99
CA LYS A 8 -4.67 2.69 -7.91
C LYS A 8 -3.86 2.87 -6.63
N THR A 9 -4.44 3.53 -5.67
CA THR A 9 -3.73 3.75 -4.39
C THR A 9 -4.54 3.17 -3.23
N PHE A 10 -3.90 2.93 -2.12
CA PHE A 10 -4.63 2.37 -0.96
C PHE A 10 -3.84 2.61 0.32
N LYS A 11 -4.18 1.90 1.36
CA LYS A 11 -3.45 2.07 2.65
C LYS A 11 -2.53 0.87 2.88
N ASP A 12 -3.09 -0.32 2.92
CA ASP A 12 -2.26 -1.53 3.15
C ASP A 12 -1.43 -1.34 4.42
N LYS A 13 -0.84 -2.39 4.93
CA LYS A 13 -0.04 -2.25 6.18
C LYS A 13 -0.80 -1.39 7.19
N CYS A 14 -0.14 -0.45 7.83
CA CYS A 14 -0.86 0.41 8.80
C CYS A 14 -0.64 1.89 8.48
N ASN A 15 -0.20 2.21 7.29
CA ASN A 15 0.01 3.64 6.95
C ASN A 15 -0.65 3.96 5.61
N THR A 16 0.10 4.35 4.60
CA THR A 16 -0.59 4.66 3.30
C THR A 16 0.25 4.22 2.10
N CYS A 17 -0.28 3.37 1.28
CA CYS A 17 0.49 2.91 0.09
C CYS A 17 -0.18 3.35 -1.22
N ARG A 18 0.46 3.05 -2.31
CA ARG A 18 -0.08 3.40 -3.66
C ARG A 18 0.24 2.26 -4.61
N CYS A 19 -0.71 1.40 -4.90
CA CYS A 19 -0.42 0.26 -5.81
C CYS A 19 0.24 0.76 -7.10
N GLY A 20 1.34 0.17 -7.48
CA GLY A 20 2.05 0.64 -8.71
C GLY A 20 1.52 -0.06 -9.96
N ALA A 21 1.90 0.41 -11.11
CA ALA A 21 1.44 -0.22 -12.38
C ALA A 21 1.54 -1.74 -12.29
N ASP A 22 2.40 -2.24 -11.44
CA ASP A 22 2.54 -3.72 -11.31
C ASP A 22 1.55 -4.21 -10.25
N GLY A 23 0.95 -5.35 -10.47
CA GLY A 23 -0.02 -5.88 -9.48
C GLY A 23 0.74 -6.64 -8.39
N LYS A 24 1.80 -6.07 -7.88
CA LYS A 24 2.58 -6.76 -6.81
C LYS A 24 3.46 -5.77 -6.06
N SER A 25 3.11 -4.51 -6.07
CA SER A 25 3.94 -3.55 -5.32
C SER A 25 3.19 -2.24 -5.14
N ALA A 26 3.74 -1.32 -4.40
CA ALA A 26 3.04 -0.02 -4.20
C ALA A 26 3.90 0.91 -3.34
N ALA A 27 4.09 2.13 -3.76
CA ALA A 27 4.89 3.06 -2.92
C ALA A 27 4.08 3.38 -1.67
N CYS A 28 4.70 3.35 -0.53
CA CYS A 28 3.92 3.63 0.70
C CYS A 28 4.62 4.62 1.61
N THR A 29 3.99 4.90 2.72
CA THR A 29 4.57 5.84 3.70
C THR A 29 4.29 5.30 5.09
N LEU A 30 4.95 5.84 6.08
CA LEU A 30 4.76 5.33 7.45
C LEU A 30 4.07 6.36 8.35
N LYS A 31 3.67 5.92 9.51
CA LYS A 31 2.97 6.81 10.48
C LYS A 31 2.39 5.93 11.58
N ALA A 32 1.88 6.51 12.63
CA ALA A 32 1.30 5.68 13.73
C ALA A 32 0.45 4.56 13.13
N CYS A 33 0.34 3.44 13.81
CA CYS A 33 -0.49 2.33 13.28
C CYS A 33 -1.49 1.87 14.34
N PRO A 34 -2.68 1.55 13.89
CA PRO A 34 -3.77 1.11 14.80
C PRO A 34 -3.40 -0.20 15.50
N ASN A 35 -3.81 -0.36 16.73
CA ASN A 35 -3.49 -1.61 17.48
C ASN A 35 -1.98 -1.81 17.57
N GLN A 36 -1.51 -2.39 18.64
CA GLN A 36 -0.04 -2.62 18.78
C GLN A 36 0.25 -4.13 18.85
N GLU A 1 5.76 -10.78 -0.83
CA GLU A 1 5.15 -10.50 -2.16
C GLU A 1 4.03 -9.45 -2.02
N ILE A 2 3.42 -9.08 -3.11
CA ILE A 2 2.32 -8.07 -3.03
C ILE A 2 1.41 -8.18 -4.26
N SER A 3 0.32 -7.48 -4.22
CA SER A 3 -0.62 -7.48 -5.37
C SER A 3 -1.79 -6.53 -5.08
N CYS A 4 -2.30 -5.88 -6.07
CA CYS A 4 -3.44 -4.95 -5.84
C CYS A 4 -3.80 -4.18 -7.11
N GLU A 5 -4.86 -3.44 -7.07
CA GLU A 5 -5.26 -2.64 -8.27
C GLU A 5 -4.04 -1.87 -8.78
N PRO A 6 -3.47 -2.37 -9.84
CA PRO A 6 -2.27 -1.72 -10.42
C PRO A 6 -2.58 -0.31 -10.91
N GLY A 7 -1.84 0.66 -10.44
CA GLY A 7 -2.07 2.06 -10.89
C GLY A 7 -2.93 2.79 -9.86
N LYS A 8 -3.45 2.09 -8.89
CA LYS A 8 -4.29 2.77 -7.86
C LYS A 8 -3.54 2.92 -6.54
N THR A 9 -4.18 3.52 -5.58
CA THR A 9 -3.53 3.73 -4.26
C THR A 9 -4.37 3.10 -3.15
N PHE A 10 -3.76 2.79 -2.05
CA PHE A 10 -4.53 2.20 -0.90
C PHE A 10 -3.77 2.40 0.40
N LYS A 11 -4.14 1.67 1.41
CA LYS A 11 -3.45 1.82 2.72
C LYS A 11 -2.48 0.65 2.94
N ASP A 12 -2.99 -0.55 3.04
CA ASP A 12 -2.09 -1.72 3.26
C ASP A 12 -1.17 -1.44 4.45
N LYS A 13 -0.39 -2.40 4.87
CA LYS A 13 0.50 -2.15 6.04
C LYS A 13 -0.27 -1.41 7.14
N CYS A 14 0.36 -0.48 7.81
CA CYS A 14 -0.36 0.27 8.88
C CYS A 14 -0.39 1.77 8.56
N ASN A 15 0.09 2.16 7.40
CA ASN A 15 0.08 3.62 7.06
C ASN A 15 -0.61 3.84 5.71
N THR A 16 0.08 4.27 4.69
CA THR A 16 -0.63 4.48 3.39
C THR A 16 0.25 4.06 2.22
N CYS A 17 -0.22 3.15 1.41
CA CYS A 17 0.59 2.69 0.25
C CYS A 17 -0.02 3.13 -1.07
N ARG A 18 0.64 2.81 -2.15
CA ARG A 18 0.15 3.16 -3.51
C ARG A 18 0.47 2.00 -4.45
N CYS A 19 -0.49 1.20 -4.79
CA CYS A 19 -0.20 0.04 -5.69
C CYS A 19 0.47 0.54 -6.97
N GLY A 20 1.67 0.09 -7.23
CA GLY A 20 2.41 0.55 -8.44
C GLY A 20 1.67 0.18 -9.72
N ALA A 21 2.11 0.69 -10.83
CA ALA A 21 1.44 0.37 -12.13
C ALA A 21 1.25 -1.13 -12.25
N ASP A 22 2.02 -1.90 -11.54
CA ASP A 22 1.87 -3.38 -11.60
C ASP A 22 1.03 -3.86 -10.42
N GLY A 23 0.29 -4.92 -10.60
CA GLY A 23 -0.55 -5.43 -9.48
C GLY A 23 0.29 -6.36 -8.59
N LYS A 24 1.41 -5.89 -8.10
CA LYS A 24 2.27 -6.75 -7.24
C LYS A 24 3.19 -5.91 -6.38
N SER A 25 2.92 -4.65 -6.23
CA SER A 25 3.81 -3.83 -5.38
C SER A 25 3.14 -2.49 -5.08
N ALA A 26 3.78 -1.65 -4.31
CA ALA A 26 3.16 -0.33 -3.99
C ALA A 26 4.08 0.50 -3.11
N ALA A 27 4.32 1.74 -3.47
CA ALA A 27 5.18 2.58 -2.59
C ALA A 27 4.33 3.03 -1.41
N CYS A 28 4.87 3.02 -0.23
CA CYS A 28 4.03 3.40 0.92
C CYS A 28 4.65 4.53 1.74
N THR A 29 3.99 4.86 2.81
CA THR A 29 4.49 5.94 3.69
C THR A 29 4.20 5.55 5.13
N LEU A 30 4.82 6.23 6.05
CA LEU A 30 4.64 5.89 7.47
C LEU A 30 3.74 6.90 8.18
N LYS A 31 3.35 6.56 9.38
CA LYS A 31 2.46 7.43 10.19
C LYS A 31 1.83 6.57 11.28
N ALA A 32 0.92 7.11 12.05
CA ALA A 32 0.28 6.29 13.12
C ALA A 32 -0.09 4.91 12.57
N CYS A 33 -0.10 3.91 13.40
CA CYS A 33 -0.46 2.55 12.93
C CYS A 33 -1.29 1.82 13.98
N PRO A 34 -2.56 1.66 13.68
CA PRO A 34 -3.49 0.97 14.61
C PRO A 34 -3.06 -0.49 14.84
N ASN A 35 -3.70 -1.17 15.75
CA ASN A 35 -3.33 -2.59 16.02
C ASN A 35 -3.94 -3.50 14.95
N GLN A 36 -3.14 -4.30 14.30
CA GLN A 36 -3.67 -5.20 13.25
C GLN A 36 -4.65 -4.45 12.35
N GLU A 1 4.30 -10.65 -1.79
CA GLU A 1 4.60 -9.53 -0.84
C GLU A 1 3.61 -8.38 -1.02
N ILE A 2 3.31 -8.02 -2.24
CA ILE A 2 2.35 -6.91 -2.47
C ILE A 2 1.42 -7.25 -3.63
N SER A 3 0.43 -6.44 -3.85
CA SER A 3 -0.50 -6.69 -4.97
C SER A 3 -1.57 -5.58 -5.06
N CYS A 4 -2.78 -5.97 -5.30
CA CYS A 4 -3.93 -5.00 -5.40
C CYS A 4 -4.00 -4.36 -6.80
N GLU A 5 -4.97 -3.53 -6.97
CA GLU A 5 -5.16 -2.83 -8.29
C GLU A 5 -3.95 -1.93 -8.58
N PRO A 6 -3.16 -2.37 -9.51
CA PRO A 6 -1.96 -1.61 -9.91
C PRO A 6 -2.33 -0.24 -10.49
N GLY A 7 -1.66 0.79 -10.07
CA GLY A 7 -1.96 2.15 -10.61
C GLY A 7 -2.76 2.97 -9.60
N LYS A 8 -3.40 2.34 -8.65
CA LYS A 8 -4.19 3.14 -7.66
C LYS A 8 -3.49 3.21 -6.30
N THR A 9 -4.06 3.98 -5.40
CA THR A 9 -3.48 4.12 -4.05
C THR A 9 -4.32 3.31 -3.06
N PHE A 10 -3.82 3.04 -1.89
CA PHE A 10 -4.61 2.23 -0.93
C PHE A 10 -3.87 2.15 0.40
N LYS A 11 -4.24 1.23 1.23
CA LYS A 11 -3.56 1.10 2.55
C LYS A 11 -2.49 0.00 2.47
N ASP A 12 -2.90 -1.25 2.55
CA ASP A 12 -1.95 -2.40 2.48
C ASP A 12 -1.21 -2.60 3.80
N LYS A 13 -0.84 -1.55 4.47
CA LYS A 13 -0.13 -1.70 5.76
C LYS A 13 -0.78 -0.84 6.84
N CYS A 14 -0.05 -0.49 7.86
CA CYS A 14 -0.64 0.35 8.93
C CYS A 14 -0.58 1.83 8.55
N ASN A 15 -0.05 2.13 7.39
CA ASN A 15 0.02 3.53 6.95
C ASN A 15 -0.66 3.69 5.60
N THR A 16 0.03 4.13 4.59
CA THR A 16 -0.67 4.27 3.26
C THR A 16 0.24 3.93 2.10
N CYS A 17 -0.21 3.09 1.22
CA CYS A 17 0.63 2.70 0.05
C CYS A 17 0.15 3.33 -1.27
N ARG A 18 0.81 2.94 -2.32
CA ARG A 18 0.47 3.44 -3.68
C ARG A 18 0.61 2.27 -4.65
N CYS A 19 -0.41 1.47 -4.76
CA CYS A 19 -0.36 0.29 -5.66
C CYS A 19 0.14 0.75 -7.03
N GLY A 20 1.21 0.18 -7.51
CA GLY A 20 1.78 0.65 -8.82
C GLY A 20 1.27 -0.16 -10.00
N ALA A 21 1.58 0.30 -11.20
CA ALA A 21 1.12 -0.42 -12.43
C ALA A 21 1.34 -1.92 -12.29
N ASP A 22 2.26 -2.32 -11.46
CA ASP A 22 2.48 -3.78 -11.27
C ASP A 22 1.46 -4.33 -10.29
N GLY A 23 0.91 -5.49 -10.55
CA GLY A 23 -0.11 -6.05 -9.62
C GLY A 23 0.60 -6.75 -8.45
N LYS A 24 1.66 -6.16 -7.94
CA LYS A 24 2.39 -6.79 -6.81
C LYS A 24 3.36 -5.80 -6.19
N SER A 25 3.08 -4.53 -6.28
CA SER A 25 4.00 -3.56 -5.66
C SER A 25 3.25 -2.26 -5.38
N ALA A 26 3.82 -1.40 -4.61
CA ALA A 26 3.14 -0.11 -4.30
C ALA A 26 4.02 0.76 -3.40
N ALA A 27 4.30 1.97 -3.80
CA ALA A 27 5.12 2.83 -2.90
C ALA A 27 4.28 3.19 -1.70
N CYS A 28 4.82 3.11 -0.53
CA CYS A 28 3.99 3.39 0.65
C CYS A 28 4.56 4.51 1.51
N THR A 29 3.95 4.73 2.63
CA THR A 29 4.41 5.81 3.55
C THR A 29 4.15 5.36 4.98
N LEU A 30 4.78 6.02 5.90
CA LEU A 30 4.64 5.64 7.32
C LEU A 30 3.74 6.63 8.08
N LYS A 31 3.36 6.24 9.27
CA LYS A 31 2.46 7.08 10.10
C LYS A 31 1.98 6.21 11.27
N ALA A 32 1.22 6.77 12.18
CA ALA A 32 0.74 5.95 13.31
C ALA A 32 0.21 4.60 12.79
N CYS A 33 0.28 3.58 13.60
CA CYS A 33 -0.20 2.25 13.14
C CYS A 33 -1.01 1.57 14.26
N PRO A 34 -2.15 1.06 13.89
CA PRO A 34 -3.05 0.38 14.86
C PRO A 34 -2.37 -0.87 15.44
N ASN A 35 -2.74 -1.25 16.63
CA ASN A 35 -2.12 -2.45 17.25
C ASN A 35 -3.05 -3.03 18.33
N GLN A 36 -3.27 -2.29 19.38
CA GLN A 36 -4.17 -2.80 20.46
C GLN A 36 -4.66 -1.63 21.33
N GLU A 1 6.05 -10.67 -1.35
CA GLU A 1 5.39 -10.30 -2.64
C GLU A 1 4.31 -9.24 -2.40
N ILE A 2 3.57 -8.90 -3.42
CA ILE A 2 2.50 -7.88 -3.26
C ILE A 2 1.49 -7.97 -4.39
N SER A 3 0.41 -7.28 -4.26
CA SER A 3 -0.62 -7.27 -5.33
C SER A 3 -1.78 -6.34 -4.95
N CYS A 4 -2.39 -5.73 -5.92
CA CYS A 4 -3.54 -4.82 -5.64
C CYS A 4 -3.87 -3.99 -6.87
N GLU A 5 -5.02 -3.39 -6.87
CA GLU A 5 -5.42 -2.55 -8.05
C GLU A 5 -4.24 -1.66 -8.45
N PRO A 6 -3.54 -2.08 -9.47
CA PRO A 6 -2.36 -1.32 -9.94
C PRO A 6 -2.75 0.07 -10.45
N GLY A 7 -2.05 1.09 -10.02
CA GLY A 7 -2.36 2.46 -10.47
C GLY A 7 -3.14 3.21 -9.38
N LYS A 8 -3.69 2.50 -8.45
CA LYS A 8 -4.47 3.18 -7.38
C LYS A 8 -3.70 3.20 -6.06
N THR A 9 -4.21 3.90 -5.09
CA THR A 9 -3.54 3.97 -3.76
C THR A 9 -4.32 3.12 -2.77
N PHE A 10 -3.76 2.86 -1.62
CA PHE A 10 -4.47 2.03 -0.63
C PHE A 10 -3.78 2.12 0.72
N LYS A 11 -4.10 1.24 1.62
CA LYS A 11 -3.45 1.31 2.97
C LYS A 11 -2.50 0.14 3.14
N ASP A 12 -2.95 -1.06 2.87
CA ASP A 12 -2.06 -2.24 3.03
C ASP A 12 -1.50 -2.29 4.46
N LYS A 13 -0.29 -1.82 4.66
CA LYS A 13 0.29 -1.83 6.03
C LYS A 13 -0.60 -1.01 6.98
N CYS A 14 -0.03 -0.41 7.98
CA CYS A 14 -0.86 0.40 8.91
C CYS A 14 -0.76 1.89 8.54
N ASN A 15 -0.11 2.21 7.45
CA ASN A 15 0.01 3.63 7.04
C ASN A 15 -0.63 3.81 5.68
N THR A 16 0.09 4.21 4.67
CA THR A 16 -0.58 4.37 3.34
C THR A 16 0.33 4.00 2.19
N CYS A 17 -0.14 3.13 1.34
CA CYS A 17 0.68 2.69 0.17
C CYS A 17 0.12 3.24 -1.14
N ARG A 18 0.79 2.91 -2.21
CA ARG A 18 0.34 3.34 -3.56
C ARG A 18 0.59 2.18 -4.53
N CYS A 19 -0.40 1.34 -4.74
CA CYS A 19 -0.20 0.17 -5.63
C CYS A 19 0.25 0.65 -7.01
N GLY A 20 1.33 0.10 -7.50
CA GLY A 20 1.87 0.52 -8.83
C GLY A 20 1.21 -0.26 -9.98
N ALA A 21 1.62 0.03 -11.18
CA ALA A 21 1.03 -0.67 -12.37
C ALA A 21 1.44 -2.15 -12.38
N ASP A 22 2.48 -2.49 -11.68
CA ASP A 22 2.95 -3.91 -11.65
C ASP A 22 1.88 -4.83 -11.04
N GLY A 23 0.82 -4.28 -10.52
CA GLY A 23 -0.24 -5.14 -9.91
C GLY A 23 0.40 -6.09 -8.90
N LYS A 24 1.57 -5.77 -8.42
CA LYS A 24 2.24 -6.66 -7.43
C LYS A 24 3.26 -5.87 -6.61
N SER A 25 2.99 -4.62 -6.38
CA SER A 25 3.94 -3.83 -5.57
C SER A 25 3.33 -2.46 -5.30
N ALA A 26 3.96 -1.65 -4.50
CA ALA A 26 3.38 -0.32 -4.21
C ALA A 26 4.31 0.49 -3.30
N ALA A 27 4.46 1.76 -3.56
CA ALA A 27 5.32 2.59 -2.67
C ALA A 27 4.46 3.00 -1.48
N CYS A 28 4.99 2.99 -0.31
CA CYS A 28 4.14 3.35 0.85
C CYS A 28 4.75 4.45 1.71
N THR A 29 4.09 4.74 2.79
CA THR A 29 4.59 5.79 3.71
C THR A 29 4.26 5.35 5.14
N LEU A 30 4.87 5.98 6.09
CA LEU A 30 4.64 5.58 7.50
C LEU A 30 4.01 6.72 8.30
N LYS A 31 3.56 6.40 9.49
CA LYS A 31 2.91 7.40 10.38
C LYS A 31 2.09 6.65 11.42
N ALA A 32 1.29 7.33 12.19
CA ALA A 32 0.47 6.61 13.21
C ALA A 32 -0.14 5.37 12.59
N CYS A 33 -0.40 4.35 13.37
CA CYS A 33 -0.99 3.12 12.80
C CYS A 33 -2.16 2.64 13.67
N PRO A 34 -3.22 2.24 13.02
CA PRO A 34 -4.44 1.76 13.73
C PRO A 34 -4.13 0.52 14.55
N ASN A 35 -4.45 0.54 15.82
CA ASN A 35 -4.20 -0.65 16.68
C ASN A 35 -5.31 -0.80 17.71
N GLN A 36 -6.53 -0.55 17.32
CA GLN A 36 -7.67 -0.68 18.27
C GLN A 36 -8.10 -2.14 18.39
N GLU A 1 4.24 -12.01 -3.59
CA GLU A 1 4.46 -11.38 -2.25
C GLU A 1 3.47 -10.24 -2.04
N ILE A 2 3.48 -9.26 -2.90
CA ILE A 2 2.53 -8.12 -2.75
C ILE A 2 1.53 -8.10 -3.89
N SER A 3 0.53 -7.27 -3.77
CA SER A 3 -0.48 -7.14 -4.84
C SER A 3 -1.49 -6.07 -4.46
N CYS A 4 -2.15 -5.49 -5.43
CA CYS A 4 -3.15 -4.42 -5.11
C CYS A 4 -3.59 -3.71 -6.39
N GLU A 5 -4.60 -2.90 -6.29
CA GLU A 5 -5.09 -2.18 -7.50
C GLU A 5 -3.89 -1.56 -8.23
N PRO A 6 -3.50 -2.21 -9.29
CA PRO A 6 -2.35 -1.74 -10.09
C PRO A 6 -2.62 -0.37 -10.72
N GLY A 7 -1.89 0.64 -10.29
CA GLY A 7 -2.10 2.00 -10.87
C GLY A 7 -2.78 2.90 -9.85
N LYS A 8 -3.49 2.34 -8.91
CA LYS A 8 -4.18 3.19 -7.90
C LYS A 8 -3.47 3.15 -6.54
N THR A 9 -4.01 3.84 -5.58
CA THR A 9 -3.39 3.85 -4.23
C THR A 9 -4.20 2.96 -3.29
N PHE A 10 -3.66 2.59 -2.16
CA PHE A 10 -4.42 1.74 -1.22
C PHE A 10 -3.82 1.81 0.18
N LYS A 11 -4.24 0.96 1.05
CA LYS A 11 -3.72 1.00 2.45
C LYS A 11 -2.51 0.09 2.61
N ASP A 12 -2.73 -1.16 2.91
CA ASP A 12 -1.58 -2.10 3.10
C ASP A 12 -0.70 -1.59 4.25
N LYS A 13 -0.11 -2.47 5.00
CA LYS A 13 0.74 -2.02 6.14
C LYS A 13 -0.13 -1.26 7.15
N CYS A 14 0.47 -0.45 7.98
CA CYS A 14 -0.35 0.31 8.97
C CYS A 14 -0.40 1.80 8.61
N ASN A 15 -0.01 2.14 7.41
CA ASN A 15 -0.06 3.57 7.00
C ASN A 15 -0.74 3.70 5.65
N THR A 16 -0.09 4.19 4.64
CA THR A 16 -0.80 4.29 3.31
C THR A 16 0.15 4.01 2.16
N CYS A 17 -0.26 3.15 1.27
CA CYS A 17 0.62 2.82 0.11
C CYS A 17 0.05 3.36 -1.21
N ARG A 18 0.78 3.11 -2.27
CA ARG A 18 0.35 3.54 -3.62
C ARG A 18 0.70 2.40 -4.57
N CYS A 19 -0.23 1.54 -4.88
CA CYS A 19 0.09 0.38 -5.74
C CYS A 19 0.57 0.84 -7.12
N GLY A 20 1.63 0.25 -7.61
CA GLY A 20 2.19 0.67 -8.92
C GLY A 20 1.38 0.08 -10.08
N ALA A 21 1.70 0.49 -11.29
CA ALA A 21 0.96 -0.03 -12.48
C ALA A 21 0.83 -1.55 -12.39
N ASP A 22 1.70 -2.19 -11.66
CA ASP A 22 1.61 -3.66 -11.52
C ASP A 22 0.89 -4.01 -10.22
N GLY A 23 0.07 -5.03 -10.24
CA GLY A 23 -0.67 -5.40 -8.99
C GLY A 23 0.22 -6.31 -8.13
N LYS A 24 1.39 -5.86 -7.78
CA LYS A 24 2.29 -6.71 -6.94
C LYS A 24 3.31 -5.85 -6.19
N SER A 25 3.15 -4.56 -6.17
CA SER A 25 4.13 -3.74 -5.41
C SER A 25 3.60 -2.32 -5.24
N ALA A 26 4.23 -1.53 -4.44
CA ALA A 26 3.73 -0.14 -4.26
C ALA A 26 4.64 0.67 -3.34
N ALA A 27 4.67 1.97 -3.50
CA ALA A 27 5.49 2.80 -2.58
C ALA A 27 4.57 3.21 -1.45
N CYS A 28 5.03 3.26 -0.24
CA CYS A 28 4.09 3.60 0.85
C CYS A 28 4.55 4.79 1.69
N THR A 29 3.84 5.04 2.74
CA THR A 29 4.19 6.17 3.64
C THR A 29 3.94 5.73 5.08
N LEU A 30 4.52 6.42 6.00
CA LEU A 30 4.38 6.04 7.42
C LEU A 30 3.45 6.99 8.18
N LYS A 31 3.08 6.59 9.37
CA LYS A 31 2.17 7.40 10.22
C LYS A 31 1.61 6.48 11.30
N ALA A 32 0.73 6.97 12.14
CA ALA A 32 0.17 6.08 13.20
C ALA A 32 -0.21 4.72 12.59
N CYS A 33 -0.16 3.68 13.37
CA CYS A 33 -0.51 2.34 12.82
C CYS A 33 -1.68 1.73 13.60
N PRO A 34 -2.85 2.05 13.15
CA PRO A 34 -4.10 1.55 13.79
C PRO A 34 -4.19 0.04 13.70
N ASN A 35 -3.74 -0.66 14.70
CA ASN A 35 -3.81 -2.15 14.67
C ASN A 35 -4.61 -2.67 15.87
N GLN A 36 -5.41 -3.68 15.67
CA GLN A 36 -6.21 -4.22 16.80
C GLN A 36 -7.08 -3.12 17.41
N GLU A 1 3.29 -13.14 -4.95
CA GLU A 1 3.75 -11.98 -4.14
C GLU A 1 2.59 -10.99 -3.92
N ILE A 2 2.88 -9.72 -3.87
CA ILE A 2 1.80 -8.72 -3.66
C ILE A 2 0.94 -8.58 -4.91
N SER A 3 -0.15 -7.89 -4.78
CA SER A 3 -1.02 -7.66 -5.95
C SER A 3 -2.20 -6.76 -5.56
N CYS A 4 -2.80 -6.10 -6.51
CA CYS A 4 -3.94 -5.20 -6.19
C CYS A 4 -4.46 -4.51 -7.44
N GLU A 5 -4.97 -3.33 -7.28
CA GLU A 5 -5.42 -2.52 -8.44
C GLU A 5 -4.35 -1.45 -8.64
N PRO A 6 -3.46 -1.71 -9.56
CA PRO A 6 -2.33 -0.79 -9.82
C PRO A 6 -2.80 0.60 -10.24
N GLY A 7 -2.32 1.60 -9.56
CA GLY A 7 -2.72 2.99 -9.90
C GLY A 7 -3.54 3.59 -8.76
N LYS A 8 -4.02 2.77 -7.87
CA LYS A 8 -4.83 3.31 -6.73
C LYS A 8 -4.01 3.26 -5.44
N THR A 9 -4.56 3.77 -4.37
CA THR A 9 -3.84 3.75 -3.07
C THR A 9 -4.52 2.75 -2.14
N PHE A 10 -3.87 2.36 -1.08
CA PHE A 10 -4.49 1.39 -0.16
C PHE A 10 -3.82 1.48 1.21
N LYS A 11 -4.07 0.54 2.06
CA LYS A 11 -3.47 0.61 3.42
C LYS A 11 -2.13 -0.14 3.46
N ASP A 12 -2.17 -1.44 3.52
CA ASP A 12 -0.89 -2.21 3.58
C ASP A 12 -0.14 -1.82 4.85
N LYS A 13 0.10 -2.75 5.74
CA LYS A 13 0.81 -2.40 7.00
C LYS A 13 -0.09 -1.49 7.85
N CYS A 14 0.47 -0.45 8.43
CA CYS A 14 -0.37 0.47 9.24
C CYS A 14 -0.24 1.91 8.74
N ASN A 15 0.48 2.12 7.67
CA ASN A 15 0.65 3.47 7.12
C ASN A 15 -0.20 3.57 5.85
N THR A 16 0.30 4.11 4.79
CA THR A 16 -0.53 4.15 3.54
C THR A 16 0.33 3.95 2.30
N CYS A 17 -0.02 3.01 1.48
CA CYS A 17 0.78 2.72 0.27
C CYS A 17 0.07 3.08 -1.04
N ARG A 18 0.79 3.50 -2.02
CA ARG A 18 0.18 3.79 -3.34
C ARG A 18 0.46 2.57 -4.22
N CYS A 19 -0.49 1.68 -4.34
CA CYS A 19 -0.24 0.45 -5.14
C CYS A 19 -0.09 0.78 -6.62
N GLY A 20 0.72 0.02 -7.32
CA GLY A 20 0.91 0.30 -8.76
C GLY A 20 2.31 -0.09 -9.22
N ALA A 21 3.19 -0.39 -8.30
CA ALA A 21 4.58 -0.77 -8.72
C ALA A 21 4.53 -1.68 -9.96
N ASP A 22 3.67 -2.66 -9.94
CA ASP A 22 3.55 -3.57 -11.11
C ASP A 22 2.41 -4.57 -10.89
N GLY A 23 1.24 -4.07 -10.56
CA GLY A 23 0.09 -4.99 -10.30
C GLY A 23 0.55 -6.07 -9.32
N LYS A 24 1.57 -5.77 -8.55
CA LYS A 24 2.09 -6.75 -7.56
C LYS A 24 2.99 -6.06 -6.55
N SER A 25 2.79 -4.78 -6.34
CA SER A 25 3.64 -4.09 -5.33
C SER A 25 3.20 -2.65 -5.17
N ALA A 26 3.93 -1.87 -4.42
CA ALA A 26 3.53 -0.45 -4.24
C ALA A 26 4.56 0.34 -3.44
N ALA A 27 4.56 1.64 -3.61
CA ALA A 27 5.48 2.48 -2.79
C ALA A 27 4.64 2.91 -1.60
N CYS A 28 5.17 3.51 -0.57
CA CYS A 28 4.25 3.86 0.52
C CYS A 28 4.54 5.22 1.14
N THR A 29 3.90 5.49 2.24
CA THR A 29 4.07 6.79 2.94
C THR A 29 3.93 6.55 4.43
N LEU A 30 4.37 7.48 5.20
CA LEU A 30 4.35 7.32 6.68
C LEU A 30 3.16 8.01 7.32
N LYS A 31 2.63 7.41 8.36
CA LYS A 31 1.46 8.01 9.08
C LYS A 31 1.13 7.15 10.30
N ALA A 32 0.25 7.61 11.14
CA ALA A 32 -0.11 6.83 12.36
C ALA A 32 -0.48 5.39 11.98
N CYS A 33 -0.31 4.46 12.89
CA CYS A 33 -0.65 3.05 12.58
C CYS A 33 -1.88 2.62 13.38
N PRO A 34 -3.02 2.70 12.74
CA PRO A 34 -4.29 2.31 13.38
C PRO A 34 -4.29 0.82 13.75
N ASN A 35 -4.58 0.50 14.98
CA ASN A 35 -4.58 -0.93 15.41
C ASN A 35 -6.01 -1.41 15.63
N GLN A 36 -6.23 -2.70 15.60
CA GLN A 36 -7.60 -3.23 15.81
C GLN A 36 -7.56 -4.51 16.65
N GLU A 1 4.63 -11.63 -0.90
CA GLU A 1 4.41 -10.92 -2.19
C GLU A 1 3.34 -9.84 -2.03
N ILE A 2 3.14 -9.03 -3.03
CA ILE A 2 2.11 -7.96 -2.92
C ILE A 2 1.16 -8.01 -4.10
N SER A 3 0.09 -7.27 -4.02
CA SER A 3 -0.87 -7.22 -5.15
C SER A 3 -2.02 -6.26 -4.85
N CYS A 4 -2.60 -5.70 -5.88
CA CYS A 4 -3.73 -4.74 -5.68
C CYS A 4 -4.01 -4.00 -6.98
N GLU A 5 -5.11 -3.31 -7.05
CA GLU A 5 -5.44 -2.56 -8.30
C GLU A 5 -4.27 -1.65 -8.68
N PRO A 6 -3.53 -2.06 -9.67
CA PRO A 6 -2.36 -1.28 -10.13
C PRO A 6 -2.77 0.08 -10.65
N GLY A 7 -2.26 1.13 -10.08
CA GLY A 7 -2.62 2.51 -10.54
C GLY A 7 -3.46 3.20 -9.48
N LYS A 8 -4.00 2.46 -8.55
CA LYS A 8 -4.84 3.09 -7.50
C LYS A 8 -4.08 3.15 -6.16
N THR A 9 -4.68 3.76 -5.18
CA THR A 9 -4.02 3.87 -3.85
C THR A 9 -4.72 2.95 -2.85
N PHE A 10 -4.08 2.68 -1.73
CA PHE A 10 -4.71 1.79 -0.73
C PHE A 10 -3.97 1.90 0.60
N LYS A 11 -4.22 1.01 1.51
CA LYS A 11 -3.55 1.10 2.84
C LYS A 11 -2.46 0.03 2.95
N ASP A 12 -2.82 -1.22 2.78
CA ASP A 12 -1.81 -2.31 2.88
C ASP A 12 -1.15 -2.31 4.27
N LYS A 13 0.05 -1.78 4.38
CA LYS A 13 0.74 -1.76 5.71
C LYS A 13 -0.13 -1.03 6.73
N CYS A 14 0.48 -0.46 7.74
CA CYS A 14 -0.32 0.26 8.77
C CYS A 14 -0.38 1.76 8.43
N ASN A 15 0.18 2.16 7.32
CA ASN A 15 0.14 3.59 6.95
C ASN A 15 -0.63 3.75 5.64
N THR A 16 -0.03 4.25 4.60
CA THR A 16 -0.82 4.38 3.33
C THR A 16 0.04 4.10 2.11
N CYS A 17 -0.42 3.22 1.27
CA CYS A 17 0.36 2.89 0.05
C CYS A 17 -0.29 3.44 -1.23
N ARG A 18 0.36 3.19 -2.33
CA ARG A 18 -0.15 3.62 -3.66
C ARG A 18 0.14 2.49 -4.64
N CYS A 19 -0.78 1.58 -4.81
CA CYS A 19 -0.54 0.41 -5.70
C CYS A 19 -0.27 0.86 -7.12
N GLY A 20 0.65 0.22 -7.79
CA GLY A 20 0.93 0.63 -9.19
C GLY A 20 2.25 0.02 -9.68
N ALA A 21 3.17 -0.25 -8.80
CA ALA A 21 4.48 -0.83 -9.24
C ALA A 21 4.25 -1.88 -10.34
N ASP A 22 3.45 -2.87 -10.08
CA ASP A 22 3.19 -3.91 -11.13
C ASP A 22 2.14 -4.91 -10.65
N GLY A 23 0.92 -4.47 -10.44
CA GLY A 23 -0.14 -5.40 -9.96
C GLY A 23 0.44 -6.32 -8.89
N LYS A 24 1.43 -5.85 -8.18
CA LYS A 24 2.07 -6.67 -7.12
C LYS A 24 3.02 -5.81 -6.31
N SER A 25 2.78 -4.54 -6.24
CA SER A 25 3.68 -3.69 -5.44
C SER A 25 3.14 -2.27 -5.38
N ALA A 26 3.76 -1.42 -4.62
CA ALA A 26 3.22 -0.03 -4.51
C ALA A 26 4.14 0.83 -3.66
N ALA A 27 4.15 2.12 -3.89
CA ALA A 27 4.98 3.01 -3.03
C ALA A 27 4.14 3.38 -1.84
N CYS A 28 4.69 3.41 -0.67
CA CYS A 28 3.83 3.71 0.49
C CYS A 28 4.35 4.89 1.30
N THR A 29 3.74 5.12 2.43
CA THR A 29 4.16 6.24 3.31
C THR A 29 4.03 5.78 4.75
N LEU A 30 4.70 6.46 5.63
CA LEU A 30 4.68 6.06 7.06
C LEU A 30 3.77 6.96 7.90
N LYS A 31 3.46 6.52 9.07
CA LYS A 31 2.59 7.28 10.00
C LYS A 31 2.18 6.36 11.14
N ALA A 32 1.53 6.86 12.15
CA ALA A 32 1.11 5.99 13.28
C ALA A 32 0.47 4.72 12.73
N CYS A 33 0.52 3.64 13.48
CA CYS A 33 -0.09 2.37 12.99
C CYS A 33 -1.07 1.82 14.02
N PRO A 34 -2.22 1.43 13.55
CA PRO A 34 -3.27 0.88 14.45
C PRO A 34 -2.80 -0.42 15.11
N ASN A 35 -3.55 -0.93 16.05
CA ASN A 35 -3.15 -2.18 16.74
C ASN A 35 -2.61 -3.20 15.72
N GLN A 36 -1.60 -3.94 16.09
CA GLN A 36 -1.04 -4.95 15.14
C GLN A 36 -1.48 -6.35 15.56
N GLU A 1 4.84 -11.11 -0.22
CA GLU A 1 4.48 -10.79 -1.64
C GLU A 1 3.28 -9.84 -1.68
N ILE A 2 3.29 -8.91 -2.59
CA ILE A 2 2.14 -7.96 -2.69
C ILE A 2 1.39 -8.15 -3.99
N SER A 3 0.27 -7.51 -4.11
CA SER A 3 -0.53 -7.62 -5.35
C SER A 3 -1.77 -6.72 -5.25
N CYS A 4 -2.21 -6.17 -6.35
CA CYS A 4 -3.41 -5.28 -6.29
C CYS A 4 -3.60 -4.60 -7.65
N GLU A 5 -4.64 -3.83 -7.77
CA GLU A 5 -4.89 -3.10 -9.05
C GLU A 5 -3.82 -2.02 -9.24
N PRO A 6 -2.94 -2.26 -10.16
CA PRO A 6 -1.84 -1.30 -10.44
C PRO A 6 -2.40 0.04 -10.92
N GLY A 7 -1.87 1.11 -10.40
CA GLY A 7 -2.36 2.45 -10.82
C GLY A 7 -3.26 3.03 -9.73
N LYS A 8 -3.67 2.23 -8.78
CA LYS A 8 -4.56 2.76 -7.71
C LYS A 8 -3.79 2.96 -6.40
N THR A 9 -4.41 3.57 -5.44
CA THR A 9 -3.74 3.80 -4.14
C THR A 9 -4.58 3.20 -3.01
N PHE A 10 -3.98 2.98 -1.88
CA PHE A 10 -4.74 2.39 -0.74
C PHE A 10 -3.95 2.54 0.56
N LYS A 11 -4.31 1.79 1.55
CA LYS A 11 -3.59 1.89 2.85
C LYS A 11 -2.59 0.74 2.98
N ASP A 12 -3.07 -0.47 3.03
CA ASP A 12 -2.14 -1.63 3.17
C ASP A 12 -1.18 -1.38 4.33
N LYS A 13 -0.32 -2.32 4.65
CA LYS A 13 0.62 -2.11 5.79
C LYS A 13 -0.11 -1.43 6.95
N CYS A 14 0.55 -0.57 7.67
CA CYS A 14 -0.13 0.13 8.79
C CYS A 14 -0.16 1.64 8.55
N ASN A 15 0.20 2.08 7.36
CA ASN A 15 0.19 3.54 7.08
C ASN A 15 -0.56 3.82 5.77
N THR A 16 0.10 4.28 4.74
CA THR A 16 -0.65 4.54 3.47
C THR A 16 0.17 4.16 2.25
N CYS A 17 -0.33 3.29 1.44
CA CYS A 17 0.43 2.87 0.23
C CYS A 17 -0.19 3.39 -1.07
N ARG A 18 0.46 3.10 -2.16
CA ARG A 18 -0.03 3.52 -3.49
C ARG A 18 0.25 2.40 -4.48
N CYS A 19 -0.71 1.54 -4.71
CA CYS A 19 -0.49 0.40 -5.64
C CYS A 19 0.24 0.90 -6.89
N GLY A 20 1.28 0.21 -7.30
CA GLY A 20 2.06 0.69 -8.48
C GLY A 20 1.57 0.04 -9.78
N ALA A 21 2.00 0.56 -10.90
CA ALA A 21 1.58 -0.01 -12.22
C ALA A 21 1.71 -1.53 -12.20
N ASP A 22 2.54 -2.05 -11.33
CA ASP A 22 2.69 -3.53 -11.25
C ASP A 22 1.66 -4.09 -10.28
N GLY A 23 1.08 -5.22 -10.58
CA GLY A 23 0.06 -5.80 -9.65
C GLY A 23 0.78 -6.60 -8.56
N LYS A 24 1.81 -6.06 -7.98
CA LYS A 24 2.54 -6.80 -6.91
C LYS A 24 3.30 -5.85 -6.01
N SER A 25 2.96 -4.58 -5.99
CA SER A 25 3.70 -3.68 -5.08
C SER A 25 2.99 -2.33 -4.98
N ALA A 26 3.56 -1.42 -4.26
CA ALA A 26 2.91 -0.08 -4.11
C ALA A 26 3.79 0.84 -3.26
N ALA A 27 4.05 2.04 -3.70
CA ALA A 27 4.89 2.94 -2.86
C ALA A 27 4.10 3.33 -1.63
N CYS A 28 4.68 3.26 -0.48
CA CYS A 28 3.90 3.59 0.74
C CYS A 28 4.56 4.66 1.58
N THR A 29 3.95 4.95 2.70
CA THR A 29 4.50 5.98 3.62
C THR A 29 4.23 5.54 5.04
N LEU A 30 4.84 6.20 5.98
CA LEU A 30 4.68 5.81 7.40
C LEU A 30 3.83 6.82 8.18
N LYS A 31 3.49 6.45 9.38
CA LYS A 31 2.66 7.30 10.27
C LYS A 31 2.06 6.41 11.35
N ALA A 32 1.18 6.91 12.16
CA ALA A 32 0.58 6.04 13.21
C ALA A 32 0.19 4.69 12.61
N CYS A 33 0.19 3.65 13.40
CA CYS A 33 -0.17 2.31 12.86
C CYS A 33 -1.03 1.54 13.87
N PRO A 34 -2.31 1.67 13.71
CA PRO A 34 -3.28 0.99 14.63
C PRO A 34 -3.14 -0.53 14.49
N ASN A 35 -2.98 -1.22 15.59
CA ASN A 35 -2.85 -2.70 15.52
C ASN A 35 -4.18 -3.37 15.87
N GLN A 36 -4.95 -2.76 16.74
CA GLN A 36 -6.25 -3.35 17.13
C GLN A 36 -6.10 -4.86 17.34
N GLU A 1 5.50 -11.26 -1.07
CA GLU A 1 5.40 -10.41 -2.28
C GLU A 1 4.27 -9.38 -2.11
N ILE A 2 3.58 -9.06 -3.17
CA ILE A 2 2.47 -8.07 -3.07
C ILE A 2 1.56 -8.17 -4.28
N SER A 3 0.47 -7.47 -4.24
CA SER A 3 -0.48 -7.45 -5.38
C SER A 3 -1.64 -6.52 -5.06
N CYS A 4 -2.23 -5.90 -6.06
CA CYS A 4 -3.38 -4.98 -5.80
C CYS A 4 -3.74 -4.20 -7.05
N GLU A 5 -4.85 -3.51 -7.01
CA GLU A 5 -5.26 -2.70 -8.19
C GLU A 5 -4.05 -1.96 -8.74
N PRO A 6 -3.50 -2.49 -9.79
CA PRO A 6 -2.30 -1.87 -10.42
C PRO A 6 -2.61 -0.48 -10.96
N GLY A 7 -1.89 0.51 -10.51
CA GLY A 7 -2.13 1.90 -11.00
C GLY A 7 -2.98 2.66 -9.98
N LYS A 8 -3.52 1.96 -9.00
CA LYS A 8 -4.37 2.65 -7.99
C LYS A 8 -3.60 2.79 -6.67
N THR A 9 -4.17 3.51 -5.75
CA THR A 9 -3.50 3.70 -4.44
C THR A 9 -4.35 3.13 -3.30
N PHE A 10 -3.74 2.80 -2.20
CA PHE A 10 -4.52 2.26 -1.05
C PHE A 10 -3.79 2.49 0.26
N LYS A 11 -4.18 1.81 1.29
CA LYS A 11 -3.53 1.98 2.61
C LYS A 11 -2.59 0.80 2.90
N ASP A 12 -3.14 -0.38 2.97
CA ASP A 12 -2.28 -1.58 3.25
C ASP A 12 -1.42 -1.31 4.49
N LYS A 13 -0.69 -2.29 4.94
CA LYS A 13 0.17 -2.08 6.15
C LYS A 13 -0.60 -1.29 7.20
N CYS A 14 0.06 -0.38 7.88
CA CYS A 14 -0.65 0.43 8.91
C CYS A 14 -0.59 1.92 8.55
N ASN A 15 -0.04 2.26 7.42
CA ASN A 15 0.03 3.71 7.05
C ASN A 15 -0.64 3.95 5.69
N THR A 16 0.09 4.33 4.68
CA THR A 16 -0.59 4.57 3.37
C THR A 16 0.27 4.11 2.20
N CYS A 17 -0.25 3.22 1.40
CA CYS A 17 0.55 2.73 0.23
C CYS A 17 -0.08 3.15 -1.09
N ARG A 18 0.58 2.83 -2.17
CA ARG A 18 0.07 3.17 -3.53
C ARG A 18 0.41 2.01 -4.47
N CYS A 19 -0.54 1.19 -4.83
CA CYS A 19 -0.23 0.04 -5.72
C CYS A 19 0.40 0.56 -7.02
N GLY A 20 1.59 0.12 -7.31
CA GLY A 20 2.31 0.60 -8.53
C GLY A 20 1.56 0.16 -9.79
N ALA A 21 1.94 0.70 -10.92
CA ALA A 21 1.27 0.33 -12.20
C ALA A 21 1.13 -1.19 -12.30
N ASP A 22 1.97 -1.91 -11.61
CA ASP A 22 1.89 -3.40 -11.65
C ASP A 22 1.08 -3.89 -10.45
N GLY A 23 0.36 -4.96 -10.62
CA GLY A 23 -0.45 -5.49 -9.48
C GLY A 23 0.41 -6.38 -8.59
N LYS A 24 1.53 -5.88 -8.12
CA LYS A 24 2.40 -6.71 -7.26
C LYS A 24 3.32 -5.84 -6.40
N SER A 25 3.03 -4.59 -6.26
CA SER A 25 3.89 -3.74 -5.41
C SER A 25 3.18 -2.42 -5.13
N ALA A 26 3.79 -1.57 -4.34
CA ALA A 26 3.15 -0.27 -4.04
C ALA A 26 4.06 0.59 -3.16
N ALA A 27 4.27 1.82 -3.50
CA ALA A 27 5.11 2.69 -2.62
C ALA A 27 4.26 3.09 -1.44
N CYS A 28 4.81 3.07 -0.26
CA CYS A 28 3.98 3.44 0.91
C CYS A 28 4.63 4.50 1.77
N THR A 29 3.97 4.84 2.85
CA THR A 29 4.50 5.86 3.76
C THR A 29 4.23 5.42 5.19
N LEU A 30 4.86 6.03 6.13
CA LEU A 30 4.69 5.62 7.54
C LEU A 30 3.96 6.69 8.36
N LYS A 31 3.56 6.31 9.54
CA LYS A 31 2.82 7.24 10.44
C LYS A 31 2.15 6.41 11.53
N ALA A 32 1.36 7.01 12.37
CA ALA A 32 0.67 6.24 13.44
C ALA A 32 0.12 4.92 12.87
N CYS A 33 0.01 3.91 13.69
CA CYS A 33 -0.52 2.61 13.19
C CYS A 33 -1.35 1.94 14.30
N PRO A 34 -2.63 1.89 14.07
CA PRO A 34 -3.56 1.26 15.06
C PRO A 34 -3.25 -0.23 15.21
N ASN A 35 -3.42 -0.76 16.40
CA ASN A 35 -3.14 -2.21 16.61
C ASN A 35 -4.43 -3.02 16.56
N GLN A 36 -5.51 -2.48 17.07
CA GLN A 36 -6.80 -3.23 17.05
C GLN A 36 -6.57 -4.70 17.46
N GLU A 1 4.38 -12.41 -2.58
CA GLU A 1 4.94 -11.03 -2.45
C GLU A 1 3.81 -10.01 -2.29
N ILE A 2 3.95 -8.86 -2.90
CA ILE A 2 2.88 -7.83 -2.78
C ILE A 2 1.88 -7.96 -3.92
N SER A 3 0.81 -7.23 -3.84
CA SER A 3 -0.21 -7.24 -4.91
C SER A 3 -1.33 -6.26 -4.59
N CYS A 4 -1.96 -5.71 -5.58
CA CYS A 4 -3.06 -4.73 -5.31
C CYS A 4 -3.54 -4.11 -6.62
N GLU A 5 -4.48 -3.20 -6.55
CA GLU A 5 -4.98 -2.54 -7.79
C GLU A 5 -3.87 -1.68 -8.39
N PRO A 6 -3.33 -2.14 -9.49
CA PRO A 6 -2.23 -1.42 -10.17
C PRO A 6 -2.67 -0.04 -10.67
N GLY A 7 -2.00 0.99 -10.24
CA GLY A 7 -2.36 2.35 -10.72
C GLY A 7 -3.09 3.13 -9.62
N LYS A 8 -3.71 2.46 -8.69
CA LYS A 8 -4.44 3.19 -7.62
C LYS A 8 -3.67 3.17 -6.29
N THR A 9 -4.20 3.85 -5.32
CA THR A 9 -3.54 3.88 -3.98
C THR A 9 -4.33 3.00 -3.00
N PHE A 10 -3.81 2.79 -1.83
CA PHE A 10 -4.53 1.94 -0.86
C PHE A 10 -3.86 2.04 0.50
N LYS A 11 -4.19 1.15 1.40
CA LYS A 11 -3.58 1.22 2.76
C LYS A 11 -2.60 0.06 2.94
N ASP A 12 -3.04 -1.14 2.74
CA ASP A 12 -2.14 -2.32 2.91
C ASP A 12 -1.56 -2.34 4.34
N LYS A 13 -0.33 -1.92 4.52
CA LYS A 13 0.25 -1.92 5.88
C LYS A 13 -0.62 -1.10 6.84
N CYS A 14 -0.07 -0.64 7.93
CA CYS A 14 -0.88 0.16 8.88
C CYS A 14 -0.80 1.65 8.52
N ASN A 15 -0.18 1.99 7.42
CA ASN A 15 -0.09 3.42 7.04
C ASN A 15 -0.76 3.61 5.68
N THR A 16 -0.05 4.06 4.68
CA THR A 16 -0.74 4.25 3.36
C THR A 16 0.17 3.93 2.19
N CYS A 17 -0.28 3.08 1.32
CA CYS A 17 0.55 2.72 0.14
C CYS A 17 0.01 3.29 -1.17
N ARG A 18 0.71 3.02 -2.23
CA ARG A 18 0.29 3.49 -3.58
C ARG A 18 0.61 2.36 -4.57
N CYS A 19 -0.34 1.50 -4.83
CA CYS A 19 -0.07 0.35 -5.75
C CYS A 19 0.45 0.86 -7.09
N GLY A 20 1.52 0.28 -7.56
CA GLY A 20 2.12 0.74 -8.85
C GLY A 20 1.41 0.13 -10.05
N ALA A 21 1.76 0.57 -11.23
CA ALA A 21 1.12 0.04 -12.47
C ALA A 21 1.04 -1.49 -12.42
N ASP A 22 1.89 -2.10 -11.65
CA ASP A 22 1.85 -3.59 -11.56
C ASP A 22 1.09 -4.01 -10.29
N GLY A 23 0.35 -5.07 -10.35
CA GLY A 23 -0.41 -5.52 -9.15
C GLY A 23 0.49 -6.38 -8.26
N LYS A 24 1.64 -5.87 -7.90
CA LYS A 24 2.56 -6.66 -7.03
C LYS A 24 3.53 -5.75 -6.30
N SER A 25 3.27 -4.48 -6.25
CA SER A 25 4.20 -3.59 -5.50
C SER A 25 3.53 -2.24 -5.30
N ALA A 26 4.11 -1.41 -4.49
CA ALA A 26 3.48 -0.07 -4.25
C ALA A 26 4.34 0.78 -3.34
N ALA A 27 4.48 2.05 -3.62
CA ALA A 27 5.26 2.91 -2.70
C ALA A 27 4.36 3.24 -1.52
N CYS A 28 4.87 3.19 -0.33
CA CYS A 28 3.98 3.45 0.82
C CYS A 28 4.54 4.53 1.75
N THR A 29 3.85 4.74 2.83
CA THR A 29 4.27 5.75 3.83
C THR A 29 4.09 5.14 5.21
N LEU A 30 4.78 5.66 6.19
CA LEU A 30 4.68 5.09 7.55
C LEU A 30 4.15 6.10 8.57
N LYS A 31 2.98 6.61 8.37
CA LYS A 31 2.41 7.56 9.37
C LYS A 31 2.03 6.80 10.64
N ALA A 32 1.20 7.36 11.45
CA ALA A 32 0.79 6.63 12.69
C ALA A 32 -0.02 5.38 12.29
N CYS A 33 0.06 4.34 13.08
CA CYS A 33 -0.70 3.10 12.75
C CYS A 33 -1.73 2.80 13.85
N PRO A 34 -2.97 2.75 13.45
CA PRO A 34 -4.08 2.47 14.40
C PRO A 34 -3.92 1.08 15.03
N ASN A 35 -4.43 0.90 16.21
CA ASN A 35 -4.32 -0.43 16.88
C ASN A 35 -5.51 -0.66 17.81
N GLN A 36 -5.29 -1.25 18.95
CA GLN A 36 -6.42 -1.49 19.89
C GLN A 36 -7.55 -2.23 19.18
N GLU A 1 5.07 -11.47 -3.35
CA GLU A 1 5.34 -10.47 -2.27
C GLU A 1 4.15 -9.53 -2.12
N ILE A 2 3.59 -9.08 -3.21
CA ILE A 2 2.43 -8.15 -3.13
C ILE A 2 1.56 -8.27 -4.38
N SER A 3 0.43 -7.64 -4.35
CA SER A 3 -0.47 -7.63 -5.52
C SER A 3 -1.68 -6.74 -5.22
N CYS A 4 -2.05 -5.90 -6.14
CA CYS A 4 -3.21 -5.00 -5.89
C CYS A 4 -3.64 -4.31 -7.19
N GLU A 5 -4.67 -3.52 -7.12
CA GLU A 5 -5.13 -2.81 -8.34
C GLU A 5 -3.97 -1.95 -8.85
N PRO A 6 -3.40 -2.38 -9.94
CA PRO A 6 -2.24 -1.66 -10.54
C PRO A 6 -2.63 -0.24 -10.96
N GLY A 7 -1.86 0.73 -10.54
CA GLY A 7 -2.18 2.14 -10.92
C GLY A 7 -3.08 2.74 -9.85
N LYS A 8 -3.50 1.96 -8.89
CA LYS A 8 -4.41 2.51 -7.83
C LYS A 8 -3.65 2.71 -6.51
N THR A 9 -4.27 3.35 -5.58
CA THR A 9 -3.62 3.59 -4.26
C THR A 9 -4.51 3.07 -3.14
N PHE A 10 -3.93 2.72 -2.03
CA PHE A 10 -4.75 2.23 -0.89
C PHE A 10 -4.00 2.42 0.42
N LYS A 11 -4.42 1.75 1.45
CA LYS A 11 -3.74 1.90 2.76
C LYS A 11 -2.76 0.74 3.00
N ASP A 12 -3.26 -0.46 3.13
CA ASP A 12 -2.36 -1.61 3.37
C ASP A 12 -1.49 -1.33 4.59
N LYS A 13 -0.81 -2.32 5.11
CA LYS A 13 0.05 -2.08 6.30
C LYS A 13 -0.71 -1.23 7.32
N CYS A 14 -0.03 -0.34 8.00
CA CYS A 14 -0.73 0.52 8.99
C CYS A 14 -0.63 2.00 8.61
N ASN A 15 -0.13 2.30 7.43
CA ASN A 15 -0.01 3.72 7.03
C ASN A 15 -0.71 3.94 5.69
N THR A 16 0.00 4.32 4.65
CA THR A 16 -0.70 4.54 3.35
C THR A 16 0.15 4.08 2.17
N CYS A 17 -0.36 3.19 1.37
CA CYS A 17 0.43 2.72 0.21
C CYS A 17 -0.17 3.18 -1.12
N ARG A 18 0.51 2.88 -2.18
CA ARG A 18 0.03 3.24 -3.54
C ARG A 18 0.39 2.10 -4.51
N CYS A 19 -0.54 1.22 -4.78
CA CYS A 19 -0.21 0.09 -5.70
C CYS A 19 0.58 0.60 -6.91
N GLY A 20 1.77 0.10 -7.10
CA GLY A 20 2.62 0.58 -8.23
C GLY A 20 2.03 0.13 -9.57
N ALA A 21 2.69 0.46 -10.65
CA ALA A 21 2.19 0.06 -12.00
C ALA A 21 1.68 -1.39 -11.96
N ASP A 22 2.56 -2.33 -12.12
CA ASP A 22 2.12 -3.76 -12.09
C ASP A 22 1.36 -4.05 -10.80
N GLY A 23 0.47 -5.01 -10.81
CA GLY A 23 -0.30 -5.33 -9.58
C GLY A 23 0.53 -6.27 -8.69
N LYS A 24 1.61 -5.80 -8.15
CA LYS A 24 2.45 -6.66 -7.27
C LYS A 24 3.29 -5.80 -6.34
N SER A 25 2.92 -4.58 -6.15
CA SER A 25 3.69 -3.72 -5.23
C SER A 25 2.92 -2.43 -4.97
N ALA A 26 3.50 -1.53 -4.23
CA ALA A 26 2.80 -0.24 -3.95
C ALA A 26 3.69 0.66 -3.10
N ALA A 27 4.11 1.79 -3.62
CA ALA A 27 4.95 2.68 -2.77
C ALA A 27 4.13 3.11 -1.57
N CYS A 28 4.68 3.06 -0.41
CA CYS A 28 3.88 3.43 0.78
C CYS A 28 4.50 4.54 1.60
N THR A 29 3.88 4.84 2.70
CA THR A 29 4.39 5.90 3.60
C THR A 29 4.16 5.44 5.04
N LEU A 30 4.82 6.07 5.96
CA LEU A 30 4.69 5.66 7.37
C LEU A 30 3.97 6.72 8.21
N LYS A 31 3.57 6.33 9.38
CA LYS A 31 2.85 7.25 10.30
C LYS A 31 2.31 6.42 11.47
N ALA A 32 1.71 7.05 12.45
CA ALA A 32 1.17 6.27 13.60
C ALA A 32 0.42 5.05 13.08
N CYS A 33 0.40 3.99 13.84
CA CYS A 33 -0.31 2.76 13.38
C CYS A 33 -1.16 2.21 14.54
N PRO A 34 -2.40 1.92 14.23
CA PRO A 34 -3.34 1.37 15.25
C PRO A 34 -2.85 0.01 15.77
N ASN A 35 -3.48 -0.49 16.79
CA ASN A 35 -3.06 -1.81 17.36
C ASN A 35 -4.04 -2.90 16.93
N GLN A 36 -4.31 -3.84 17.78
CA GLN A 36 -5.26 -4.94 17.42
C GLN A 36 -6.62 -4.35 17.05
N GLU A 1 3.69 -9.56 -0.65
CA GLU A 1 3.59 -8.10 -0.32
C GLU A 1 2.30 -7.52 -0.90
N ILE A 2 2.23 -7.41 -2.20
CA ILE A 2 1.00 -6.85 -2.84
C ILE A 2 0.69 -7.56 -4.15
N SER A 3 -0.45 -7.28 -4.70
CA SER A 3 -0.83 -7.91 -6.00
C SER A 3 -2.16 -7.34 -6.48
N CYS A 4 -2.40 -6.14 -6.11
CA CYS A 4 -3.67 -5.46 -6.48
C CYS A 4 -3.60 -4.90 -7.90
N GLU A 5 -4.61 -4.17 -8.27
CA GLU A 5 -4.63 -3.54 -9.62
C GLU A 5 -3.62 -2.39 -9.65
N PRO A 6 -2.67 -2.52 -10.51
CA PRO A 6 -1.61 -1.49 -10.62
C PRO A 6 -2.21 -0.15 -11.04
N GLY A 7 -1.83 0.91 -10.37
CA GLY A 7 -2.37 2.24 -10.70
C GLY A 7 -3.31 2.70 -9.58
N LYS A 8 -3.65 1.83 -8.67
CA LYS A 8 -4.56 2.24 -7.56
C LYS A 8 -3.79 2.47 -6.26
N THR A 9 -4.45 2.99 -5.28
CA THR A 9 -3.78 3.24 -3.97
C THR A 9 -4.66 2.71 -2.84
N PHE A 10 -4.09 2.52 -1.68
CA PHE A 10 -4.90 2.00 -0.55
C PHE A 10 -4.15 2.16 0.76
N LYS A 11 -4.56 1.45 1.77
CA LYS A 11 -3.88 1.56 3.09
C LYS A 11 -2.77 0.52 3.21
N ASP A 12 -3.13 -0.73 3.38
CA ASP A 12 -2.09 -1.79 3.50
C ASP A 12 -1.12 -1.43 4.63
N LYS A 13 -0.28 -2.34 5.04
CA LYS A 13 0.67 -2.02 6.15
C LYS A 13 -0.06 -1.27 7.26
N CYS A 14 0.63 -0.43 7.98
CA CYS A 14 -0.04 0.33 9.08
C CYS A 14 -0.12 1.82 8.73
N ASN A 15 0.28 2.20 7.54
CA ASN A 15 0.21 3.64 7.17
C ASN A 15 -0.59 3.82 5.88
N THR A 16 0.03 4.25 4.81
CA THR A 16 -0.77 4.41 3.55
C THR A 16 0.05 4.02 2.34
N CYS A 17 -0.44 3.11 1.54
CA CYS A 17 0.35 2.68 0.35
C CYS A 17 -0.28 3.15 -0.96
N ARG A 18 0.38 2.84 -2.03
CA ARG A 18 -0.12 3.21 -3.38
C ARG A 18 0.21 2.09 -4.37
N CYS A 19 -0.71 1.19 -4.60
CA CYS A 19 -0.45 0.08 -5.55
C CYS A 19 0.28 0.62 -6.78
N GLY A 20 1.50 0.19 -7.00
CA GLY A 20 2.30 0.71 -8.15
C GLY A 20 1.82 0.10 -9.47
N ALA A 21 2.63 0.22 -10.50
CA ALA A 21 2.25 -0.32 -11.83
C ALA A 21 2.73 -1.76 -11.99
N ASP A 22 3.65 -2.18 -11.17
CA ASP A 22 4.18 -3.57 -11.28
C ASP A 22 3.04 -4.60 -11.24
N GLY A 23 1.87 -4.20 -10.82
CA GLY A 23 0.73 -5.17 -10.77
C GLY A 23 0.67 -5.83 -9.41
N LYS A 24 1.74 -5.82 -8.68
CA LYS A 24 1.72 -6.45 -7.34
C LYS A 24 2.66 -5.76 -6.39
N SER A 25 2.51 -4.48 -6.26
CA SER A 25 3.35 -3.74 -5.32
C SER A 25 2.67 -2.42 -4.99
N ALA A 26 3.31 -1.56 -4.23
CA ALA A 26 2.67 -0.26 -3.89
C ALA A 26 3.61 0.60 -3.07
N ALA A 27 3.99 1.76 -3.55
CA ALA A 27 4.88 2.62 -2.72
C ALA A 27 4.07 3.08 -1.52
N CYS A 28 4.65 3.11 -0.36
CA CYS A 28 3.82 3.49 0.80
C CYS A 28 4.36 4.70 1.55
N THR A 29 3.75 5.01 2.65
CA THR A 29 4.17 6.14 3.49
C THR A 29 4.09 5.71 4.94
N LEU A 30 4.77 6.40 5.80
CA LEU A 30 4.76 6.01 7.23
C LEU A 30 3.98 7.01 8.09
N LYS A 31 3.69 6.60 9.29
CA LYS A 31 2.91 7.45 10.23
C LYS A 31 2.44 6.58 11.39
N ALA A 32 1.69 7.12 12.31
CA ALA A 32 1.21 6.29 13.45
C ALA A 32 0.70 4.93 12.94
N CYS A 33 0.80 3.91 13.74
CA CYS A 33 0.33 2.58 13.31
C CYS A 33 -0.37 1.87 14.47
N PRO A 34 -1.67 2.04 14.52
CA PRO A 34 -2.48 1.42 15.60
C PRO A 34 -2.42 -0.10 15.52
N ASN A 35 -2.06 -0.75 16.60
CA ASN A 35 -1.98 -2.24 16.59
C ASN A 35 -3.32 -2.84 17.02
N GLN A 36 -4.35 -2.03 17.11
CA GLN A 36 -5.68 -2.56 17.53
C GLN A 36 -6.28 -3.41 16.40
N GLU A 1 5.11 -11.58 -4.03
CA GLU A 1 5.41 -10.70 -2.86
C GLU A 1 4.24 -9.73 -2.61
N ILE A 2 3.73 -9.14 -3.65
CA ILE A 2 2.58 -8.19 -3.47
C ILE A 2 1.65 -8.26 -4.67
N SER A 3 0.52 -7.61 -4.56
CA SER A 3 -0.44 -7.56 -5.68
C SER A 3 -1.63 -6.68 -5.28
N CYS A 4 -2.15 -5.89 -6.18
CA CYS A 4 -3.30 -5.02 -5.82
C CYS A 4 -3.71 -4.14 -6.99
N GLU A 5 -4.77 -3.39 -6.82
CA GLU A 5 -5.24 -2.49 -7.91
C GLU A 5 -4.02 -1.78 -8.51
N PRO A 6 -3.59 -2.28 -9.64
CA PRO A 6 -2.41 -1.71 -10.32
C PRO A 6 -2.66 -0.26 -10.76
N GLY A 7 -1.86 0.65 -10.30
CA GLY A 7 -2.04 2.08 -10.68
C GLY A 7 -2.86 2.81 -9.63
N LYS A 8 -3.42 2.10 -8.69
CA LYS A 8 -4.24 2.78 -7.64
C LYS A 8 -3.49 2.83 -6.31
N THR A 9 -4.12 3.38 -5.32
CA THR A 9 -3.47 3.49 -3.99
C THR A 9 -4.33 2.83 -2.91
N PHE A 10 -3.76 2.56 -1.78
CA PHE A 10 -4.53 1.93 -0.68
C PHE A 10 -3.81 2.12 0.65
N LYS A 11 -4.20 1.37 1.64
CA LYS A 11 -3.57 1.48 2.98
C LYS A 11 -2.65 0.30 3.22
N ASP A 12 -3.14 -0.90 3.03
CA ASP A 12 -2.30 -2.11 3.24
C ASP A 12 -1.73 -2.12 4.67
N LYS A 13 -0.49 -1.74 4.84
CA LYS A 13 0.10 -1.75 6.21
C LYS A 13 -0.73 -0.86 7.15
N CYS A 14 -0.14 -0.36 8.21
CA CYS A 14 -0.90 0.50 9.15
C CYS A 14 -0.80 1.97 8.73
N ASN A 15 -0.15 2.24 7.62
CA ASN A 15 -0.03 3.66 7.19
C ASN A 15 -0.67 3.83 5.81
N THR A 16 0.07 4.19 4.80
CA THR A 16 -0.61 4.35 3.47
C THR A 16 0.28 3.91 2.32
N CYS A 17 -0.18 2.99 1.53
CA CYS A 17 0.63 2.53 0.38
C CYS A 17 0.03 2.98 -0.96
N ARG A 18 0.70 2.67 -2.03
CA ARG A 18 0.22 3.05 -3.38
C ARG A 18 0.53 1.92 -4.36
N CYS A 19 -0.43 1.08 -4.66
CA CYS A 19 -0.13 -0.06 -5.60
C CYS A 19 0.51 0.49 -6.87
N GLY A 20 1.74 0.12 -7.13
CA GLY A 20 2.46 0.64 -8.33
C GLY A 20 1.73 0.22 -9.61
N ALA A 21 2.22 0.68 -10.74
CA ALA A 21 1.58 0.32 -12.04
C ALA A 21 1.19 -1.16 -12.03
N ASP A 22 2.12 -2.04 -12.28
CA ASP A 22 1.77 -3.49 -12.27
C ASP A 22 1.13 -3.85 -10.92
N GLY A 23 0.20 -4.76 -10.92
CA GLY A 23 -0.47 -5.14 -9.64
C GLY A 23 0.41 -6.12 -8.87
N LYS A 24 1.50 -5.66 -8.32
CA LYS A 24 2.39 -6.58 -7.55
C LYS A 24 3.32 -5.79 -6.64
N SER A 25 3.01 -4.57 -6.35
CA SER A 25 3.89 -3.80 -5.44
C SER A 25 3.22 -2.48 -5.08
N ALA A 26 3.84 -1.67 -4.29
CA ALA A 26 3.21 -0.37 -3.93
C ALA A 26 4.14 0.46 -3.04
N ALA A 27 4.36 1.71 -3.37
CA ALA A 27 5.21 2.54 -2.48
C ALA A 27 4.36 2.96 -1.29
N CYS A 28 4.91 2.96 -0.12
CA CYS A 28 4.05 3.31 1.04
C CYS A 28 4.64 4.42 1.89
N THR A 29 3.95 4.75 2.95
CA THR A 29 4.42 5.80 3.87
C THR A 29 4.21 5.31 5.29
N LEU A 30 4.89 5.90 6.23
CA LEU A 30 4.78 5.44 7.64
C LEU A 30 4.15 6.49 8.55
N LYS A 31 2.90 6.81 8.34
CA LYS A 31 2.23 7.80 9.23
C LYS A 31 1.94 7.13 10.57
N ALA A 32 1.06 7.67 11.35
CA ALA A 32 0.73 7.03 12.64
C ALA A 32 -0.08 5.76 12.40
N CYS A 33 0.10 4.77 13.23
CA CYS A 33 -0.67 3.50 13.06
C CYS A 33 -1.54 3.24 14.30
N PRO A 34 -2.80 3.53 14.17
CA PRO A 34 -3.76 3.33 15.29
C PRO A 34 -3.85 1.86 15.68
N ASN A 35 -4.27 1.59 16.89
CA ASN A 35 -4.39 0.17 17.35
C ASN A 35 -5.85 -0.15 17.71
N GLN A 36 -6.30 -1.32 17.40
CA GLN A 36 -7.71 -1.69 17.73
C GLN A 36 -8.06 -1.22 19.14
#